data_2DRW
#
_entry.id   2DRW
#
_cell.length_a   77.205
_cell.length_b   123.219
_cell.length_c   115.706
_cell.angle_alpha   90.00
_cell.angle_beta   104.36
_cell.angle_gamma   90.00
#
_symmetry.space_group_name_H-M   'P 1 21 1'
#
loop_
_entity.id
_entity.type
_entity.pdbx_description
1 polymer 'D-Amino acid amidase'
2 non-polymer 'BARIUM ION'
3 water water
#
_entity_poly.entity_id   1
_entity_poly.type   'polypeptide(L)'
_entity_poly.pdbx_seq_one_letter_code
;MSDLNNAIQGILDDHVARGVVGVSLALCLPGEETSLYQSGYADKFNKMPMTGDHLFRIASCTKSFIATGLHLLVQDGTVD
LDEPITRWFPDLPKAAQMPVRILLNHRSGLPDFETSMPMISDKSWTAQEIVDFSFRHGVQKEPWHGMEYSNTGYVLAGMI
IAHETGKPYSDHLRSRIFAPLGMKDTWVGTHETFPIEREARGYMHAAADDENPQWDVSGAGDPVDGVWDSTEWFPLSGAN
AAGDMVSTPRDIVKFLNALFDGRILDQKRLWEMKDNIKPAFFPGSNTVANGHGLLLMRYGSSELKGHLGQIPGHTSIMGR
DEETGAALMLIQNSGAGDFESFYLKGVNEPVDRVLEAIKNSRS
;
_entity_poly.pdbx_strand_id   A,B,C,D,E,F
#
loop_
_chem_comp.id
_chem_comp.type
_chem_comp.name
_chem_comp.formula
BA non-polymer 'BARIUM ION' 'Ba 2'
#
# COMPACT_ATOMS: atom_id res chain seq x y z
N SER A 2 -17.74 14.18 25.48
CA SER A 2 -17.09 12.88 25.85
C SER A 2 -15.91 12.60 24.92
N ASP A 3 -15.12 11.59 25.25
CA ASP A 3 -14.06 11.10 24.35
C ASP A 3 -14.66 10.58 23.03
N LEU A 4 -15.81 9.92 23.10
CA LEU A 4 -16.46 9.39 21.89
C LEU A 4 -16.86 10.50 20.91
N ASN A 5 -17.57 11.51 21.42
CA ASN A 5 -17.93 12.72 20.66
C ASN A 5 -16.78 13.29 19.86
N ASN A 6 -15.66 13.50 20.54
CA ASN A 6 -14.47 14.06 19.93
C ASN A 6 -13.83 13.13 18.89
N ALA A 7 -13.79 11.84 19.20
CA ALA A 7 -13.33 10.83 18.25
C ALA A 7 -14.15 10.83 16.94
N ILE A 8 -15.47 10.85 17.09
CA ILE A 8 -16.39 10.81 15.94
C ILE A 8 -16.27 12.10 15.13
N GLN A 9 -16.28 13.26 15.79
CA GLN A 9 -16.09 14.54 15.10
C GLN A 9 -14.78 14.57 14.34
N GLY A 10 -13.72 14.03 14.95
CA GLY A 10 -12.42 13.93 14.29
C GLY A 10 -12.47 13.05 13.05
N ILE A 11 -13.20 11.95 13.13
CA ILE A 11 -13.37 11.04 11.99
C ILE A 11 -14.04 11.77 10.81
N LEU A 12 -15.08 12.55 11.11
CA LEU A 12 -15.80 13.28 10.09
C LEU A 12 -14.96 14.40 9.50
N ASP A 13 -14.23 15.11 10.38
CA ASP A 13 -13.31 16.15 9.92
C ASP A 13 -12.21 15.58 9.03
N ASP A 14 -11.64 14.44 9.41
CA ASP A 14 -10.63 13.78 8.59
C ASP A 14 -11.15 13.43 7.19
N HIS A 15 -12.42 12.98 7.12
CA HIS A 15 -13.04 12.53 5.85
C HIS A 15 -13.29 13.70 4.90
N VAL A 16 -13.85 14.80 5.39
CA VAL A 16 -14.01 16.00 4.56
C VAL A 16 -12.65 16.58 4.12
N ALA A 17 -11.65 16.47 5.00
CA ALA A 17 -10.28 16.88 4.66
C ALA A 17 -9.66 16.00 3.56
N ARG A 18 -10.28 14.86 3.26
CA ARG A 18 -9.88 14.04 2.12
C ARG A 18 -10.36 14.65 0.82
N GLY A 19 -11.29 15.59 0.92
CA GLY A 19 -11.88 16.25 -0.24
C GLY A 19 -13.37 16.01 -0.39
N VAL A 20 -14.00 15.40 0.61
CA VAL A 20 -15.46 15.28 0.66
C VAL A 20 -16.04 16.64 1.07
N VAL A 21 -17.09 17.11 0.39
CA VAL A 21 -17.61 18.47 0.61
C VAL A 21 -18.20 18.62 1.99
N GLY A 22 -19.02 17.66 2.40
CA GLY A 22 -19.64 17.71 3.69
C GLY A 22 -20.17 16.35 4.09
N VAL A 23 -20.50 16.22 5.36
CA VAL A 23 -21.01 14.97 5.89
C VAL A 23 -21.94 15.24 7.07
N SER A 24 -23.02 14.49 7.12
CA SER A 24 -24.01 14.58 8.17
C SER A 24 -24.26 13.17 8.70
N LEU A 25 -24.12 13.00 10.02
CA LEU A 25 -24.30 11.72 10.72
C LEU A 25 -25.30 11.85 11.87
N ALA A 26 -26.18 10.86 12.00
CA ALA A 26 -26.93 10.66 13.22
C ALA A 26 -26.53 9.28 13.76
N LEU A 27 -26.27 9.23 15.07
CA LEU A 27 -25.89 8.00 15.75
C LEU A 27 -26.67 7.87 17.05
N CYS A 28 -27.45 6.79 17.16
CA CYS A 28 -28.07 6.48 18.41
C CYS A 28 -27.47 5.23 19.03
N LEU A 29 -27.11 5.35 20.30
CA LEU A 29 -26.52 4.26 21.05
C LEU A 29 -27.46 3.78 22.14
N PRO A 30 -27.39 2.48 22.51
CA PRO A 30 -28.29 1.98 23.55
C PRO A 30 -28.24 2.86 24.81
N GLY A 31 -29.41 3.19 25.35
CA GLY A 31 -29.48 3.95 26.61
C GLY A 31 -29.28 5.45 26.46
N GLU A 32 -29.13 5.91 25.21
CA GLU A 32 -28.83 7.31 24.89
C GLU A 32 -29.81 7.85 23.85
N GLU A 33 -29.92 9.18 23.84
CA GLU A 33 -30.55 9.94 22.76
C GLU A 33 -29.71 9.86 21.49
N THR A 34 -30.32 10.15 20.34
CA THR A 34 -29.60 10.29 19.08
C THR A 34 -28.72 11.52 19.13
N SER A 35 -27.44 11.33 18.81
CA SER A 35 -26.47 12.41 18.64
C SER A 35 -26.25 12.69 17.16
N LEU A 36 -26.20 13.98 16.80
CA LEU A 36 -25.95 14.42 15.43
C LEU A 36 -24.57 15.06 15.31
N TYR A 37 -23.91 14.78 14.19
CA TYR A 37 -22.58 15.28 13.95
C TYR A 37 -22.52 15.72 12.50
N GLN A 38 -21.92 16.88 12.24
CA GLN A 38 -21.67 17.30 10.86
C GLN A 38 -20.27 17.85 10.72
N SER A 39 -19.78 17.84 9.48
CA SER A 39 -18.50 18.45 9.14
C SER A 39 -18.58 18.94 7.69
N GLY A 40 -17.79 19.95 7.37
CA GLY A 40 -17.76 20.48 6.00
C GLY A 40 -19.01 21.26 5.65
N TYR A 41 -19.36 21.27 4.37
CA TYR A 41 -20.37 22.19 3.85
C TYR A 41 -21.59 21.55 3.21
N ALA A 42 -22.76 22.16 3.40
CA ALA A 42 -23.96 21.79 2.67
C ALA A 42 -23.99 22.40 1.27
N ASP A 43 -23.32 23.55 1.14
CA ASP A 43 -23.25 24.31 -0.11
C ASP A 43 -21.80 24.74 -0.30
N LYS A 44 -21.12 24.15 -1.27
CA LYS A 44 -19.68 24.36 -1.46
C LYS A 44 -19.37 25.82 -1.83
N PHE A 45 -20.18 26.39 -2.70
CA PHE A 45 -19.89 27.70 -3.26
C PHE A 45 -20.32 28.88 -2.39
N ASN A 46 -21.43 28.72 -1.66
CA ASN A 46 -21.87 29.70 -0.67
C ASN A 46 -21.20 29.51 0.70
N LYS A 47 -20.41 28.45 0.82
CA LYS A 47 -19.79 28.04 2.09
C LYS A 47 -20.77 28.00 3.27
N MET A 48 -21.95 27.44 3.02
CA MET A 48 -22.91 27.20 4.10
C MET A 48 -22.50 25.93 4.87
N PRO A 49 -22.33 26.05 6.20
CA PRO A 49 -22.03 24.89 7.06
C PRO A 49 -23.11 23.81 6.99
N MET A 50 -22.68 22.55 6.95
CA MET A 50 -23.61 21.43 7.02
C MET A 50 -24.22 21.41 8.42
N THR A 51 -25.53 21.23 8.51
CA THR A 51 -26.21 21.04 9.79
C THR A 51 -27.00 19.72 9.81
N GLY A 52 -27.47 19.32 10.99
CA GLY A 52 -28.31 18.13 11.14
C GLY A 52 -29.72 18.31 10.59
N ASP A 53 -30.00 19.52 10.14
CA ASP A 53 -31.29 19.84 9.54
C ASP A 53 -31.29 19.80 8.02
N HIS A 54 -30.11 19.78 7.40
CA HIS A 54 -30.03 19.64 5.94
C HIS A 54 -30.66 18.32 5.43
N LEU A 55 -31.44 18.45 4.37
CA LEU A 55 -32.11 17.30 3.75
C LEU A 55 -31.19 16.66 2.74
N PHE A 56 -31.37 15.35 2.55
CA PHE A 56 -30.61 14.60 1.56
C PHE A 56 -31.51 13.64 0.77
N ARG A 57 -31.11 13.37 -0.46
CA ARG A 57 -31.68 12.27 -1.21
C ARG A 57 -31.02 10.97 -0.67
N ILE A 58 -31.83 10.11 -0.06
CA ILE A 58 -31.32 8.86 0.56
C ILE A 58 -31.18 7.70 -0.44
N ALA A 59 -31.57 7.95 -1.69
CA ALA A 59 -31.32 7.03 -2.79
C ALA A 59 -31.88 5.65 -2.42
N SER A 60 -31.12 4.58 -2.62
CA SER A 60 -31.57 3.22 -2.32
C SER A 60 -31.93 2.88 -0.86
N CYS A 61 -31.60 3.75 0.09
CA CYS A 61 -32.11 3.57 1.46
C CYS A 61 -33.65 3.58 1.46
N THR A 62 -34.22 4.20 0.42
CA THR A 62 -35.66 4.15 0.13
C THR A 62 -36.18 2.71 0.13
N LYS A 63 -35.37 1.79 -0.36
CA LYS A 63 -35.74 0.39 -0.52
C LYS A 63 -36.17 -0.25 0.81
N SER A 64 -35.56 0.18 1.91
CA SER A 64 -35.91 -0.35 3.22
C SER A 64 -37.33 0.08 3.62
N PHE A 65 -37.71 1.31 3.27
CA PHE A 65 -39.06 1.84 3.54
C PHE A 65 -40.15 1.17 2.66
N ILE A 66 -39.82 0.94 1.39
CA ILE A 66 -40.74 0.26 0.45
C ILE A 66 -40.96 -1.20 0.85
N ALA A 67 -39.89 -1.90 1.20
CA ALA A 67 -39.98 -3.21 1.82
C ALA A 67 -40.89 -3.20 3.05
N THR A 68 -40.67 -2.24 3.96
CA THR A 68 -41.50 -2.08 5.17
C THR A 68 -42.97 -1.91 4.79
N GLY A 69 -43.22 -1.08 3.79
CA GLY A 69 -44.57 -0.83 3.32
C GLY A 69 -45.21 -2.13 2.86
N LEU A 70 -44.46 -2.91 2.08
CA LEU A 70 -44.97 -4.16 1.56
C LEU A 70 -45.24 -5.16 2.68
N HIS A 71 -44.28 -5.32 3.58
CA HIS A 71 -44.41 -6.22 4.72
C HIS A 71 -45.59 -5.86 5.62
N LEU A 72 -45.88 -4.56 5.74
CA LEU A 72 -47.10 -4.09 6.40
C LEU A 72 -48.40 -4.55 5.71
N LEU A 73 -48.41 -4.60 4.37
CA LEU A 73 -49.58 -5.08 3.63
C LEU A 73 -49.74 -6.60 3.74
N VAL A 74 -48.64 -7.27 4.04
CA VAL A 74 -48.64 -8.67 4.38
C VAL A 74 -49.31 -8.82 5.75
N GLN A 75 -48.91 -7.96 6.68
CA GLN A 75 -49.54 -7.90 8.01
C GLN A 75 -51.03 -7.64 7.92
N ASP A 76 -51.44 -6.74 7.02
CA ASP A 76 -52.87 -6.48 6.81
C ASP A 76 -53.64 -7.69 6.23
N GLY A 77 -52.89 -8.69 5.75
CA GLY A 77 -53.46 -9.95 5.25
C GLY A 77 -53.82 -9.93 3.77
N THR A 78 -53.46 -8.86 3.07
CA THR A 78 -53.83 -8.72 1.67
C THR A 78 -52.74 -9.18 0.69
N VAL A 79 -51.52 -9.34 1.20
CA VAL A 79 -50.37 -9.75 0.39
C VAL A 79 -49.66 -10.94 1.03
N ASP A 80 -49.33 -11.93 0.22
CA ASP A 80 -48.59 -13.10 0.66
C ASP A 80 -47.21 -13.03 0.01
N LEU A 81 -46.16 -13.12 0.81
CA LEU A 81 -44.78 -13.05 0.30
C LEU A 81 -44.44 -14.15 -0.71
N ASP A 82 -45.22 -15.22 -0.70
CA ASP A 82 -44.91 -16.40 -1.49
C ASP A 82 -45.79 -16.61 -2.70
N GLU A 83 -46.75 -15.69 -2.88
CA GLU A 83 -47.68 -15.75 -4.02
C GLU A 83 -47.07 -15.08 -5.25
N PRO A 84 -47.40 -15.59 -6.46
CA PRO A 84 -46.90 -15.04 -7.73
C PRO A 84 -47.41 -13.64 -8.06
N ILE A 85 -46.52 -12.80 -8.59
CA ILE A 85 -46.86 -11.42 -8.96
C ILE A 85 -47.70 -11.31 -10.23
N THR A 86 -47.98 -12.45 -10.87
CA THR A 86 -48.95 -12.49 -11.99
C THR A 86 -50.30 -11.87 -11.63
N ARG A 87 -50.64 -11.90 -10.35
CA ARG A 87 -51.83 -11.25 -9.84
C ARG A 87 -51.87 -9.76 -10.21
N TRP A 88 -50.72 -9.08 -10.10
CA TRP A 88 -50.62 -7.65 -10.40
C TRP A 88 -50.06 -7.36 -11.78
N PHE A 89 -49.19 -8.26 -12.26
CA PHE A 89 -48.48 -8.04 -13.54
C PHE A 89 -48.61 -9.27 -14.42
N PRO A 90 -49.84 -9.53 -14.92
CA PRO A 90 -50.08 -10.83 -15.56
C PRO A 90 -49.22 -11.06 -16.80
N ASP A 91 -48.86 -9.96 -17.48
CA ASP A 91 -48.11 -10.00 -18.73
C ASP A 91 -46.62 -9.75 -18.61
N LEU A 92 -46.13 -9.48 -17.40
CA LEU A 92 -44.69 -9.34 -17.15
C LEU A 92 -43.97 -10.66 -17.43
N PRO A 93 -42.99 -10.65 -18.35
CA PRO A 93 -42.29 -11.90 -18.67
C PRO A 93 -41.70 -12.62 -17.45
N LYS A 94 -42.03 -13.91 -17.32
CA LYS A 94 -41.58 -14.80 -16.23
C LYS A 94 -42.28 -14.55 -14.88
N ALA A 95 -43.33 -13.74 -14.86
CA ALA A 95 -44.00 -13.34 -13.61
C ALA A 95 -44.50 -14.53 -12.80
N ALA A 96 -44.92 -15.61 -13.45
CA ALA A 96 -45.37 -16.83 -12.76
C ALA A 96 -44.30 -17.49 -11.88
N GLN A 97 -43.04 -17.31 -12.24
CA GLN A 97 -41.94 -17.85 -11.42
C GLN A 97 -41.44 -16.84 -10.36
N MET A 98 -42.20 -15.78 -10.15
CA MET A 98 -41.78 -14.68 -9.28
C MET A 98 -42.70 -14.48 -8.08
N PRO A 99 -42.39 -15.11 -6.93
CA PRO A 99 -43.14 -14.76 -5.71
C PRO A 99 -42.90 -13.31 -5.30
N VAL A 100 -43.83 -12.74 -4.53
CA VAL A 100 -43.70 -11.39 -4.00
C VAL A 100 -42.31 -11.14 -3.38
N ARG A 101 -41.82 -12.08 -2.57
CA ARG A 101 -40.51 -11.92 -1.92
C ARG A 101 -39.31 -11.66 -2.86
N ILE A 102 -39.32 -12.18 -4.08
CA ILE A 102 -38.16 -11.95 -4.99
C ILE A 102 -38.03 -10.52 -5.50
N LEU A 103 -39.07 -9.72 -5.29
CA LEU A 103 -39.05 -8.32 -5.63
C LEU A 103 -38.14 -7.56 -4.68
N LEU A 104 -37.94 -8.11 -3.48
CA LEU A 104 -37.24 -7.45 -2.37
C LEU A 104 -35.83 -7.99 -2.10
N ASN A 105 -35.56 -9.21 -2.56
CA ASN A 105 -34.36 -9.93 -2.21
C ASN A 105 -33.26 -10.00 -3.29
N HIS A 106 -33.44 -9.27 -4.39
CA HIS A 106 -32.40 -9.12 -5.42
C HIS A 106 -32.06 -10.40 -6.16
N ARG A 107 -33.02 -11.33 -6.26
CA ARG A 107 -32.79 -12.61 -6.98
C ARG A 107 -33.83 -12.87 -8.06
N SER A 108 -34.54 -11.84 -8.46
CA SER A 108 -35.64 -11.96 -9.41
C SER A 108 -35.14 -12.20 -10.83
N GLY A 109 -33.93 -11.71 -11.14
CA GLY A 109 -33.42 -11.75 -12.50
C GLY A 109 -34.01 -10.68 -13.40
N LEU A 110 -34.79 -9.75 -12.82
CA LEU A 110 -35.44 -8.69 -13.58
C LEU A 110 -34.42 -7.77 -14.29
N PRO A 111 -34.75 -7.33 -15.52
CA PRO A 111 -33.88 -6.37 -16.23
C PRO A 111 -33.90 -5.03 -15.52
N ASP A 112 -32.77 -4.35 -15.46
CA ASP A 112 -32.68 -3.11 -14.68
C ASP A 112 -32.68 -1.91 -15.60
N PHE A 113 -33.08 -0.76 -15.06
CA PHE A 113 -33.20 0.48 -15.82
C PHE A 113 -32.08 1.48 -15.55
N GLU A 114 -31.41 1.34 -14.41
CA GLU A 114 -30.60 2.45 -13.85
C GLU A 114 -29.39 2.87 -14.70
N THR A 115 -28.73 1.91 -15.31
CA THR A 115 -27.55 2.22 -16.11
C THR A 115 -27.88 2.82 -17.49
N SER A 116 -29.16 2.80 -17.88
CA SER A 116 -29.61 3.32 -19.18
C SER A 116 -30.33 4.65 -19.05
N MET A 117 -30.87 4.93 -17.87
CA MET A 117 -31.73 6.09 -17.66
C MET A 117 -30.91 7.38 -17.73
N PRO A 118 -31.33 8.34 -18.58
CA PRO A 118 -30.64 9.64 -18.58
C PRO A 118 -30.73 10.29 -17.21
N MET A 119 -29.57 10.66 -16.63
CA MET A 119 -29.54 11.27 -15.31
C MET A 119 -29.86 12.76 -15.35
N ILE A 120 -29.43 13.46 -16.40
CA ILE A 120 -29.70 14.89 -16.49
C ILE A 120 -30.89 15.11 -17.43
N SER A 121 -32.07 15.28 -16.85
CA SER A 121 -33.31 15.49 -17.58
C SER A 121 -34.38 16.09 -16.67
N ASP A 122 -35.51 16.51 -17.26
CA ASP A 122 -36.64 17.05 -16.53
C ASP A 122 -37.84 16.11 -16.60
N LYS A 123 -37.59 14.90 -17.09
CA LYS A 123 -38.63 13.92 -17.36
C LYS A 123 -39.34 13.43 -16.09
N SER A 124 -40.66 13.56 -16.06
CA SER A 124 -41.46 12.97 -14.99
C SER A 124 -41.80 11.54 -15.36
N TRP A 125 -41.24 10.60 -14.61
CA TRP A 125 -41.43 9.19 -14.89
C TRP A 125 -42.66 8.59 -14.23
N THR A 126 -43.27 7.65 -14.94
CA THR A 126 -44.31 6.78 -14.40
C THR A 126 -43.65 5.44 -14.05
N ALA A 127 -44.18 4.78 -13.02
CA ALA A 127 -43.70 3.46 -12.59
C ALA A 127 -43.76 2.42 -13.72
N GLN A 128 -44.90 2.34 -14.39
CA GLN A 128 -45.07 1.45 -15.53
C GLN A 128 -44.08 1.76 -16.65
N GLU A 129 -43.83 3.05 -16.84
CA GLU A 129 -42.91 3.53 -17.85
C GLU A 129 -41.49 3.06 -17.57
N ILE A 130 -41.15 2.98 -16.28
CA ILE A 130 -39.81 2.57 -15.84
C ILE A 130 -39.64 1.08 -16.05
N VAL A 131 -40.67 0.32 -15.69
CA VAL A 131 -40.74 -1.12 -15.94
C VAL A 131 -40.61 -1.38 -17.46
N ASP A 132 -41.40 -0.67 -18.26
CA ASP A 132 -41.30 -0.76 -19.73
C ASP A 132 -39.87 -0.46 -20.18
N PHE A 133 -39.31 0.65 -19.69
CA PHE A 133 -37.94 1.09 -20.00
C PHE A 133 -36.93 0.01 -19.63
N SER A 134 -37.14 -0.66 -18.49
CA SER A 134 -36.26 -1.72 -18.02
C SER A 134 -36.21 -2.90 -18.97
N PHE A 135 -37.36 -3.32 -19.46
CA PHE A 135 -37.44 -4.47 -20.38
C PHE A 135 -36.90 -4.13 -21.77
N ARG A 136 -37.04 -2.87 -22.15
CA ARG A 136 -36.50 -2.38 -23.42
C ARG A 136 -34.97 -2.39 -23.41
N HIS A 137 -34.33 -1.98 -22.31
CA HIS A 137 -32.88 -1.76 -22.30
C HIS A 137 -32.05 -2.69 -21.40
N GLY A 138 -32.69 -3.33 -20.45
CA GLY A 138 -32.00 -4.25 -19.53
C GLY A 138 -31.98 -5.70 -19.99
N VAL A 139 -31.29 -6.54 -19.25
CA VAL A 139 -31.19 -7.95 -19.58
C VAL A 139 -31.90 -8.72 -18.48
N GLN A 140 -32.89 -9.53 -18.88
CA GLN A 140 -33.59 -10.40 -17.92
C GLN A 140 -32.88 -11.72 -17.75
N LYS A 141 -32.72 -12.12 -16.49
CA LYS A 141 -32.23 -13.44 -16.12
C LYS A 141 -33.38 -14.29 -15.54
N GLU A 142 -33.12 -15.55 -15.24
CA GLU A 142 -34.14 -16.40 -14.63
C GLU A 142 -34.29 -16.07 -13.16
N PRO A 143 -35.55 -16.02 -12.66
CA PRO A 143 -35.78 -15.93 -11.22
C PRO A 143 -34.88 -16.90 -10.45
N TRP A 144 -34.27 -16.41 -9.38
CA TRP A 144 -33.43 -17.24 -8.52
C TRP A 144 -32.09 -17.67 -9.16
N HIS A 145 -31.68 -17.00 -10.24
CA HIS A 145 -30.38 -17.27 -10.89
C HIS A 145 -29.18 -17.11 -9.93
N GLY A 146 -29.35 -16.28 -8.90
CA GLY A 146 -28.26 -15.81 -8.02
C GLY A 146 -28.64 -14.39 -7.58
N MET A 147 -27.78 -13.71 -6.85
CA MET A 147 -28.08 -12.34 -6.43
C MET A 147 -27.50 -11.34 -7.45
N GLU A 148 -28.36 -10.49 -8.00
CA GLU A 148 -27.93 -9.31 -8.73
C GLU A 148 -28.86 -8.17 -8.36
N TYR A 149 -28.28 -7.11 -7.82
CA TYR A 149 -29.03 -5.98 -7.29
C TYR A 149 -30.07 -5.50 -8.30
N SER A 150 -31.30 -5.38 -7.84
CA SER A 150 -32.43 -5.06 -8.71
C SER A 150 -33.23 -3.88 -8.19
N ASN A 151 -33.21 -2.81 -8.97
CA ASN A 151 -34.04 -1.64 -8.74
C ASN A 151 -35.45 -1.87 -9.21
N THR A 152 -35.58 -2.52 -10.37
CA THR A 152 -36.89 -2.86 -10.95
C THR A 152 -37.80 -3.61 -9.97
N GLY A 153 -37.24 -4.56 -9.21
CA GLY A 153 -38.00 -5.31 -8.21
C GLY A 153 -38.70 -4.41 -7.22
N TYR A 154 -38.01 -3.32 -6.84
CA TYR A 154 -38.56 -2.34 -5.92
C TYR A 154 -39.58 -1.41 -6.56
N VAL A 155 -39.40 -1.09 -7.84
CA VAL A 155 -40.41 -0.30 -8.55
C VAL A 155 -41.69 -1.13 -8.62
N LEU A 156 -41.56 -2.41 -8.93
CA LEU A 156 -42.70 -3.33 -8.93
C LEU A 156 -43.35 -3.42 -7.55
N ALA A 157 -42.53 -3.53 -6.49
CA ALA A 157 -43.04 -3.51 -5.11
C ALA A 157 -43.89 -2.26 -4.83
N GLY A 158 -43.45 -1.10 -5.32
CA GLY A 158 -44.22 0.13 -5.18
C GLY A 158 -45.57 0.07 -5.88
N MET A 159 -45.62 -0.65 -7.00
CA MET A 159 -46.85 -0.77 -7.79
C MET A 159 -47.88 -1.65 -7.08
N ILE A 160 -47.40 -2.68 -6.40
CA ILE A 160 -48.26 -3.52 -5.55
C ILE A 160 -48.85 -2.66 -4.43
N ILE A 161 -47.99 -1.91 -3.73
CA ILE A 161 -48.44 -1.05 -2.65
C ILE A 161 -49.56 -0.13 -3.13
N ALA A 162 -49.38 0.49 -4.30
CA ALA A 162 -50.38 1.38 -4.87
C ALA A 162 -51.69 0.62 -5.17
N HIS A 163 -51.56 -0.56 -5.75
CA HIS A 163 -52.74 -1.30 -6.17
C HIS A 163 -53.57 -1.80 -4.97
N GLU A 164 -52.89 -2.24 -3.93
CA GLU A 164 -53.52 -2.82 -2.74
C GLU A 164 -54.05 -1.77 -1.77
N THR A 165 -53.70 -0.52 -1.98
CA THR A 165 -54.15 0.58 -1.12
C THR A 165 -54.97 1.59 -1.91
N GLY A 166 -55.07 1.35 -3.22
CA GLY A 166 -55.77 2.25 -4.15
C GLY A 166 -55.27 3.69 -4.17
N LYS A 167 -54.04 3.89 -3.74
CA LYS A 167 -53.44 5.23 -3.64
C LYS A 167 -51.93 5.17 -3.92
N PRO A 168 -51.29 6.32 -4.24
CA PRO A 168 -49.81 6.32 -4.37
C PRO A 168 -49.11 5.74 -3.12
N TYR A 169 -47.97 5.04 -3.33
CA TYR A 169 -47.23 4.40 -2.23
C TYR A 169 -46.71 5.36 -1.14
N SER A 170 -46.52 6.64 -1.51
CA SER A 170 -46.21 7.70 -0.55
C SER A 170 -47.24 7.82 0.59
N ASP A 171 -48.53 7.70 0.25
CA ASP A 171 -49.62 7.74 1.24
C ASP A 171 -49.48 6.66 2.30
N HIS A 172 -49.18 5.43 1.86
CA HIS A 172 -49.03 4.28 2.75
C HIS A 172 -47.82 4.46 3.67
N LEU A 173 -46.70 4.86 3.07
CA LEU A 173 -45.46 5.11 3.80
C LEU A 173 -45.62 6.25 4.80
N ARG A 174 -46.27 7.34 4.37
CA ARG A 174 -46.54 8.46 5.29
C ARG A 174 -47.45 8.06 6.46
N SER A 175 -48.64 7.55 6.12
CA SER A 175 -49.63 7.19 7.15
C SER A 175 -49.16 6.06 8.09
N ARG A 176 -48.42 5.08 7.54
CA ARG A 176 -47.99 3.91 8.32
C ARG A 176 -46.57 3.99 8.91
N ILE A 177 -45.74 4.90 8.42
CA ILE A 177 -44.36 5.02 8.93
C ILE A 177 -43.99 6.44 9.41
N PHE A 178 -43.98 7.44 8.53
CA PHE A 178 -43.51 8.79 8.91
C PHE A 178 -44.36 9.46 10.00
N ALA A 179 -45.68 9.50 9.79
CA ALA A 179 -46.61 10.09 10.76
C ALA A 179 -46.52 9.46 12.16
N PRO A 180 -46.73 8.12 12.30
CA PRO A 180 -46.67 7.55 13.64
C PRO A 180 -45.33 7.70 14.37
N LEU A 181 -44.25 7.93 13.63
CA LEU A 181 -42.92 8.06 14.23
C LEU A 181 -42.45 9.51 14.35
N GLY A 182 -43.27 10.44 13.86
CA GLY A 182 -42.94 11.86 13.92
C GLY A 182 -41.76 12.27 13.06
N MET A 183 -41.65 11.61 11.91
CA MET A 183 -40.63 11.94 10.93
C MET A 183 -41.15 13.09 10.09
N LYS A 184 -40.80 14.31 10.50
CA LYS A 184 -41.33 15.53 9.90
C LYS A 184 -40.53 16.08 8.73
N ASP A 185 -39.28 15.63 8.58
CA ASP A 185 -38.40 16.08 7.51
C ASP A 185 -38.11 14.99 6.48
N THR A 186 -39.14 14.22 6.15
CA THR A 186 -39.02 13.09 5.23
C THR A 186 -40.09 13.19 4.16
N TRP A 187 -39.68 13.08 2.90
CA TRP A 187 -40.62 13.05 1.79
C TRP A 187 -40.33 11.93 0.79
N VAL A 188 -41.38 11.56 0.05
CA VAL A 188 -41.32 10.54 -1.00
C VAL A 188 -41.35 11.29 -2.31
N GLY A 189 -40.18 11.41 -2.94
CA GLY A 189 -39.96 12.32 -4.05
C GLY A 189 -40.84 12.21 -5.27
N THR A 190 -41.30 11.00 -5.59
CA THR A 190 -42.13 10.79 -6.78
C THR A 190 -43.50 11.47 -6.65
N HIS A 191 -44.08 11.40 -5.45
CA HIS A 191 -45.47 11.80 -5.24
C HIS A 191 -45.63 12.98 -4.30
N GLU A 192 -44.54 13.53 -3.78
CA GLU A 192 -44.60 14.61 -2.83
C GLU A 192 -43.62 15.71 -3.18
N THR A 193 -44.00 16.95 -2.89
CA THR A 193 -43.10 18.08 -2.99
C THR A 193 -42.37 18.26 -1.65
N PHE A 194 -41.07 18.45 -1.73
CA PHE A 194 -40.26 18.69 -0.55
C PHE A 194 -39.59 20.05 -0.73
N PRO A 195 -39.23 20.72 0.38
CA PRO A 195 -38.55 22.02 0.33
C PRO A 195 -37.11 21.97 -0.18
N ILE A 196 -36.94 22.20 -1.48
CA ILE A 196 -35.63 22.14 -2.16
C ILE A 196 -34.59 23.02 -1.47
N GLU A 197 -35.03 24.16 -0.96
CA GLU A 197 -34.13 25.13 -0.35
C GLU A 197 -33.42 24.59 0.89
N ARG A 198 -34.07 23.64 1.55
CA ARG A 198 -33.52 22.98 2.74
C ARG A 198 -32.52 21.84 2.42
N GLU A 199 -32.45 21.45 1.15
CA GLU A 199 -31.63 20.30 0.78
C GLU A 199 -30.16 20.68 0.66
N ALA A 200 -29.29 19.88 1.26
CA ALA A 200 -27.86 19.98 1.00
C ALA A 200 -27.63 19.79 -0.49
N ARG A 201 -26.69 20.55 -1.03
CA ARG A 201 -26.34 20.43 -2.42
C ARG A 201 -25.55 19.13 -2.60
N GLY A 202 -25.74 18.47 -3.74
CA GLY A 202 -24.98 17.28 -4.05
C GLY A 202 -23.92 17.60 -5.07
N TYR A 203 -22.76 16.99 -4.91
CA TYR A 203 -21.59 17.26 -5.74
C TYR A 203 -21.01 16.00 -6.35
N MET A 204 -20.94 15.99 -7.68
CA MET A 204 -20.21 14.94 -8.38
C MET A 204 -18.80 15.46 -8.59
N HIS A 205 -17.80 14.62 -8.33
CA HIS A 205 -16.40 15.10 -8.40
C HIS A 205 -15.77 14.66 -9.71
N ALA A 206 -14.95 15.55 -10.30
CA ALA A 206 -14.22 15.24 -11.51
C ALA A 206 -12.95 14.48 -11.14
N ALA A 207 -13.13 13.26 -10.63
CA ALA A 207 -12.06 12.47 -10.07
C ALA A 207 -11.43 11.52 -11.08
N ALA A 208 -10.13 11.28 -10.91
CA ALA A 208 -9.38 10.33 -11.74
C ALA A 208 -9.87 8.88 -11.66
N ASP A 209 -10.41 8.47 -10.52
CA ASP A 209 -10.87 7.09 -10.35
C ASP A 209 -12.33 6.87 -10.78
N ASP A 210 -12.94 7.92 -11.31
CA ASP A 210 -14.23 7.77 -11.94
C ASP A 210 -14.03 7.27 -13.37
N GLU A 211 -13.56 6.02 -13.46
CA GLU A 211 -13.22 5.40 -14.73
C GLU A 211 -14.39 4.75 -15.43
N ASN A 212 -15.18 3.98 -14.68
CA ASN A 212 -16.32 3.26 -15.21
C ASN A 212 -17.62 3.79 -14.63
N PRO A 213 -18.10 4.94 -15.14
CA PRO A 213 -19.28 5.59 -14.54
C PRO A 213 -20.52 4.69 -14.66
N GLN A 214 -21.33 4.64 -13.60
CA GLN A 214 -22.52 3.82 -13.58
C GLN A 214 -23.76 4.51 -14.18
N TRP A 215 -23.67 5.80 -14.45
CA TRP A 215 -24.80 6.53 -14.99
C TRP A 215 -24.49 7.24 -16.30
N ASP A 216 -25.54 7.45 -17.10
CA ASP A 216 -25.49 8.34 -18.26
C ASP A 216 -25.56 9.81 -17.78
N VAL A 217 -24.39 10.44 -17.65
CA VAL A 217 -24.31 11.83 -17.17
C VAL A 217 -23.95 12.83 -18.30
N SER A 218 -24.39 12.54 -19.51
CA SER A 218 -24.22 13.48 -20.62
C SER A 218 -25.10 14.72 -20.39
N GLY A 219 -24.56 15.87 -20.77
CA GLY A 219 -25.26 17.13 -20.59
C GLY A 219 -24.85 17.83 -19.30
N ALA A 220 -23.72 17.42 -18.72
CA ALA A 220 -23.30 17.93 -17.41
C ALA A 220 -22.68 19.31 -17.50
N GLY A 221 -22.13 19.64 -18.67
CA GLY A 221 -21.38 20.88 -18.83
C GLY A 221 -20.01 20.74 -18.21
N ASP A 222 -19.42 21.86 -17.83
CA ASP A 222 -18.06 21.89 -17.31
C ASP A 222 -18.06 21.88 -15.78
N PRO A 223 -17.05 21.25 -15.17
CA PRO A 223 -16.97 21.30 -13.71
C PRO A 223 -16.49 22.66 -13.20
N VAL A 224 -17.12 23.17 -12.13
CA VAL A 224 -16.65 24.36 -11.45
C VAL A 224 -15.97 23.91 -10.15
N ASP A 225 -14.74 24.38 -9.94
CA ASP A 225 -13.91 24.05 -8.76
C ASP A 225 -13.84 22.54 -8.49
N GLY A 226 -13.77 21.76 -9.56
CA GLY A 226 -13.57 20.30 -9.48
C GLY A 226 -14.84 19.47 -9.39
N VAL A 227 -16.00 20.14 -9.36
CA VAL A 227 -17.28 19.45 -9.15
C VAL A 227 -18.39 19.92 -10.07
N TRP A 228 -19.43 19.10 -10.19
CA TRP A 228 -20.71 19.53 -10.73
C TRP A 228 -21.72 19.56 -9.59
N ASP A 229 -22.57 20.59 -9.54
CA ASP A 229 -23.73 20.55 -8.66
C ASP A 229 -24.79 19.63 -9.28
N SER A 230 -24.95 18.44 -8.71
CA SER A 230 -25.83 17.41 -9.27
C SER A 230 -27.14 17.20 -8.48
N THR A 231 -27.44 18.13 -7.58
CA THR A 231 -28.59 18.03 -6.69
C THR A 231 -29.87 17.77 -7.44
N GLU A 232 -30.10 18.57 -8.48
CA GLU A 232 -31.36 18.56 -9.20
C GLU A 232 -31.12 18.10 -10.62
N TRP A 233 -30.15 17.21 -10.81
CA TRP A 233 -29.85 16.62 -12.12
C TRP A 233 -30.99 15.70 -12.53
N PHE A 234 -31.31 14.81 -11.59
CA PHE A 234 -32.07 13.61 -11.87
C PHE A 234 -33.45 13.66 -11.20
N PRO A 235 -34.52 13.42 -11.99
CA PRO A 235 -35.87 13.20 -11.47
C PRO A 235 -35.95 12.07 -10.47
N LEU A 236 -36.42 12.38 -9.26
CA LEU A 236 -36.67 11.35 -8.26
C LEU A 236 -37.77 10.40 -8.74
N SER A 237 -38.67 10.88 -9.60
CA SER A 237 -39.69 10.02 -10.19
C SER A 237 -39.02 8.88 -10.99
N GLY A 238 -37.83 9.15 -11.52
CA GLY A 238 -37.05 8.15 -12.25
C GLY A 238 -36.54 7.01 -11.38
N ALA A 239 -36.16 7.33 -10.14
CA ALA A 239 -35.75 6.31 -9.16
C ALA A 239 -36.98 5.60 -8.56
N ASN A 240 -38.08 6.34 -8.41
CA ASN A 240 -39.34 5.80 -7.95
C ASN A 240 -39.17 5.04 -6.60
N ALA A 241 -39.82 3.89 -6.48
CA ALA A 241 -39.80 3.14 -5.23
C ALA A 241 -38.43 2.46 -4.99
N ALA A 242 -37.54 2.59 -5.97
CA ALA A 242 -36.17 2.09 -5.83
C ALA A 242 -35.21 3.11 -5.16
N GLY A 243 -35.60 4.38 -5.04
CA GLY A 243 -34.72 5.41 -4.46
C GLY A 243 -35.12 6.88 -4.49
N ASP A 244 -36.41 7.18 -4.29
CA ASP A 244 -36.93 8.56 -4.45
C ASP A 244 -37.06 9.38 -3.17
N MET A 245 -36.67 8.83 -2.03
CA MET A 245 -36.91 9.52 -0.76
C MET A 245 -35.91 10.63 -0.42
N VAL A 246 -36.42 11.62 0.33
CA VAL A 246 -35.63 12.73 0.83
C VAL A 246 -35.81 12.78 2.36
N SER A 247 -34.70 12.93 3.09
CA SER A 247 -34.76 12.84 4.54
C SER A 247 -33.50 13.41 5.19
N THR A 248 -33.46 13.32 6.53
CA THR A 248 -32.29 13.73 7.31
C THR A 248 -31.74 12.52 8.06
N PRO A 249 -30.43 12.49 8.36
CA PRO A 249 -29.99 11.43 9.25
C PRO A 249 -30.85 11.28 10.53
N ARG A 250 -31.21 12.41 11.17
CA ARG A 250 -32.07 12.36 12.38
C ARG A 250 -33.29 11.48 12.17
N ASP A 251 -34.07 11.82 11.14
CA ASP A 251 -35.30 11.10 10.78
C ASP A 251 -35.09 9.64 10.42
N ILE A 252 -33.98 9.33 9.75
CA ILE A 252 -33.67 7.96 9.35
C ILE A 252 -33.41 7.09 10.60
N VAL A 253 -32.70 7.63 11.58
CA VAL A 253 -32.42 6.92 12.84
C VAL A 253 -33.68 6.69 13.67
N LYS A 254 -34.62 7.63 13.61
CA LYS A 254 -35.97 7.42 14.17
C LYS A 254 -36.61 6.13 13.63
N PHE A 255 -36.70 6.04 12.30
CA PHE A 255 -37.17 4.86 11.61
C PHE A 255 -36.43 3.58 11.99
N LEU A 256 -35.10 3.62 11.95
CA LEU A 256 -34.28 2.46 12.28
C LEU A 256 -34.49 1.99 13.72
N ASN A 257 -34.47 2.92 14.67
CA ASN A 257 -34.76 2.58 16.08
C ASN A 257 -36.08 1.85 16.23
N ALA A 258 -37.13 2.40 15.64
CA ALA A 258 -38.48 1.82 15.79
C ALA A 258 -38.62 0.47 15.09
N LEU A 259 -37.97 0.34 13.93
CA LEU A 259 -38.02 -0.89 13.15
C LEU A 259 -37.41 -2.05 13.94
N PHE A 260 -36.20 -1.84 14.44
CA PHE A 260 -35.47 -2.86 15.21
C PHE A 260 -35.94 -3.01 16.67
N ASP A 261 -36.72 -2.04 17.15
CA ASP A 261 -37.41 -2.14 18.45
C ASP A 261 -38.76 -2.83 18.32
N GLY A 262 -39.16 -3.14 17.09
CA GLY A 262 -40.38 -3.92 16.86
C GLY A 262 -41.65 -3.09 16.91
N ARG A 263 -41.51 -1.79 16.65
CA ARG A 263 -42.61 -0.85 16.75
C ARG A 263 -43.21 -0.53 15.39
N ILE A 264 -42.69 -1.15 14.32
CA ILE A 264 -43.30 -0.99 13.00
C ILE A 264 -43.86 -2.31 12.47
N LEU A 265 -42.96 -3.28 12.34
CA LEU A 265 -43.29 -4.58 11.78
C LEU A 265 -43.40 -5.55 12.91
N ASP A 266 -44.37 -6.46 12.78
CA ASP A 266 -44.49 -7.57 13.70
C ASP A 266 -43.28 -8.49 13.57
N GLN A 267 -43.17 -9.44 14.48
CA GLN A 267 -41.95 -10.19 14.62
C GLN A 267 -41.60 -11.09 13.42
N LYS A 268 -42.61 -11.57 12.72
CA LYS A 268 -42.39 -12.45 11.55
C LYS A 268 -41.93 -11.65 10.34
N ARG A 269 -42.56 -10.49 10.14
CA ARG A 269 -42.23 -9.62 9.03
C ARG A 269 -40.87 -8.94 9.24
N LEU A 270 -40.55 -8.63 10.50
CA LEU A 270 -39.23 -8.12 10.83
C LEU A 270 -38.17 -9.16 10.51
N TRP A 271 -38.44 -10.41 10.90
CA TRP A 271 -37.55 -11.52 10.61
C TRP A 271 -37.32 -11.73 9.09
N GLU A 272 -38.37 -11.61 8.28
CA GLU A 272 -38.28 -11.66 6.83
C GLU A 272 -37.32 -10.61 6.28
N MET A 273 -37.42 -9.41 6.84
CA MET A 273 -36.62 -8.29 6.40
C MET A 273 -35.13 -8.41 6.73
N LYS A 274 -34.82 -8.89 7.94
CA LYS A 274 -33.46 -8.82 8.47
C LYS A 274 -32.73 -10.16 8.65
N ASP A 275 -33.48 -11.24 8.79
CA ASP A 275 -32.88 -12.52 9.19
C ASP A 275 -33.04 -13.63 8.14
N ASN A 276 -34.05 -13.52 7.28
CA ASN A 276 -34.21 -14.48 6.18
C ASN A 276 -33.31 -14.09 5.00
N ILE A 277 -32.02 -14.35 5.18
CA ILE A 277 -31.01 -13.78 4.32
C ILE A 277 -30.34 -14.82 3.41
N LYS A 278 -29.76 -14.32 2.31
CA LYS A 278 -28.82 -15.07 1.47
C LYS A 278 -27.66 -14.15 1.12
N PRO A 279 -26.56 -14.70 0.58
CA PRO A 279 -25.43 -13.86 0.12
C PRO A 279 -25.85 -12.73 -0.83
N ALA A 280 -25.13 -11.62 -0.74
CA ALA A 280 -25.37 -10.45 -1.55
C ALA A 280 -24.10 -9.68 -1.81
N PHE A 281 -24.05 -9.12 -3.03
CA PHE A 281 -22.96 -8.27 -3.53
C PHE A 281 -23.49 -6.93 -4.03
N PHE A 282 -22.75 -5.86 -3.72
CA PHE A 282 -22.93 -4.56 -4.36
C PHE A 282 -21.57 -3.98 -4.57
N PRO A 283 -21.24 -3.65 -5.84
CA PRO A 283 -19.87 -3.28 -6.21
C PRO A 283 -19.35 -2.08 -5.43
N GLY A 284 -18.12 -2.21 -4.95
CA GLY A 284 -17.49 -1.20 -4.13
C GLY A 284 -17.90 -1.17 -2.66
N SER A 285 -19.02 -1.80 -2.32
CA SER A 285 -19.58 -1.75 -0.96
C SER A 285 -19.01 -2.80 0.01
N ASN A 286 -19.56 -2.79 1.23
CA ASN A 286 -19.22 -3.79 2.25
C ASN A 286 -20.30 -4.88 2.36
N THR A 287 -21.26 -4.88 1.42
CA THR A 287 -22.39 -5.82 1.44
C THR A 287 -21.90 -7.25 1.37
N VAL A 288 -22.51 -8.12 2.20
CA VAL A 288 -22.18 -9.55 2.19
C VAL A 288 -23.44 -10.40 2.05
N ALA A 289 -24.59 -9.84 2.43
CA ALA A 289 -25.87 -10.54 2.45
C ALA A 289 -27.03 -9.57 2.37
N ASN A 290 -28.22 -10.07 2.07
CA ASN A 290 -29.47 -9.28 2.14
C ASN A 290 -30.67 -10.13 2.55
N GLY A 291 -31.64 -9.48 3.20
CA GLY A 291 -32.92 -10.12 3.48
C GLY A 291 -33.91 -9.64 2.45
N HIS A 292 -35.02 -9.08 2.95
CA HIS A 292 -36.11 -8.61 2.11
C HIS A 292 -36.36 -7.15 2.45
N GLY A 293 -35.39 -6.30 2.12
CA GLY A 293 -35.46 -4.85 2.42
C GLY A 293 -34.25 -4.33 3.17
N LEU A 294 -33.38 -5.25 3.59
CA LEU A 294 -32.20 -4.88 4.35
C LEU A 294 -30.94 -5.58 3.85
N LEU A 295 -29.85 -4.81 3.74
CA LEU A 295 -28.54 -5.34 3.38
C LEU A 295 -27.73 -5.58 4.63
N LEU A 296 -26.95 -6.65 4.63
CA LEU A 296 -25.98 -6.88 5.69
C LEU A 296 -24.59 -6.40 5.21
N MET A 297 -24.06 -5.40 5.88
CA MET A 297 -22.79 -4.80 5.44
C MET A 297 -21.78 -4.92 6.56
N ARG A 298 -20.63 -5.51 6.24
CA ARG A 298 -19.63 -5.89 7.23
C ARG A 298 -18.51 -4.87 7.34
N TYR A 299 -18.22 -4.42 8.56
CA TYR A 299 -17.18 -3.44 8.85
C TYR A 299 -16.17 -3.99 9.87
N GLY A 300 -15.28 -4.83 9.36
CA GLY A 300 -14.41 -5.63 10.24
C GLY A 300 -15.24 -6.50 11.18
N SER A 301 -15.13 -6.21 12.47
CA SER A 301 -15.76 -7.01 13.49
C SER A 301 -17.18 -6.53 13.86
N SER A 302 -17.65 -5.47 13.22
CA SER A 302 -19.04 -5.01 13.39
C SER A 302 -19.82 -5.14 12.07
N GLU A 303 -21.14 -5.26 12.16
CA GLU A 303 -21.99 -5.36 10.97
C GLU A 303 -23.20 -4.47 11.09
N LEU A 304 -23.55 -3.78 10.01
CA LEU A 304 -24.82 -3.07 9.94
C LEU A 304 -25.84 -3.85 9.15
N LYS A 305 -27.09 -3.78 9.64
CA LYS A 305 -28.24 -4.23 8.91
C LYS A 305 -28.97 -2.96 8.53
N GLY A 306 -28.92 -2.64 7.24
CA GLY A 306 -29.51 -1.41 6.74
C GLY A 306 -29.53 -1.35 5.24
N HIS A 307 -28.92 -0.30 4.70
CA HIS A 307 -28.82 -0.11 3.26
C HIS A 307 -27.77 0.94 2.90
N LEU A 308 -27.30 0.87 1.67
CA LEU A 308 -26.46 1.92 1.09
C LEU A 308 -27.32 2.68 0.10
N GLY A 309 -26.93 3.92 -0.20
CA GLY A 309 -27.59 4.73 -1.19
C GLY A 309 -26.60 5.54 -2.03
N GLN A 310 -26.79 5.46 -3.35
CA GLN A 310 -26.02 6.28 -4.31
C GLN A 310 -26.94 6.95 -5.34
N ILE A 311 -27.08 8.26 -5.23
CA ILE A 311 -27.77 9.09 -6.23
C ILE A 311 -26.83 10.28 -6.49
N PRO A 312 -26.68 10.73 -7.76
CA PRO A 312 -25.59 11.70 -8.03
C PRO A 312 -25.40 12.82 -6.97
N GLY A 313 -24.25 12.78 -6.30
CA GLY A 313 -23.91 13.80 -5.33
C GLY A 313 -24.23 13.50 -3.87
N HIS A 314 -25.17 12.59 -3.59
CA HIS A 314 -25.53 12.21 -2.21
C HIS A 314 -25.23 10.72 -1.97
N THR A 315 -24.33 10.43 -1.04
CA THR A 315 -23.88 9.05 -0.82
C THR A 315 -24.13 8.68 0.64
N SER A 316 -24.93 7.62 0.85
CA SER A 316 -25.49 7.32 2.16
C SER A 316 -25.28 5.86 2.64
N ILE A 317 -25.05 5.72 3.94
CA ILE A 317 -24.97 4.41 4.60
C ILE A 317 -25.86 4.48 5.84
N MET A 318 -26.88 3.63 5.93
CA MET A 318 -27.67 3.52 7.16
C MET A 318 -27.65 2.10 7.69
N GLY A 319 -27.92 1.97 8.98
CA GLY A 319 -28.02 0.67 9.59
C GLY A 319 -28.01 0.60 11.09
N ARG A 320 -28.43 -0.56 11.57
CA ARG A 320 -28.35 -0.91 12.97
C ARG A 320 -27.33 -2.04 13.16
N ASP A 321 -26.47 -1.86 14.16
CA ASP A 321 -25.57 -2.91 14.61
C ASP A 321 -26.29 -3.74 15.68
N GLU A 322 -26.75 -4.93 15.30
CA GLU A 322 -27.59 -5.78 16.17
C GLU A 322 -26.88 -6.25 17.43
N GLU A 323 -25.56 -6.36 17.37
CA GLU A 323 -24.75 -6.74 18.50
C GLU A 323 -24.76 -5.64 19.55
N THR A 324 -24.30 -4.46 19.15
CA THR A 324 -24.11 -3.33 20.04
C THR A 324 -25.38 -2.50 20.28
N GLY A 325 -26.35 -2.61 19.37
CA GLY A 325 -27.61 -1.89 19.47
C GLY A 325 -27.58 -0.50 18.84
N ALA A 326 -26.43 -0.13 18.29
CA ALA A 326 -26.25 1.19 17.69
C ALA A 326 -27.03 1.33 16.38
N ALA A 327 -27.55 2.53 16.12
CA ALA A 327 -28.21 2.84 14.86
C ALA A 327 -27.60 4.12 14.30
N LEU A 328 -27.29 4.11 13.00
CA LEU A 328 -26.66 5.25 12.35
C LEU A 328 -27.15 5.54 10.91
N MET A 329 -27.01 6.78 10.51
CA MET A 329 -27.17 7.17 9.13
C MET A 329 -26.08 8.20 8.87
N LEU A 330 -25.14 7.85 8.00
CA LEU A 330 -24.15 8.80 7.53
C LEU A 330 -24.41 9.12 6.07
N ILE A 331 -24.53 10.43 5.75
CA ILE A 331 -24.66 10.86 4.35
C ILE A 331 -23.63 11.94 4.06
N GLN A 332 -22.86 11.74 2.99
CA GLN A 332 -22.03 12.81 2.46
C GLN A 332 -22.66 13.42 1.18
N ASN A 333 -22.32 14.68 0.91
CA ASN A 333 -22.77 15.29 -0.34
C ASN A 333 -21.67 15.37 -1.39
N SER A 334 -20.79 14.38 -1.37
CA SER A 334 -19.85 14.07 -2.44
C SER A 334 -20.18 12.72 -3.04
N GLY A 335 -20.08 12.63 -4.36
CA GLY A 335 -20.12 11.36 -5.07
C GLY A 335 -19.34 11.41 -6.36
N ALA A 336 -19.34 10.30 -7.08
CA ALA A 336 -18.80 10.18 -8.42
C ALA A 336 -19.71 9.14 -9.10
N GLY A 337 -19.39 8.71 -10.31
CA GLY A 337 -20.19 7.69 -11.01
C GLY A 337 -19.73 6.27 -10.76
N ASP A 338 -18.41 6.08 -10.70
CA ASP A 338 -17.80 4.75 -10.63
C ASP A 338 -17.96 4.16 -9.22
N PHE A 339 -18.48 2.94 -9.13
CA PHE A 339 -18.70 2.23 -7.85
C PHE A 339 -17.45 2.14 -6.98
N GLU A 340 -16.30 2.06 -7.64
CA GLU A 340 -15.01 1.91 -6.97
C GLU A 340 -14.31 3.23 -6.71
N SER A 341 -14.91 4.36 -7.11
CA SER A 341 -14.34 5.67 -6.80
C SER A 341 -14.34 5.92 -5.30
N PHE A 342 -13.28 6.56 -4.81
CA PHE A 342 -13.23 6.99 -3.42
C PHE A 342 -14.49 7.76 -3.04
N TYR A 343 -15.00 8.56 -3.97
CA TYR A 343 -16.11 9.47 -3.67
C TYR A 343 -17.41 8.72 -3.51
N LEU A 344 -17.41 7.45 -3.93
CA LEU A 344 -18.53 6.56 -3.74
C LEU A 344 -18.22 5.52 -2.64
N LYS A 345 -17.27 4.64 -2.92
CA LYS A 345 -16.99 3.54 -2.00
C LYS A 345 -16.35 3.98 -0.68
N GLY A 346 -15.69 5.15 -0.70
CA GLY A 346 -14.97 5.68 0.47
C GLY A 346 -15.85 6.18 1.59
N VAL A 347 -17.15 6.28 1.34
CA VAL A 347 -18.15 6.58 2.37
C VAL A 347 -18.15 5.53 3.47
N ASN A 348 -17.71 4.32 3.12
CA ASN A 348 -17.63 3.23 4.08
C ASN A 348 -16.48 3.39 5.09
N GLU A 349 -15.49 4.22 4.77
CA GLU A 349 -14.36 4.44 5.66
C GLU A 349 -14.73 5.13 6.96
N PRO A 350 -15.39 6.31 6.91
CA PRO A 350 -15.79 6.88 8.21
C PRO A 350 -16.79 6.01 8.97
N VAL A 351 -17.69 5.32 8.27
CA VAL A 351 -18.61 4.36 8.93
C VAL A 351 -17.81 3.30 9.69
N ASP A 352 -16.82 2.71 9.02
CA ASP A 352 -15.94 1.73 9.65
C ASP A 352 -15.29 2.31 10.95
N ARG A 353 -14.66 3.49 10.83
CA ARG A 353 -14.01 4.19 11.96
C ARG A 353 -14.97 4.48 13.10
N VAL A 354 -16.20 4.88 12.78
CA VAL A 354 -17.19 5.19 13.81
C VAL A 354 -17.51 3.95 14.63
N LEU A 355 -17.72 2.83 13.95
CA LEU A 355 -18.12 1.60 14.61
C LEU A 355 -17.01 1.09 15.53
N GLU A 356 -15.76 1.21 15.08
CA GLU A 356 -14.62 0.82 15.91
C GLU A 356 -14.36 1.82 17.06
N ALA A 357 -14.78 3.08 16.91
CA ALA A 357 -14.70 4.05 18.02
C ALA A 357 -15.73 3.70 19.09
N ILE A 358 -16.95 3.37 18.65
CA ILE A 358 -18.01 2.89 19.55
C ILE A 358 -17.54 1.66 20.34
N LYS A 359 -16.93 0.72 19.61
CA LYS A 359 -16.47 -0.54 20.16
C LYS A 359 -15.41 -0.31 21.22
N ASN A 360 -14.48 0.59 20.92
CA ASN A 360 -13.42 0.94 21.85
C ASN A 360 -13.92 1.72 23.07
N SER A 361 -14.97 2.52 22.89
CA SER A 361 -15.59 3.24 24.02
C SER A 361 -16.33 2.27 24.95
N ARG A 362 -16.56 1.05 24.45
CA ARG A 362 -17.34 0.02 25.14
C ARG A 362 -16.47 -1.12 25.72
N SER A 363 -15.19 -1.13 25.40
CA SER A 363 -14.28 -2.25 25.75
C SER A 363 -14.13 -2.48 27.27
N SER B 2 5.78 -8.90 22.27
CA SER B 2 6.12 -8.71 23.71
C SER B 2 5.51 -9.83 24.54
N ASP B 3 4.35 -9.51 25.13
CA ASP B 3 3.48 -10.46 25.78
C ASP B 3 2.98 -11.43 24.72
N LEU B 4 2.53 -10.87 23.58
CA LEU B 4 2.00 -11.67 22.47
C LEU B 4 3.05 -12.62 21.87
N ASN B 5 4.26 -12.10 21.65
CA ASN B 5 5.35 -12.89 21.11
C ASN B 5 5.65 -14.09 22.00
N ASN B 6 5.66 -13.85 23.31
CA ASN B 6 5.91 -14.89 24.28
C ASN B 6 4.77 -15.90 24.37
N ALA B 7 3.54 -15.42 24.42
CA ALA B 7 2.36 -16.30 24.44
C ALA B 7 2.31 -17.20 23.20
N ILE B 8 2.58 -16.65 22.03
CA ILE B 8 2.58 -17.42 20.75
C ILE B 8 3.66 -18.49 20.72
N GLN B 9 4.90 -18.11 21.07
CA GLN B 9 6.01 -19.05 21.12
C GLN B 9 5.67 -20.21 22.04
N GLY B 10 5.09 -19.92 23.20
CA GLY B 10 4.67 -20.95 24.17
C GLY B 10 3.58 -21.87 23.64
N ILE B 11 2.58 -21.30 22.96
CA ILE B 11 1.57 -22.10 22.26
C ILE B 11 2.19 -23.14 21.32
N LEU B 12 3.17 -22.73 20.51
CA LEU B 12 3.87 -23.67 19.60
C LEU B 12 4.70 -24.72 20.33
N ASP B 13 5.43 -24.28 21.36
CA ASP B 13 6.23 -25.19 22.18
C ASP B 13 5.33 -26.23 22.84
N ASP B 14 4.25 -25.77 23.46
CA ASP B 14 3.26 -26.67 24.08
C ASP B 14 2.73 -27.71 23.11
N HIS B 15 2.47 -27.28 21.87
CA HIS B 15 2.01 -28.18 20.81
C HIS B 15 3.09 -29.22 20.42
N VAL B 16 4.33 -28.76 20.28
CA VAL B 16 5.46 -29.67 20.05
C VAL B 16 5.63 -30.70 21.18
N ALA B 17 5.44 -30.28 22.43
CA ALA B 17 5.60 -31.22 23.57
C ALA B 17 4.49 -32.26 23.64
N ARG B 18 3.40 -32.00 22.93
CA ARG B 18 2.32 -32.99 22.81
C ARG B 18 2.64 -34.12 21.81
N GLY B 19 3.80 -34.04 21.14
CA GLY B 19 4.23 -35.08 20.20
C GLY B 19 4.50 -34.61 18.77
N VAL B 20 4.12 -33.37 18.47
CA VAL B 20 4.29 -32.79 17.12
C VAL B 20 5.77 -32.48 16.88
N VAL B 21 6.32 -32.92 15.73
CA VAL B 21 7.76 -32.80 15.46
C VAL B 21 8.23 -31.34 15.37
N GLY B 22 7.49 -30.54 14.61
CA GLY B 22 7.84 -29.15 14.37
C GLY B 22 6.65 -28.40 13.82
N VAL B 23 6.72 -27.08 13.91
CA VAL B 23 5.64 -26.20 13.51
C VAL B 23 6.28 -24.92 13.00
N SER B 24 5.76 -24.40 11.90
CA SER B 24 6.22 -23.13 11.35
C SER B 24 5.00 -22.22 11.16
N LEU B 25 5.06 -21.04 11.75
CA LEU B 25 3.96 -20.08 11.70
C LEU B 25 4.41 -18.77 11.12
N ALA B 26 3.55 -18.20 10.29
CA ALA B 26 3.64 -16.82 9.84
C ALA B 26 2.32 -16.15 10.22
N LEU B 27 2.43 -14.96 10.80
CA LEU B 27 1.27 -14.20 11.26
C LEU B 27 1.45 -12.74 10.91
N CYS B 28 0.43 -12.12 10.31
CA CYS B 28 0.44 -10.70 10.04
C CYS B 28 -0.78 -10.05 10.63
N LEU B 29 -0.56 -9.13 11.57
CA LEU B 29 -1.63 -8.33 12.14
C LEU B 29 -1.81 -7.10 11.26
N PRO B 30 -3.05 -6.58 11.16
CA PRO B 30 -3.32 -5.53 10.17
C PRO B 30 -2.42 -4.30 10.35
N GLY B 31 -1.86 -3.85 9.23
CA GLY B 31 -0.94 -2.71 9.20
C GLY B 31 0.36 -2.92 9.95
N GLU B 32 0.71 -4.17 10.20
CA GLU B 32 2.02 -4.51 10.78
C GLU B 32 2.80 -5.37 9.79
N GLU B 33 4.02 -5.74 10.17
CA GLU B 33 4.83 -6.62 9.32
C GLU B 33 4.79 -8.05 9.87
N THR B 34 4.84 -9.01 8.95
CA THR B 34 4.70 -10.43 9.26
C THR B 34 5.62 -10.90 10.39
N SER B 35 5.05 -11.62 11.35
CA SER B 35 5.79 -12.25 12.43
C SER B 35 5.89 -13.75 12.17
N LEU B 36 7.11 -14.27 12.14
CA LEU B 36 7.37 -15.69 11.97
C LEU B 36 7.71 -16.32 13.30
N TYR B 37 7.18 -17.53 13.53
CA TYR B 37 7.52 -18.36 14.69
C TYR B 37 7.75 -19.80 14.26
N GLN B 38 8.64 -20.51 14.96
CA GLN B 38 8.83 -21.95 14.77
C GLN B 38 9.10 -22.61 16.13
N SER B 39 8.79 -23.89 16.24
CA SER B 39 9.25 -24.71 17.36
C SER B 39 9.56 -26.08 16.80
N GLY B 40 10.47 -26.81 17.46
CA GLY B 40 10.76 -28.19 17.11
C GLY B 40 11.63 -28.33 15.88
N TYR B 41 11.50 -29.46 15.19
CA TYR B 41 12.46 -29.91 14.19
C TYR B 41 11.91 -30.07 12.78
N ALA B 42 12.69 -29.63 11.81
CA ALA B 42 12.41 -29.89 10.40
C ALA B 42 12.84 -31.33 10.06
N ASP B 43 13.91 -31.80 10.70
CA ASP B 43 14.40 -33.16 10.52
C ASP B 43 14.62 -33.75 11.92
N LYS B 44 13.72 -34.66 12.29
CA LYS B 44 13.71 -35.29 13.61
C LYS B 44 15.00 -36.07 13.88
N PHE B 45 15.47 -36.82 12.90
CA PHE B 45 16.60 -37.71 13.13
C PHE B 45 17.98 -37.07 12.96
N ASN B 46 18.09 -36.10 12.06
CA ASN B 46 19.32 -35.32 11.92
C ASN B 46 19.33 -34.09 12.83
N LYS B 47 18.28 -33.98 13.65
CA LYS B 47 18.17 -32.92 14.64
C LYS B 47 18.37 -31.55 14.01
N MET B 48 17.73 -31.34 12.85
CA MET B 48 17.75 -30.05 12.17
C MET B 48 16.53 -29.26 12.62
N PRO B 49 16.75 -28.12 13.29
CA PRO B 49 15.61 -27.36 13.83
C PRO B 49 14.79 -26.69 12.74
N MET B 50 13.51 -26.52 13.04
CA MET B 50 12.59 -25.82 12.15
C MET B 50 12.91 -24.33 12.11
N THR B 51 13.00 -23.78 10.89
CA THR B 51 13.21 -22.34 10.66
C THR B 51 12.11 -21.74 9.75
N GLY B 52 12.07 -20.42 9.63
CA GLY B 52 11.12 -19.76 8.76
C GLY B 52 11.40 -19.95 7.27
N ASP B 53 12.54 -20.58 6.97
CA ASP B 53 12.93 -20.83 5.58
C ASP B 53 12.56 -22.23 5.07
N HIS B 54 12.19 -23.16 5.96
CA HIS B 54 11.78 -24.49 5.54
C HIS B 54 10.50 -24.47 4.68
N LEU B 55 10.55 -25.24 3.61
CA LEU B 55 9.42 -25.42 2.69
C LEU B 55 8.55 -26.57 3.18
N PHE B 56 7.26 -26.49 2.86
CA PHE B 56 6.29 -27.49 3.20
C PHE B 56 5.42 -27.76 1.99
N ARG B 57 4.85 -28.95 1.92
CA ARG B 57 3.77 -29.23 0.96
C ARG B 57 2.47 -28.71 1.57
N ILE B 58 1.84 -27.71 0.93
CA ILE B 58 0.64 -27.08 1.52
C ILE B 58 -0.66 -27.82 1.18
N ALA B 59 -0.53 -28.93 0.45
CA ALA B 59 -1.66 -29.80 0.12
C ALA B 59 -2.85 -28.97 -0.43
N SER B 60 -4.06 -29.22 0.09
CA SER B 60 -5.28 -28.57 -0.42
C SER B 60 -5.35 -27.05 -0.27
N CYS B 61 -4.41 -26.43 0.45
CA CYS B 61 -4.31 -24.97 0.42
C CYS B 61 -4.09 -24.49 -1.04
N THR B 62 -3.52 -25.37 -1.87
CA THR B 62 -3.32 -25.17 -3.31
C THR B 62 -4.64 -24.78 -3.96
N LYS B 63 -5.74 -25.30 -3.44
CA LYS B 63 -7.07 -25.07 -4.01
C LYS B 63 -7.43 -23.59 -4.05
N SER B 64 -6.98 -22.83 -3.03
CA SER B 64 -7.25 -21.37 -3.01
C SER B 64 -6.54 -20.65 -4.14
N PHE B 65 -5.33 -21.11 -4.45
CA PHE B 65 -4.55 -20.57 -5.57
C PHE B 65 -5.14 -20.90 -6.94
N ILE B 66 -5.57 -22.13 -7.14
CA ILE B 66 -6.22 -22.56 -8.38
C ILE B 66 -7.58 -21.86 -8.58
N ALA B 67 -8.34 -21.72 -7.50
CA ALA B 67 -9.58 -20.94 -7.54
C ALA B 67 -9.31 -19.50 -7.94
N THR B 68 -8.32 -18.89 -7.31
CA THR B 68 -7.85 -17.54 -7.66
C THR B 68 -7.48 -17.47 -9.16
N GLY B 69 -6.70 -18.45 -9.61
CA GLY B 69 -6.31 -18.58 -11.01
C GLY B 69 -7.51 -18.61 -11.96
N LEU B 70 -8.55 -19.37 -11.60
CA LEU B 70 -9.78 -19.49 -12.38
C LEU B 70 -10.59 -18.20 -12.40
N HIS B 71 -10.82 -17.64 -11.22
CA HIS B 71 -11.46 -16.32 -11.07
C HIS B 71 -10.77 -15.23 -11.89
N LEU B 72 -9.44 -15.29 -11.98
CA LEU B 72 -8.70 -14.36 -12.85
C LEU B 72 -9.16 -14.44 -14.32
N LEU B 73 -9.37 -15.65 -14.82
CA LEU B 73 -9.95 -15.85 -16.17
C LEU B 73 -11.38 -15.35 -16.26
N VAL B 74 -12.15 -15.52 -15.17
CA VAL B 74 -13.49 -14.97 -15.09
C VAL B 74 -13.47 -13.43 -15.25
N GLN B 75 -12.65 -12.74 -14.47
CA GLN B 75 -12.56 -11.27 -14.63
C GLN B 75 -11.96 -10.82 -15.98
N ASP B 76 -11.02 -11.59 -16.54
CA ASP B 76 -10.59 -11.41 -17.94
C ASP B 76 -11.75 -11.44 -18.95
N GLY B 77 -12.84 -12.15 -18.63
CA GLY B 77 -13.98 -12.30 -19.54
C GLY B 77 -13.96 -13.60 -20.31
N THR B 78 -13.04 -14.48 -19.97
CA THR B 78 -12.74 -15.69 -20.75
C THR B 78 -13.62 -16.86 -20.29
N VAL B 79 -13.94 -16.87 -19.00
CA VAL B 79 -14.73 -17.90 -18.37
C VAL B 79 -15.88 -17.21 -17.65
N ASP B 80 -17.05 -17.84 -17.67
CA ASP B 80 -18.21 -17.42 -16.89
C ASP B 80 -18.44 -18.48 -15.82
N LEU B 81 -18.62 -18.06 -14.57
CA LEU B 81 -18.82 -19.01 -13.47
C LEU B 81 -20.10 -19.84 -13.61
N ASP B 82 -21.04 -19.35 -14.41
CA ASP B 82 -22.33 -20.04 -14.55
C ASP B 82 -22.52 -20.79 -15.87
N GLU B 83 -21.46 -20.84 -16.69
CA GLU B 83 -21.51 -21.57 -17.95
C GLU B 83 -21.20 -23.05 -17.74
N PRO B 84 -21.84 -23.96 -18.53
CA PRO B 84 -21.61 -25.40 -18.37
C PRO B 84 -20.19 -25.83 -18.74
N ILE B 85 -19.62 -26.77 -17.99
CA ILE B 85 -18.24 -27.19 -18.27
C ILE B 85 -18.10 -28.06 -19.53
N THR B 86 -19.22 -28.34 -20.19
CA THR B 86 -19.20 -29.09 -21.45
C THR B 86 -18.31 -28.43 -22.50
N ARG B 87 -18.07 -27.12 -22.34
CA ARG B 87 -17.17 -26.38 -23.22
C ARG B 87 -15.79 -26.99 -23.24
N TRP B 88 -15.36 -27.53 -22.10
CA TRP B 88 -14.03 -28.14 -21.96
C TRP B 88 -14.09 -29.66 -21.86
N PHE B 89 -15.17 -30.17 -21.25
CA PHE B 89 -15.30 -31.60 -20.98
C PHE B 89 -16.66 -32.13 -21.49
N PRO B 90 -16.85 -32.15 -22.82
CA PRO B 90 -18.14 -32.51 -23.42
C PRO B 90 -18.59 -33.94 -23.11
N ASP B 91 -17.62 -34.83 -22.89
CA ASP B 91 -17.89 -36.24 -22.67
C ASP B 91 -17.99 -36.62 -21.20
N LEU B 92 -17.65 -35.71 -20.31
CA LEU B 92 -17.68 -36.02 -18.89
C LEU B 92 -19.12 -36.18 -18.40
N PRO B 93 -19.46 -37.33 -17.78
CA PRO B 93 -20.83 -37.56 -17.37
C PRO B 93 -21.40 -36.42 -16.52
N LYS B 94 -22.55 -35.91 -16.95
CA LYS B 94 -23.36 -34.89 -16.25
C LYS B 94 -22.77 -33.48 -16.35
N ALA B 95 -21.81 -33.29 -17.25
CA ALA B 95 -21.13 -32.00 -17.41
C ALA B 95 -22.08 -30.86 -17.81
N ALA B 96 -23.12 -31.18 -18.57
CA ALA B 96 -24.11 -30.17 -18.94
C ALA B 96 -24.84 -29.59 -17.73
N GLN B 97 -24.95 -30.37 -16.64
CA GLN B 97 -25.55 -29.85 -15.39
C GLN B 97 -24.53 -29.21 -14.44
N MET B 98 -23.29 -29.03 -14.90
CA MET B 98 -22.23 -28.52 -14.07
C MET B 98 -21.72 -27.18 -14.57
N PRO B 99 -22.17 -26.07 -13.93
CA PRO B 99 -21.58 -24.76 -14.21
C PRO B 99 -20.17 -24.72 -13.67
N VAL B 100 -19.32 -23.88 -14.27
CA VAL B 100 -17.93 -23.74 -13.82
C VAL B 100 -17.80 -23.61 -12.30
N ARG B 101 -18.67 -22.82 -11.67
CA ARG B 101 -18.60 -22.60 -10.21
C ARG B 101 -18.65 -23.89 -9.41
N ILE B 102 -19.31 -24.91 -9.98
CA ILE B 102 -19.52 -26.17 -9.25
C ILE B 102 -18.22 -26.98 -9.04
N LEU B 103 -17.20 -26.66 -9.83
CA LEU B 103 -15.87 -27.26 -9.67
C LEU B 103 -15.15 -26.78 -8.38
N LEU B 104 -15.59 -25.63 -7.87
CA LEU B 104 -14.88 -24.92 -6.81
C LEU B 104 -15.57 -25.00 -5.46
N ASN B 105 -16.87 -25.30 -5.46
CA ASN B 105 -17.71 -25.18 -4.26
C ASN B 105 -18.06 -26.51 -3.59
N HIS B 106 -17.47 -27.60 -4.04
CA HIS B 106 -17.63 -28.92 -3.41
C HIS B 106 -19.07 -29.44 -3.44
N ARG B 107 -19.79 -29.07 -4.50
CA ARG B 107 -21.17 -29.52 -4.67
C ARG B 107 -21.40 -30.18 -6.03
N SER B 108 -20.31 -30.53 -6.72
CA SER B 108 -20.40 -31.11 -8.06
C SER B 108 -20.94 -32.53 -8.09
N GLY B 109 -20.74 -33.27 -6.99
CA GLY B 109 -21.01 -34.70 -6.96
C GLY B 109 -20.04 -35.52 -7.77
N LEU B 110 -18.93 -34.90 -8.20
CA LEU B 110 -17.91 -35.58 -8.96
C LEU B 110 -17.30 -36.73 -8.14
N PRO B 111 -16.95 -37.83 -8.84
CA PRO B 111 -16.31 -38.96 -8.19
C PRO B 111 -14.90 -38.57 -7.79
N ASP B 112 -14.42 -39.02 -6.64
CA ASP B 112 -13.10 -38.59 -6.14
C ASP B 112 -11.99 -39.66 -6.21
N PHE B 113 -10.76 -39.18 -6.34
CA PHE B 113 -9.58 -40.06 -6.47
C PHE B 113 -8.81 -40.32 -5.18
N GLU B 114 -9.00 -39.48 -4.16
CA GLU B 114 -8.07 -39.47 -3.03
C GLU B 114 -8.14 -40.73 -2.18
N THR B 115 -9.36 -41.23 -1.96
CA THR B 115 -9.56 -42.47 -1.22
C THR B 115 -8.79 -43.70 -1.76
N SER B 116 -8.68 -43.88 -3.08
CA SER B 116 -7.96 -45.04 -3.59
C SER B 116 -6.62 -44.82 -4.35
N MET B 117 -6.21 -43.57 -4.55
CA MET B 117 -4.94 -43.30 -5.21
C MET B 117 -3.80 -43.80 -4.33
N PRO B 118 -2.86 -44.59 -4.90
CA PRO B 118 -1.71 -45.05 -4.11
C PRO B 118 -0.94 -43.88 -3.46
N MET B 119 -0.90 -43.93 -2.13
N MET B 119 -0.85 -43.89 -2.13
CA MET B 119 -0.24 -42.93 -1.28
CA MET B 119 -0.19 -42.80 -1.43
C MET B 119 1.27 -43.01 -1.44
C MET B 119 1.32 -43.00 -1.29
N ILE B 120 1.79 -44.22 -1.49
CA ILE B 120 3.22 -44.47 -1.59
C ILE B 120 3.55 -44.95 -3.01
N SER B 121 4.09 -44.05 -3.82
CA SER B 121 4.19 -44.31 -5.26
C SER B 121 5.28 -43.47 -5.89
N ASP B 122 5.88 -44.01 -6.94
CA ASP B 122 6.84 -43.28 -7.76
C ASP B 122 6.21 -42.80 -9.06
N LYS B 123 4.90 -42.93 -9.20
CA LYS B 123 4.24 -42.58 -10.45
C LYS B 123 4.12 -41.07 -10.68
N SER B 124 4.42 -40.68 -11.91
CA SER B 124 4.15 -39.35 -12.44
C SER B 124 2.75 -39.34 -13.09
N TRP B 125 1.84 -38.55 -12.53
CA TRP B 125 0.45 -38.54 -12.98
C TRP B 125 0.17 -37.37 -13.93
N THR B 126 -0.77 -37.62 -14.82
CA THR B 126 -1.27 -36.63 -15.75
C THR B 126 -2.64 -36.16 -15.21
N ALA B 127 -3.07 -34.93 -15.51
CA ALA B 127 -4.40 -34.45 -15.10
C ALA B 127 -5.51 -35.38 -15.59
N GLN B 128 -5.42 -35.77 -16.86
CA GLN B 128 -6.44 -36.63 -17.49
C GLN B 128 -6.41 -38.02 -16.87
N GLU B 129 -5.23 -38.52 -16.54
CA GLU B 129 -5.10 -39.78 -15.78
C GLU B 129 -5.83 -39.74 -14.43
N ILE B 130 -5.63 -38.66 -13.68
CA ILE B 130 -6.36 -38.43 -12.43
C ILE B 130 -7.87 -38.39 -12.63
N VAL B 131 -8.33 -37.72 -13.69
CA VAL B 131 -9.76 -37.64 -13.99
C VAL B 131 -10.29 -39.04 -14.30
N ASP B 132 -9.57 -39.77 -15.16
CA ASP B 132 -9.95 -41.14 -15.50
C ASP B 132 -9.97 -42.03 -14.25
N PHE B 133 -8.96 -41.88 -13.39
CA PHE B 133 -8.86 -42.61 -12.11
C PHE B 133 -10.06 -42.37 -11.22
N SER B 134 -10.49 -41.11 -11.14
CA SER B 134 -11.63 -40.73 -10.31
C SER B 134 -12.92 -41.42 -10.76
N PHE B 135 -13.13 -41.48 -12.07
CA PHE B 135 -14.31 -42.14 -12.61
C PHE B 135 -14.19 -43.65 -12.56
N ARG B 136 -12.96 -44.16 -12.58
CA ARG B 136 -12.72 -45.59 -12.44
C ARG B 136 -13.05 -46.09 -11.01
N HIS B 137 -12.68 -45.31 -10.00
CA HIS B 137 -12.66 -45.79 -8.61
C HIS B 137 -13.62 -45.06 -7.67
N GLY B 138 -14.06 -43.88 -8.06
CA GLY B 138 -14.88 -43.04 -7.19
C GLY B 138 -16.34 -43.19 -7.58
N VAL B 139 -17.20 -42.52 -6.83
CA VAL B 139 -18.66 -42.60 -6.98
C VAL B 139 -19.22 -41.23 -7.37
N GLN B 140 -19.91 -41.16 -8.51
CA GLN B 140 -20.50 -39.89 -8.94
C GLN B 140 -21.91 -39.73 -8.40
N LYS B 141 -22.19 -38.57 -7.80
CA LYS B 141 -23.53 -38.22 -7.34
C LYS B 141 -24.09 -37.12 -8.25
N GLU B 142 -25.27 -36.62 -7.92
CA GLU B 142 -25.90 -35.59 -8.75
C GLU B 142 -25.31 -34.23 -8.44
N PRO B 143 -25.00 -33.44 -9.49
CA PRO B 143 -24.66 -32.05 -9.24
C PRO B 143 -25.68 -31.41 -8.27
N TRP B 144 -25.16 -30.68 -7.29
CA TRP B 144 -25.96 -29.96 -6.28
C TRP B 144 -26.63 -30.84 -5.23
N HIS B 145 -26.22 -32.10 -5.12
CA HIS B 145 -26.79 -33.05 -4.13
C HIS B 145 -26.63 -32.54 -2.70
N GLY B 146 -25.56 -31.78 -2.48
CA GLY B 146 -25.20 -31.31 -1.16
C GLY B 146 -23.70 -31.16 -1.16
N MET B 147 -23.14 -30.78 -0.02
CA MET B 147 -21.70 -30.57 0.02
C MET B 147 -20.98 -31.89 0.29
N GLU B 148 -20.02 -32.17 -0.58
CA GLU B 148 -19.07 -33.25 -0.36
C GLU B 148 -17.71 -32.87 -0.96
N TYR B 149 -16.71 -32.72 -0.10
CA TYR B 149 -15.39 -32.27 -0.53
C TYR B 149 -14.88 -32.94 -1.80
N SER B 150 -14.55 -32.12 -2.79
CA SER B 150 -14.16 -32.65 -4.09
C SER B 150 -12.78 -32.17 -4.53
N ASN B 151 -11.86 -33.13 -4.67
CA ASN B 151 -10.55 -32.87 -5.26
C ASN B 151 -10.62 -32.78 -6.77
N THR B 152 -11.45 -33.64 -7.35
CA THR B 152 -11.60 -33.74 -8.79
C THR B 152 -12.04 -32.42 -9.42
N GLY B 153 -12.98 -31.72 -8.76
CA GLY B 153 -13.40 -30.38 -9.20
C GLY B 153 -12.24 -29.45 -9.46
N TYR B 154 -11.26 -29.49 -8.55
CA TYR B 154 -10.07 -28.64 -8.66
C TYR B 154 -9.12 -29.09 -9.71
N VAL B 155 -9.04 -30.41 -9.93
CA VAL B 155 -8.26 -30.91 -11.06
C VAL B 155 -8.82 -30.41 -12.42
N LEU B 156 -10.12 -30.53 -12.61
CA LEU B 156 -10.79 -29.98 -13.79
C LEU B 156 -10.61 -28.45 -13.92
N ALA B 157 -10.74 -27.72 -12.80
CA ALA B 157 -10.41 -26.28 -12.80
C ALA B 157 -9.02 -25.99 -13.40
N GLY B 158 -7.99 -26.72 -12.97
CA GLY B 158 -6.65 -26.54 -13.52
C GLY B 158 -6.59 -26.80 -15.03
N MET B 159 -7.41 -27.75 -15.48
CA MET B 159 -7.43 -28.13 -16.89
C MET B 159 -8.05 -27.02 -17.75
N ILE B 160 -9.09 -26.38 -17.23
CA ILE B 160 -9.63 -25.14 -17.83
C ILE B 160 -8.51 -24.08 -17.91
N ILE B 161 -7.82 -23.84 -16.80
CA ILE B 161 -6.74 -22.87 -16.80
C ILE B 161 -5.70 -23.21 -17.86
N ALA B 162 -5.27 -24.47 -17.88
CA ALA B 162 -4.28 -24.93 -18.87
C ALA B 162 -4.81 -24.72 -20.29
N HIS B 163 -6.10 -25.00 -20.51
CA HIS B 163 -6.65 -24.87 -21.85
C HIS B 163 -6.67 -23.41 -22.31
N GLU B 164 -7.24 -22.54 -21.50
CA GLU B 164 -7.44 -21.15 -21.90
C GLU B 164 -6.14 -20.40 -22.08
N THR B 165 -5.13 -20.79 -21.30
CA THR B 165 -3.84 -20.12 -21.31
C THR B 165 -2.84 -20.78 -22.26
N GLY B 166 -3.10 -22.01 -22.68
CA GLY B 166 -2.17 -22.73 -23.56
C GLY B 166 -0.82 -23.13 -22.93
N LYS B 167 -0.74 -23.03 -21.60
CA LYS B 167 0.44 -23.44 -20.82
C LYS B 167 0.00 -24.19 -19.55
N PRO B 168 0.91 -24.97 -18.91
CA PRO B 168 0.52 -25.64 -17.65
C PRO B 168 0.01 -24.59 -16.66
N TYR B 169 -0.97 -24.93 -15.82
CA TYR B 169 -1.55 -23.97 -14.86
C TYR B 169 -0.52 -23.30 -13.92
N SER B 170 0.65 -23.93 -13.77
CA SER B 170 1.77 -23.38 -13.01
C SER B 170 2.24 -22.00 -13.53
N ASP B 171 2.24 -21.85 -14.86
CA ASP B 171 2.60 -20.57 -15.48
C ASP B 171 1.62 -19.45 -15.14
N HIS B 172 0.33 -19.81 -15.10
CA HIS B 172 -0.74 -18.87 -14.78
C HIS B 172 -0.61 -18.38 -13.32
N LEU B 173 -0.45 -19.32 -12.41
CA LEU B 173 -0.25 -19.02 -10.99
C LEU B 173 1.03 -18.24 -10.72
N ARG B 174 2.12 -18.61 -11.38
CA ARG B 174 3.41 -17.91 -11.20
C ARG B 174 3.38 -16.49 -11.75
N SER B 175 2.95 -16.34 -13.01
CA SER B 175 2.98 -15.01 -13.67
C SER B 175 2.00 -13.99 -13.06
N ARG B 176 0.86 -14.47 -12.57
CA ARG B 176 -0.22 -13.59 -12.10
C ARG B 176 -0.46 -13.61 -10.59
N ILE B 177 0.23 -14.52 -9.90
CA ILE B 177 0.19 -14.50 -8.42
C ILE B 177 1.58 -14.42 -7.84
N PHE B 178 2.41 -15.45 -8.02
CA PHE B 178 3.66 -15.53 -7.26
C PHE B 178 4.62 -14.39 -7.57
N ALA B 179 4.84 -14.15 -8.86
CA ALA B 179 5.84 -13.17 -9.30
C ALA B 179 5.50 -11.71 -8.90
N PRO B 180 4.28 -11.22 -9.20
CA PRO B 180 3.92 -9.87 -8.73
C PRO B 180 3.98 -9.68 -7.22
N LEU B 181 3.76 -10.76 -6.47
CA LEU B 181 3.74 -10.66 -5.01
C LEU B 181 5.09 -10.91 -4.37
N GLY B 182 6.09 -11.29 -5.17
CA GLY B 182 7.42 -11.59 -4.64
C GLY B 182 7.46 -12.85 -3.79
N MET B 183 6.60 -13.82 -4.14
CA MET B 183 6.65 -15.15 -3.54
C MET B 183 7.74 -15.98 -4.23
N LYS B 184 8.92 -15.96 -3.61
CA LYS B 184 10.10 -16.58 -4.21
C LYS B 184 10.37 -17.97 -3.67
N ASP B 185 9.62 -18.37 -2.64
CA ASP B 185 9.77 -19.69 -2.05
C ASP B 185 8.52 -20.56 -2.25
N THR B 186 7.89 -20.39 -3.41
CA THR B 186 6.64 -21.07 -3.71
C THR B 186 6.75 -21.75 -5.07
N TRP B 187 6.36 -23.04 -5.13
CA TRP B 187 6.35 -23.79 -6.40
C TRP B 187 5.08 -24.61 -6.59
N VAL B 188 4.81 -24.96 -7.86
CA VAL B 188 3.68 -25.83 -8.21
C VAL B 188 4.25 -27.20 -8.58
N GLY B 189 4.02 -28.20 -7.71
CA GLY B 189 4.75 -29.48 -7.72
C GLY B 189 4.61 -30.44 -8.90
N THR B 190 3.48 -30.35 -9.59
CA THR B 190 3.26 -31.14 -10.80
C THR B 190 4.14 -30.68 -11.97
N HIS B 191 4.36 -29.37 -12.05
CA HIS B 191 4.97 -28.78 -13.22
C HIS B 191 6.31 -28.08 -12.97
N GLU B 192 6.70 -27.95 -11.71
CA GLU B 192 7.95 -27.23 -11.42
C GLU B 192 8.81 -28.04 -10.47
N THR B 193 10.12 -27.95 -10.62
CA THR B 193 11.04 -28.57 -9.67
C THR B 193 11.31 -27.57 -8.53
N PHE B 194 11.27 -28.07 -7.30
CA PHE B 194 11.53 -27.26 -6.12
C PHE B 194 12.74 -27.82 -5.37
N PRO B 195 13.45 -26.98 -4.59
CA PRO B 195 14.63 -27.53 -3.93
C PRO B 195 14.23 -28.42 -2.74
N ILE B 196 14.33 -29.74 -2.92
CA ILE B 196 13.95 -30.71 -1.89
C ILE B 196 14.79 -30.57 -0.60
N GLU B 197 16.03 -30.11 -0.74
CA GLU B 197 16.93 -29.94 0.40
C GLU B 197 16.40 -28.89 1.39
N ARG B 198 15.53 -28.00 0.90
CA ARG B 198 14.97 -26.94 1.72
C ARG B 198 13.68 -27.37 2.39
N GLU B 199 13.13 -28.51 1.98
CA GLU B 199 11.85 -28.97 2.51
C GLU B 199 11.99 -29.58 3.90
N ALA B 200 11.10 -29.17 4.80
CA ALA B 200 10.97 -29.81 6.10
C ALA B 200 10.51 -31.22 5.85
N ARG B 201 11.10 -32.17 6.56
CA ARG B 201 10.66 -33.55 6.42
C ARG B 201 9.27 -33.62 7.01
N GLY B 202 8.48 -34.56 6.51
CA GLY B 202 7.14 -34.80 7.05
C GLY B 202 7.11 -36.16 7.72
N TYR B 203 6.35 -36.26 8.79
CA TYR B 203 6.32 -37.48 9.60
C TYR B 203 4.90 -37.95 9.82
N MET B 204 4.66 -39.22 9.51
CA MET B 204 3.39 -39.87 9.84
C MET B 204 3.53 -40.63 11.16
N HIS B 205 2.59 -40.40 12.08
CA HIS B 205 2.71 -40.93 13.43
C HIS B 205 1.98 -42.25 13.64
N ALA B 206 2.74 -43.21 14.17
CA ALA B 206 2.26 -44.57 14.41
C ALA B 206 0.95 -44.57 15.17
N ALA B 207 -0.01 -45.30 14.60
CA ALA B 207 -1.39 -45.35 15.04
C ALA B 207 -1.58 -45.63 16.52
N ALA B 208 -2.39 -44.79 17.15
CA ALA B 208 -2.99 -45.03 18.47
C ALA B 208 -4.43 -44.55 18.38
N ASP B 209 -4.59 -43.24 18.13
CA ASP B 209 -5.89 -42.65 17.77
C ASP B 209 -6.07 -42.61 16.23
N ASP B 210 -5.13 -43.22 15.53
CA ASP B 210 -5.19 -43.38 14.09
C ASP B 210 -6.00 -44.65 13.79
N GLU B 211 -7.28 -44.61 14.17
CA GLU B 211 -8.18 -45.78 14.17
C GLU B 211 -8.49 -46.27 12.75
N ASN B 212 -9.05 -45.39 11.92
CA ASN B 212 -9.21 -45.69 10.50
C ASN B 212 -8.60 -44.64 9.57
N PRO B 213 -7.57 -45.04 8.80
CA PRO B 213 -6.85 -44.16 7.89
C PRO B 213 -7.69 -43.73 6.69
N GLN B 214 -7.43 -42.52 6.19
CA GLN B 214 -7.99 -42.03 4.95
C GLN B 214 -7.13 -42.48 3.76
N TRP B 215 -5.92 -42.94 4.07
CA TRP B 215 -4.94 -43.34 3.07
C TRP B 215 -4.54 -44.81 3.23
N ASP B 216 -3.63 -45.25 2.38
N ASP B 216 -3.57 -45.29 2.47
CA ASP B 216 -3.15 -46.63 2.35
CA ASP B 216 -3.21 -46.72 2.46
C ASP B 216 -1.62 -46.70 2.58
C ASP B 216 -2.15 -47.14 3.49
N VAL B 217 -1.22 -46.22 3.75
CA VAL B 217 0.14 -46.47 4.37
C VAL B 217 0.83 -47.87 4.31
N SER B 218 0.26 -48.84 3.61
CA SER B 218 0.91 -50.15 3.52
C SER B 218 2.21 -50.03 2.73
N GLY B 219 3.23 -50.78 3.16
CA GLY B 219 4.54 -50.79 2.50
C GLY B 219 5.39 -49.58 2.86
N ALA B 220 5.13 -49.01 4.02
CA ALA B 220 5.90 -47.87 4.54
C ALA B 220 7.19 -48.31 5.25
N GLY B 221 7.28 -49.60 5.52
CA GLY B 221 8.31 -50.16 6.39
C GLY B 221 7.77 -50.15 7.80
N ASP B 222 8.63 -49.80 8.75
CA ASP B 222 8.23 -49.64 10.16
C ASP B 222 8.74 -48.29 10.71
N PRO B 223 8.22 -47.84 11.88
CA PRO B 223 8.88 -46.81 12.68
C PRO B 223 10.40 -47.06 12.58
N VAL B 224 11.28 -46.09 12.81
CA VAL B 224 11.53 -45.38 14.07
C VAL B 224 10.61 -44.41 14.82
N ASP B 225 10.19 -44.88 15.99
CA ASP B 225 10.00 -44.04 17.17
C ASP B 225 9.04 -42.86 17.14
N GLY B 226 7.73 -43.06 17.05
CA GLY B 226 7.10 -44.15 16.32
C GLY B 226 6.54 -43.37 15.14
N VAL B 227 7.42 -43.04 14.19
CA VAL B 227 7.07 -42.22 13.05
C VAL B 227 7.68 -42.79 11.77
N TRP B 228 7.04 -42.52 10.65
CA TRP B 228 7.65 -42.72 9.34
C TRP B 228 7.97 -41.38 8.73
N ASP B 229 9.10 -41.29 8.06
CA ASP B 229 9.41 -40.14 7.25
C ASP B 229 8.67 -40.31 5.92
N SER B 230 7.55 -39.59 5.80
CA SER B 230 6.66 -39.69 4.65
C SER B 230 6.90 -38.63 3.57
N THR B 231 7.98 -37.84 3.69
CA THR B 231 8.19 -36.65 2.83
C THR B 231 8.06 -36.94 1.32
N GLU B 232 8.61 -38.06 0.90
CA GLU B 232 8.63 -38.42 -0.49
C GLU B 232 7.89 -39.74 -0.73
N TRP B 233 6.84 -39.98 0.06
CA TRP B 233 5.96 -41.12 -0.18
C TRP B 233 5.16 -40.84 -1.41
N PHE B 234 4.60 -39.63 -1.48
CA PHE B 234 3.52 -39.34 -2.41
C PHE B 234 4.00 -38.40 -3.51
N PRO B 235 3.76 -38.77 -4.76
CA PRO B 235 4.12 -37.88 -5.88
C PRO B 235 3.17 -36.68 -5.91
N LEU B 236 3.73 -35.47 -5.98
CA LEU B 236 2.93 -34.25 -5.94
C LEU B 236 1.97 -34.15 -7.12
N SER B 237 2.42 -34.62 -8.30
CA SER B 237 1.58 -34.74 -9.49
C SER B 237 0.32 -35.58 -9.27
N GLY B 238 0.36 -36.45 -8.25
CA GLY B 238 -0.81 -37.22 -7.85
C GLY B 238 -1.89 -36.38 -7.22
N ALA B 239 -1.53 -35.19 -6.74
CA ALA B 239 -2.53 -34.26 -6.20
C ALA B 239 -2.96 -33.24 -7.27
N ASN B 240 -2.02 -32.86 -8.14
CA ASN B 240 -2.28 -31.95 -9.25
C ASN B 240 -2.90 -30.64 -8.70
N ALA B 241 -3.83 -30.02 -9.43
CA ALA B 241 -4.43 -28.75 -9.02
C ALA B 241 -5.20 -28.83 -7.72
N ALA B 242 -5.40 -30.04 -7.21
CA ALA B 242 -6.09 -30.18 -5.90
C ALA B 242 -5.14 -30.04 -4.71
N GLY B 243 -3.83 -30.16 -4.92
CA GLY B 243 -2.87 -30.10 -3.80
C GLY B 243 -1.37 -30.22 -4.00
N ASP B 244 -0.86 -29.76 -5.14
CA ASP B 244 0.56 -29.94 -5.44
C ASP B 244 1.54 -28.79 -5.08
N MET B 245 1.10 -27.75 -4.38
CA MET B 245 2.02 -26.62 -4.16
C MET B 245 2.98 -26.80 -2.98
N VAL B 246 4.16 -26.19 -3.11
CA VAL B 246 5.19 -26.19 -2.07
C VAL B 246 5.45 -24.74 -1.75
N SER B 247 5.40 -24.37 -0.48
CA SER B 247 5.60 -22.98 -0.07
C SER B 247 6.14 -22.86 1.37
N THR B 248 6.33 -21.62 1.81
CA THR B 248 6.68 -21.28 3.18
C THR B 248 5.50 -20.59 3.81
N PRO B 249 5.36 -20.70 5.14
CA PRO B 249 4.30 -19.88 5.75
C PRO B 249 4.35 -18.36 5.41
N ARG B 250 5.56 -17.80 5.34
CA ARG B 250 5.76 -16.38 4.95
C ARG B 250 5.11 -16.04 3.60
N ASP B 251 5.40 -16.84 2.58
CA ASP B 251 4.86 -16.62 1.23
C ASP B 251 3.38 -16.73 1.21
N ILE B 252 2.84 -17.70 1.94
CA ILE B 252 1.38 -17.88 2.01
C ILE B 252 0.67 -16.65 2.58
N VAL B 253 1.25 -16.04 3.61
CA VAL B 253 0.70 -14.81 4.17
C VAL B 253 0.85 -13.65 3.15
N LYS B 254 1.90 -13.65 2.31
CA LYS B 254 1.98 -12.67 1.22
C LYS B 254 0.74 -12.77 0.31
N PHE B 255 0.42 -13.99 -0.11
CA PHE B 255 -0.81 -14.25 -0.87
C PHE B 255 -2.08 -13.82 -0.14
N LEU B 256 -2.25 -14.23 1.11
CA LEU B 256 -3.48 -13.93 1.85
C LEU B 256 -3.71 -12.43 1.99
N ASN B 257 -2.65 -11.70 2.34
CA ASN B 257 -2.74 -10.26 2.50
C ASN B 257 -3.20 -9.60 1.22
N ALA B 258 -2.56 -9.94 0.10
CA ALA B 258 -2.91 -9.38 -1.20
C ALA B 258 -4.32 -9.75 -1.67
N LEU B 259 -4.72 -11.00 -1.42
CA LEU B 259 -6.06 -11.48 -1.78
C LEU B 259 -7.17 -10.69 -1.06
N PHE B 260 -7.05 -10.61 0.26
CA PHE B 260 -8.07 -9.97 1.05
C PHE B 260 -7.99 -8.44 1.03
N ASP B 261 -6.83 -7.91 0.64
CA ASP B 261 -6.69 -6.45 0.43
C ASP B 261 -7.10 -6.01 -1.00
N GLY B 262 -7.57 -6.95 -1.82
CA GLY B 262 -8.10 -6.60 -3.15
C GLY B 262 -7.07 -6.38 -4.25
N ARG B 263 -5.85 -6.89 -4.03
CA ARG B 263 -4.78 -6.68 -4.99
C ARG B 263 -4.62 -7.76 -6.05
N ILE B 264 -5.45 -8.81 -5.99
CA ILE B 264 -5.37 -9.91 -6.97
C ILE B 264 -6.67 -10.02 -7.76
N LEU B 265 -7.76 -10.32 -7.04
CA LEU B 265 -9.09 -10.43 -7.62
C LEU B 265 -9.86 -9.13 -7.38
N ASP B 266 -10.76 -8.81 -8.31
CA ASP B 266 -11.61 -7.65 -8.18
C ASP B 266 -12.74 -8.02 -7.21
N GLN B 267 -13.54 -7.04 -6.82
CA GLN B 267 -14.46 -7.24 -5.70
C GLN B 267 -15.47 -8.35 -5.91
N LYS B 268 -16.02 -8.42 -7.11
CA LYS B 268 -16.99 -9.46 -7.45
C LYS B 268 -16.40 -10.88 -7.34
N ARG B 269 -15.22 -11.11 -7.89
CA ARG B 269 -14.58 -12.43 -7.81
C ARG B 269 -14.09 -12.78 -6.41
N LEU B 270 -13.57 -11.79 -5.71
CA LEU B 270 -13.25 -11.96 -4.29
C LEU B 270 -14.52 -12.29 -3.47
N TRP B 271 -15.63 -11.61 -3.76
CA TRP B 271 -16.93 -11.93 -3.17
C TRP B 271 -17.37 -13.39 -3.47
N GLU B 272 -17.22 -13.81 -4.73
CA GLU B 272 -17.50 -15.20 -5.12
C GLU B 272 -16.68 -16.20 -4.29
N MET B 273 -15.40 -15.90 -4.17
CA MET B 273 -14.45 -16.77 -3.50
C MET B 273 -14.73 -16.88 -2.00
N LYS B 274 -15.02 -15.76 -1.34
CA LYS B 274 -15.12 -15.73 0.12
C LYS B 274 -16.51 -15.55 0.73
N ASP B 275 -17.43 -14.92 0.00
CA ASP B 275 -18.71 -14.52 0.60
C ASP B 275 -19.93 -15.22 0.02
N ASN B 276 -19.78 -15.75 -1.19
CA ASN B 276 -20.85 -16.54 -1.81
C ASN B 276 -20.77 -17.99 -1.31
N ILE B 277 -21.26 -18.19 -0.09
CA ILE B 277 -20.98 -19.37 0.70
C ILE B 277 -22.23 -20.22 0.91
N LYS B 278 -21.99 -21.50 1.17
CA LYS B 278 -23.03 -22.44 1.64
C LYS B 278 -22.39 -23.31 2.73
N PRO B 279 -23.20 -24.01 3.56
CA PRO B 279 -22.60 -24.89 4.58
C PRO B 279 -21.62 -25.91 4.01
N ALA B 280 -20.59 -26.25 4.80
CA ALA B 280 -19.57 -27.20 4.38
C ALA B 280 -19.02 -28.06 5.53
N PHE B 281 -18.66 -29.30 5.18
CA PHE B 281 -18.10 -30.27 6.12
C PHE B 281 -16.73 -30.72 5.63
N PHE B 282 -15.80 -30.85 6.56
CA PHE B 282 -14.58 -31.63 6.31
C PHE B 282 -14.24 -32.37 7.61
N PRO B 283 -14.11 -33.70 7.56
CA PRO B 283 -14.05 -34.48 8.81
C PRO B 283 -12.81 -34.15 9.67
N GLY B 284 -13.05 -33.96 10.96
CA GLY B 284 -12.00 -33.61 11.92
C GLY B 284 -11.70 -32.11 12.03
N SER B 285 -12.26 -31.31 11.13
CA SER B 285 -11.84 -29.91 11.01
C SER B 285 -12.79 -28.96 11.74
N ASN B 286 -12.54 -27.66 11.61
CA ASN B 286 -13.43 -26.61 12.13
C ASN B 286 -14.27 -25.95 11.01
N THR B 287 -14.36 -26.62 9.86
CA THR B 287 -15.06 -26.07 8.68
C THR B 287 -16.54 -26.03 8.92
N VAL B 288 -17.16 -24.88 8.60
CA VAL B 288 -18.62 -24.74 8.71
C VAL B 288 -19.28 -24.32 7.38
N ALA B 289 -18.47 -23.85 6.43
CA ALA B 289 -18.94 -23.30 5.17
C ALA B 289 -17.79 -23.18 4.17
N ASN B 290 -18.16 -23.00 2.91
CA ASN B 290 -17.19 -22.68 1.87
C ASN B 290 -17.80 -21.78 0.79
N GLY B 291 -16.94 -21.02 0.12
CA GLY B 291 -17.31 -20.21 -1.03
C GLY B 291 -16.85 -20.91 -2.29
N HIS B 292 -16.01 -20.24 -3.06
CA HIS B 292 -15.44 -20.79 -4.29
C HIS B 292 -13.92 -20.65 -4.25
N GLY B 293 -13.30 -21.46 -3.39
CA GLY B 293 -11.84 -21.51 -3.20
C GLY B 293 -11.38 -21.24 -1.77
N LEU B 294 -12.33 -20.94 -0.89
CA LEU B 294 -12.02 -20.68 0.52
C LEU B 294 -12.99 -21.43 1.42
N LEU B 295 -12.45 -22.00 2.48
CA LEU B 295 -13.27 -22.57 3.55
C LEU B 295 -13.46 -21.55 4.67
N LEU B 296 -14.63 -21.59 5.32
CA LEU B 296 -14.85 -20.85 6.55
C LEU B 296 -14.63 -21.79 7.73
N MET B 297 -13.63 -21.50 8.57
CA MET B 297 -13.30 -22.40 9.70
C MET B 297 -13.38 -21.65 11.05
N ARG B 298 -14.18 -22.16 11.97
CA ARG B 298 -14.44 -21.47 13.24
C ARG B 298 -13.49 -21.81 14.39
N TYR B 299 -13.05 -20.77 15.08
CA TYR B 299 -12.11 -20.88 16.20
C TYR B 299 -12.65 -20.05 17.34
N GLY B 300 -13.64 -20.61 18.03
CA GLY B 300 -14.37 -19.89 19.07
C GLY B 300 -15.05 -18.65 18.52
N SER B 301 -14.64 -17.50 19.04
CA SER B 301 -15.13 -16.20 18.60
C SER B 301 -14.43 -15.71 17.33
N SER B 302 -13.36 -16.38 16.93
CA SER B 302 -12.68 -16.07 15.68
C SER B 302 -13.09 -17.04 14.56
N GLU B 303 -12.88 -16.60 13.33
CA GLU B 303 -13.18 -17.38 12.14
C GLU B 303 -12.13 -17.11 11.09
N LEU B 304 -11.65 -18.16 10.44
CA LEU B 304 -10.69 -17.99 9.36
C LEU B 304 -11.38 -18.29 8.04
N LYS B 305 -11.08 -17.46 7.04
CA LYS B 305 -11.43 -17.71 5.65
C LYS B 305 -10.13 -18.12 4.99
N GLY B 306 -10.03 -19.38 4.62
CA GLY B 306 -8.78 -19.89 4.07
C GLY B 306 -8.93 -21.32 3.65
N HIS B 307 -8.13 -22.20 4.26
CA HIS B 307 -8.11 -23.61 3.88
C HIS B 307 -7.25 -24.42 4.82
N LEU B 308 -7.51 -25.73 4.85
CA LEU B 308 -6.72 -26.71 5.58
C LEU B 308 -6.03 -27.53 4.51
N GLY B 309 -4.92 -28.13 4.84
CA GLY B 309 -4.23 -28.99 3.91
C GLY B 309 -3.75 -30.21 4.66
N GLN B 310 -3.98 -31.39 4.09
CA GLN B 310 -3.43 -32.62 4.67
C GLN B 310 -2.83 -33.48 3.57
N ILE B 311 -1.52 -33.67 3.63
CA ILE B 311 -0.77 -34.52 2.70
C ILE B 311 0.25 -35.24 3.60
N PRO B 312 0.55 -36.52 3.33
CA PRO B 312 1.29 -37.32 4.31
C PRO B 312 2.41 -36.58 5.04
N GLY B 313 2.18 -36.27 6.32
CA GLY B 313 3.21 -35.70 7.17
C GLY B 313 3.32 -34.18 7.25
N HIS B 314 2.60 -33.46 6.37
CA HIS B 314 2.55 -31.99 6.42
C HIS B 314 1.11 -31.54 6.59
N THR B 315 0.82 -30.92 7.73
CA THR B 315 -0.55 -30.55 8.08
C THR B 315 -0.65 -29.04 8.27
N SER B 316 -1.51 -28.41 7.47
CA SER B 316 -1.50 -26.95 7.34
C SER B 316 -2.86 -26.32 7.56
N ILE B 317 -2.84 -25.09 8.11
CA ILE B 317 -4.04 -24.25 8.22
C ILE B 317 -3.67 -22.84 7.84
N MET B 318 -4.35 -22.32 6.81
CA MET B 318 -4.17 -20.92 6.42
C MET B 318 -5.49 -20.12 6.43
N GLY B 319 -5.38 -18.80 6.59
CA GLY B 319 -6.57 -17.98 6.51
C GLY B 319 -6.42 -16.57 7.02
N ARG B 320 -7.39 -15.74 6.67
CA ARG B 320 -7.54 -14.41 7.25
C ARG B 320 -8.75 -14.41 8.17
N ASP B 321 -8.59 -13.81 9.34
CA ASP B 321 -9.70 -13.46 10.24
C ASP B 321 -10.16 -12.08 9.82
N GLU B 322 -11.19 -12.02 8.97
CA GLU B 322 -11.66 -10.76 8.31
C GLU B 322 -12.03 -9.66 9.29
N GLU B 323 -12.33 -10.04 10.52
CA GLU B 323 -12.71 -9.11 11.56
C GLU B 323 -11.53 -8.31 12.06
N THR B 324 -10.44 -9.01 12.39
CA THR B 324 -9.25 -8.37 12.94
C THR B 324 -8.23 -8.03 11.85
N GLY B 325 -8.44 -8.59 10.67
CA GLY B 325 -7.53 -8.36 9.56
C GLY B 325 -6.30 -9.23 9.64
N ALA B 326 -6.26 -10.14 10.61
CA ALA B 326 -5.10 -11.03 10.84
C ALA B 326 -5.00 -12.18 9.84
N ALA B 327 -3.86 -12.30 9.18
CA ALA B 327 -3.63 -13.38 8.23
C ALA B 327 -2.56 -14.34 8.75
N LEU B 328 -2.80 -15.64 8.62
CA LEU B 328 -1.86 -16.63 9.14
C LEU B 328 -1.76 -17.89 8.28
N MET B 329 -0.59 -18.51 8.37
CA MET B 329 -0.38 -19.84 7.86
C MET B 329 0.42 -20.57 8.93
N LEU B 330 -0.14 -21.67 9.42
CA LEU B 330 0.55 -22.52 10.39
C LEU B 330 0.69 -23.89 9.75
N ILE B 331 1.91 -24.40 9.70
CA ILE B 331 2.13 -25.75 9.16
C ILE B 331 2.96 -26.59 10.13
N GLN B 332 2.53 -27.81 10.42
CA GLN B 332 3.36 -28.75 11.21
C GLN B 332 3.79 -29.91 10.32
N ASN B 333 4.97 -30.44 10.58
CA ASN B 333 5.47 -31.62 9.87
C ASN B 333 5.16 -32.92 10.61
N SER B 334 4.03 -32.92 11.30
CA SER B 334 3.41 -34.13 11.82
C SER B 334 2.01 -34.31 11.16
N GLY B 335 1.72 -35.54 10.78
CA GLY B 335 0.37 -35.94 10.40
C GLY B 335 0.06 -37.36 10.82
N ALA B 336 -1.17 -37.79 10.54
CA ALA B 336 -1.54 -39.21 10.65
C ALA B 336 -2.54 -39.56 9.53
N GLY B 337 -3.07 -40.78 9.59
CA GLY B 337 -4.01 -41.26 8.58
C GLY B 337 -5.45 -40.86 8.87
N ASP B 338 -5.84 -40.96 10.15
CA ASP B 338 -7.22 -40.83 10.55
C ASP B 338 -7.52 -39.35 10.74
N PHE B 339 -8.66 -38.89 10.22
CA PHE B 339 -9.08 -37.49 10.34
C PHE B 339 -9.24 -37.00 11.76
N GLU B 340 -9.59 -37.91 12.66
CA GLU B 340 -9.85 -37.57 14.04
C GLU B 340 -8.62 -37.82 14.90
N SER B 341 -7.53 -38.26 14.29
CA SER B 341 -6.25 -38.38 14.99
C SER B 341 -5.74 -37.00 15.40
N PHE B 342 -5.21 -36.90 16.62
CA PHE B 342 -4.61 -35.67 17.11
C PHE B 342 -3.63 -35.04 16.11
N TYR B 343 -2.86 -35.87 15.43
CA TYR B 343 -1.82 -35.39 14.50
C TYR B 343 -2.35 -34.77 13.18
N LEU B 344 -3.65 -34.92 12.93
CA LEU B 344 -4.29 -34.17 11.86
C LEU B 344 -5.17 -33.10 12.46
N LYS B 345 -6.21 -33.53 13.17
CA LYS B 345 -7.22 -32.69 13.79
C LYS B 345 -6.64 -31.68 14.76
N GLY B 346 -5.60 -32.07 15.49
CA GLY B 346 -5.04 -31.20 16.53
C GLY B 346 -4.31 -29.96 16.01
N VAL B 347 -4.04 -29.89 14.70
CA VAL B 347 -3.42 -28.71 14.10
C VAL B 347 -4.28 -27.47 14.38
N ASN B 348 -5.58 -27.70 14.56
CA ASN B 348 -6.55 -26.64 14.87
C ASN B 348 -6.42 -26.07 16.28
N GLU B 349 -5.85 -26.87 17.19
CA GLU B 349 -5.66 -26.40 18.58
C GLU B 349 -4.75 -25.16 18.69
N PRO B 350 -3.48 -25.21 18.21
CA PRO B 350 -2.65 -24.00 18.29
C PRO B 350 -3.15 -22.79 17.51
N VAL B 351 -3.91 -23.02 16.42
CA VAL B 351 -4.55 -21.92 15.69
C VAL B 351 -5.60 -21.23 16.56
N ASP B 352 -6.45 -22.02 17.20
CA ASP B 352 -7.45 -21.53 18.15
C ASP B 352 -6.76 -20.71 19.23
N ARG B 353 -5.68 -21.25 19.79
CA ARG B 353 -4.93 -20.59 20.85
C ARG B 353 -4.28 -19.29 20.37
N VAL B 354 -3.68 -19.32 19.18
CA VAL B 354 -3.06 -18.12 18.61
C VAL B 354 -4.07 -16.99 18.41
N LEU B 355 -5.22 -17.33 17.84
CA LEU B 355 -6.29 -16.34 17.60
C LEU B 355 -6.84 -15.76 18.91
N GLU B 356 -7.03 -16.61 19.92
CA GLU B 356 -7.41 -16.20 21.29
C GLU B 356 -6.38 -15.20 21.87
N ALA B 357 -5.09 -15.50 21.69
CA ALA B 357 -3.99 -14.65 22.18
C ALA B 357 -3.98 -13.26 21.53
N ILE B 358 -4.32 -13.22 20.24
CA ILE B 358 -4.47 -11.96 19.50
C ILE B 358 -5.65 -11.13 20.05
N LYS B 359 -6.81 -11.78 20.22
CA LYS B 359 -8.01 -11.12 20.76
C LYS B 359 -7.81 -10.54 22.17
N ASN B 360 -7.13 -11.30 23.02
CA ASN B 360 -6.88 -10.88 24.40
C ASN B 360 -5.81 -9.80 24.53
N SER B 361 -4.86 -9.76 23.59
CA SER B 361 -3.88 -8.69 23.56
C SER B 361 -4.50 -7.36 23.09
N ARG B 362 -5.52 -7.46 22.24
CA ARG B 362 -6.28 -6.31 21.76
C ARG B 362 -7.60 -6.19 22.54
N SER B 363 -7.52 -6.20 23.87
CA SER B 363 -8.70 -6.26 24.73
C SER B 363 -8.66 -5.24 25.87
N ASP C 3 6.98 27.62 20.62
CA ASP C 3 6.38 26.89 19.46
C ASP C 3 7.21 25.66 19.04
N LEU C 4 8.46 25.90 18.64
CA LEU C 4 9.32 24.83 18.07
C LEU C 4 9.70 23.78 19.11
N ASN C 5 10.07 24.23 20.31
CA ASN C 5 10.39 23.35 21.43
C ASN C 5 9.27 22.34 21.70
N ASN C 6 8.03 22.83 21.71
CA ASN C 6 6.85 21.99 21.96
C ASN C 6 6.59 21.02 20.81
N ALA C 7 6.70 21.53 19.58
CA ALA C 7 6.58 20.72 18.37
C ALA C 7 7.63 19.60 18.30
N ILE C 8 8.88 19.89 18.67
CA ILE C 8 9.95 18.89 18.68
C ILE C 8 9.69 17.84 19.75
N GLN C 9 9.26 18.30 20.93
CA GLN C 9 8.92 17.39 22.03
C GLN C 9 7.77 16.46 21.62
N GLY C 10 6.77 17.02 20.95
CA GLY C 10 5.65 16.24 20.42
C GLY C 10 6.12 15.18 19.44
N ILE C 11 7.01 15.55 18.53
CA ILE C 11 7.56 14.61 17.55
C ILE C 11 8.18 13.38 18.23
N LEU C 12 8.99 13.64 19.27
CA LEU C 12 9.71 12.60 20.00
C LEU C 12 8.78 11.72 20.80
N ASP C 13 7.86 12.36 21.54
CA ASP C 13 6.84 11.66 22.31
C ASP C 13 6.02 10.67 21.47
N ASP C 14 5.64 11.11 20.27
CA ASP C 14 4.88 10.31 19.32
C ASP C 14 5.66 9.11 18.78
N HIS C 15 6.97 9.27 18.67
CA HIS C 15 7.86 8.22 18.16
C HIS C 15 8.00 7.14 19.23
N VAL C 16 8.25 7.56 20.46
CA VAL C 16 8.35 6.61 21.56
C VAL C 16 7.03 5.85 21.76
N ALA C 17 5.91 6.56 21.54
CA ALA C 17 4.57 5.98 21.64
C ALA C 17 4.38 4.83 20.66
N ARG C 18 5.13 4.91 19.54
CA ARG C 18 5.05 3.91 18.49
C ARG C 18 5.80 2.62 18.80
N GLY C 19 6.47 2.56 19.94
CA GLY C 19 7.18 1.36 20.34
C GLY C 19 8.67 1.53 20.58
N VAL C 20 9.21 2.69 20.20
CA VAL C 20 10.59 3.05 20.51
C VAL C 20 10.74 3.32 22.02
N VAL C 21 11.72 2.67 22.65
CA VAL C 21 11.94 2.74 24.10
C VAL C 21 12.27 4.15 24.60
N GLY C 22 13.22 4.80 23.93
CA GLY C 22 13.66 6.15 24.29
C GLY C 22 14.42 6.83 23.16
N VAL C 23 14.44 8.16 23.18
CA VAL C 23 15.13 8.97 22.18
C VAL C 23 15.85 10.12 22.88
N SER C 24 16.97 10.55 22.31
CA SER C 24 17.69 11.72 22.78
C SER C 24 18.15 12.53 21.56
N LEU C 25 17.75 13.80 21.56
CA LEU C 25 18.05 14.73 20.48
C LEU C 25 18.83 15.95 20.96
N ALA C 26 19.85 16.33 20.17
CA ALA C 26 20.47 17.63 20.29
C ALA C 26 20.25 18.35 18.97
N LEU C 27 19.83 19.60 19.06
CA LEU C 27 19.58 20.45 17.91
C LEU C 27 20.15 21.85 18.16
N CYS C 28 20.93 22.35 17.21
CA CYS C 28 21.39 23.71 17.26
C CYS C 28 20.95 24.45 16.00
N LEU C 29 20.44 25.67 16.17
CA LEU C 29 20.12 26.51 15.05
C LEU C 29 21.15 27.64 14.96
N PRO C 30 21.39 28.20 13.76
CA PRO C 30 22.46 29.18 13.61
C PRO C 30 22.20 30.44 14.44
N GLY C 31 23.26 30.96 15.05
CA GLY C 31 23.14 32.09 15.99
C GLY C 31 22.61 31.73 17.36
N GLU C 32 22.29 30.45 17.56
CA GLU C 32 21.79 29.98 18.85
C GLU C 32 22.71 28.98 19.54
N GLU C 33 22.29 28.53 20.72
CA GLU C 33 22.99 27.52 21.48
C GLU C 33 22.18 26.25 21.38
N THR C 34 22.85 25.12 21.55
CA THR C 34 22.25 23.80 21.39
C THR C 34 21.15 23.56 22.41
N SER C 35 20.00 23.09 21.93
CA SER C 35 18.88 22.63 22.75
C SER C 35 18.79 21.10 22.78
N LEU C 36 18.48 20.58 23.96
CA LEU C 36 18.38 19.16 24.21
C LEU C 36 16.93 18.72 24.45
N TYR C 37 16.56 17.57 23.89
CA TYR C 37 15.23 17.01 24.09
C TYR C 37 15.31 15.50 24.24
N GLN C 38 14.52 14.97 25.16
CA GLN C 38 14.42 13.53 25.34
C GLN C 38 12.97 13.13 25.53
N SER C 39 12.71 11.85 25.30
CA SER C 39 11.43 11.23 25.55
C SER C 39 11.77 9.79 25.90
N GLY C 40 10.93 9.16 26.71
CA GLY C 40 11.07 7.76 27.07
C GLY C 40 12.19 7.43 28.03
N TYR C 41 12.68 6.20 27.93
CA TYR C 41 13.57 5.63 28.93
C TYR C 41 14.97 5.29 28.42
N ALA C 42 15.97 5.57 29.25
CA ALA C 42 17.32 5.04 29.10
C ALA C 42 17.39 3.57 29.51
N ASP C 43 16.51 3.19 30.44
CA ASP C 43 16.49 1.83 30.99
C ASP C 43 15.03 1.41 31.04
N LYS C 44 14.67 0.45 30.17
CA LYS C 44 13.28 0.04 30.00
C LYS C 44 12.74 -0.66 31.23
N PHE C 45 13.57 -1.47 31.87
CA PHE C 45 13.14 -2.32 32.98
C PHE C 45 13.22 -1.60 34.33
N ASN C 46 14.34 -0.93 34.59
CA ASN C 46 14.51 -0.12 35.80
C ASN C 46 13.85 1.24 35.71
N LYS C 47 13.07 1.47 34.66
CA LYS C 47 12.26 2.68 34.50
C LYS C 47 13.02 4.01 34.60
N MET C 48 14.28 4.02 34.19
CA MET C 48 15.11 5.23 34.20
C MET C 48 14.85 6.10 32.98
N PRO C 49 14.38 7.35 33.20
CA PRO C 49 14.07 8.27 32.11
C PRO C 49 15.32 8.72 31.34
N MET C 50 15.15 8.99 30.04
CA MET C 50 16.23 9.44 29.17
C MET C 50 16.58 10.89 29.48
N THR C 51 17.86 11.17 29.64
CA THR C 51 18.37 12.53 29.81
C THR C 51 19.42 12.84 28.74
N GLY C 52 19.80 14.12 28.64
CA GLY C 52 20.76 14.57 27.63
C GLY C 52 22.21 14.26 28.00
N ASP C 53 22.38 13.61 29.15
CA ASP C 53 23.69 13.15 29.58
C ASP C 53 23.91 11.66 29.34
N HIS C 54 22.86 10.93 28.96
CA HIS C 54 23.02 9.53 28.60
C HIS C 54 23.91 9.35 27.37
N LEU C 55 24.81 8.39 27.48
CA LEU C 55 25.75 8.04 26.42
C LEU C 55 25.13 6.99 25.50
N PHE C 56 25.50 7.02 24.22
CA PHE C 56 25.06 6.02 23.24
C PHE C 56 26.27 5.60 22.41
N ARG C 57 26.24 4.36 21.92
CA ARG C 57 27.15 3.94 20.87
C ARG C 57 26.64 4.57 19.56
N ILE C 58 27.47 5.41 18.95
CA ILE C 58 27.04 6.16 17.74
C ILE C 58 27.32 5.33 16.48
N ALA C 59 28.03 4.21 16.66
CA ALA C 59 28.26 3.27 15.56
C ALA C 59 28.93 3.99 14.37
N SER C 60 28.38 3.85 13.17
CA SER C 60 29.05 4.37 11.97
C SER C 60 29.23 5.89 11.92
N CYS C 61 28.57 6.64 12.82
CA CYS C 61 28.86 8.09 12.91
C CYS C 61 30.35 8.31 13.26
N THR C 62 30.98 7.28 13.84
CA THR C 62 32.43 7.21 14.10
C THR C 62 33.21 7.52 12.83
N LYS C 63 32.64 7.10 11.69
CA LYS C 63 33.33 7.25 10.40
C LYS C 63 33.63 8.70 10.09
N SER C 64 32.74 9.61 10.45
CA SER C 64 32.97 11.02 10.21
C SER C 64 34.19 11.54 10.99
N PHE C 65 34.43 10.99 12.17
CA PHE C 65 35.58 11.40 13.00
C PHE C 65 36.88 10.81 12.48
N ILE C 66 36.81 9.54 12.05
CA ILE C 66 37.97 8.90 11.43
C ILE C 66 38.34 9.61 10.14
N ALA C 67 37.34 9.89 9.29
CA ALA C 67 37.60 10.67 8.09
C ALA C 67 38.26 12.02 8.43
N THR C 68 37.67 12.76 9.38
CA THR C 68 38.25 14.05 9.81
C THR C 68 39.71 13.87 10.25
N GLY C 69 39.99 12.82 11.01
CA GLY C 69 41.34 12.55 11.50
C GLY C 69 42.32 12.27 10.38
N LEU C 70 41.88 11.55 9.34
CA LEU C 70 42.74 11.29 8.20
C LEU C 70 42.93 12.58 7.36
N HIS C 71 41.88 13.38 7.21
CA HIS C 71 41.99 14.68 6.53
C HIS C 71 42.94 15.64 7.27
N LEU C 72 42.98 15.59 8.60
CA LEU C 72 44.00 16.35 9.35
C LEU C 72 45.45 15.99 8.98
N LEU C 73 45.71 14.70 8.81
CA LEU C 73 47.03 14.22 8.40
C LEU C 73 47.33 14.64 6.97
N VAL C 74 46.29 14.78 6.17
CA VAL C 74 46.42 15.34 4.82
C VAL C 74 46.88 16.81 4.92
N GLN C 75 46.19 17.60 5.74
CA GLN C 75 46.60 19.00 5.98
C GLN C 75 48.00 19.09 6.52
N ASP C 76 48.36 18.20 7.46
CA ASP C 76 49.69 18.16 8.03
C ASP C 76 50.75 17.85 6.98
N GLY C 77 50.36 17.22 5.88
CA GLY C 77 51.30 16.92 4.77
C GLY C 77 51.86 15.51 4.71
N THR C 78 51.48 14.64 5.66
CA THR C 78 52.02 13.26 5.69
C THR C 78 51.32 12.28 4.75
N VAL C 79 50.10 12.62 4.36
CA VAL C 79 49.20 11.75 3.63
C VAL C 79 48.61 12.55 2.47
N ASP C 80 48.51 11.89 1.31
CA ASP C 80 47.94 12.46 0.11
C ASP C 80 46.70 11.62 -0.24
N LEU C 81 45.54 12.25 -0.34
CA LEU C 81 44.28 11.52 -0.65
C LEU C 81 44.37 10.69 -1.95
N ASP C 82 45.32 11.03 -2.81
CA ASP C 82 45.46 10.34 -4.10
C ASP C 82 46.64 9.35 -4.25
N GLU C 83 47.45 9.23 -3.20
CA GLU C 83 48.54 8.26 -3.23
C GLU C 83 48.02 6.84 -2.90
N PRO C 84 48.66 5.80 -3.47
CA PRO C 84 48.21 4.42 -3.25
C PRO C 84 48.45 3.95 -1.79
N ILE C 85 47.56 3.13 -1.27
CA ILE C 85 47.70 2.66 0.11
C ILE C 85 48.72 1.51 0.27
N THR C 86 49.36 1.12 -0.83
CA THR C 86 50.44 0.14 -0.75
C THR C 86 51.55 0.61 0.20
N ARG C 87 51.64 1.93 0.41
CA ARG C 87 52.61 2.54 1.33
C ARG C 87 52.46 1.96 2.73
N TRP C 88 51.20 1.70 3.12
CA TRP C 88 50.88 1.16 4.43
C TRP C 88 50.54 -0.33 4.39
N PHE C 89 49.97 -0.77 3.28
CA PHE C 89 49.48 -2.15 3.17
C PHE C 89 50.02 -2.82 1.90
N PRO C 90 51.35 -3.02 1.80
CA PRO C 90 51.92 -3.63 0.57
C PRO C 90 51.47 -5.07 0.28
N ASP C 91 51.00 -5.78 1.30
CA ASP C 91 50.52 -7.16 1.19
C ASP C 91 49.01 -7.28 0.92
N LEU C 92 48.34 -6.15 0.75
CA LEU C 92 46.89 -6.14 0.60
C LEU C 92 46.50 -6.22 -0.87
N PRO C 93 45.70 -7.23 -1.25
CA PRO C 93 45.38 -7.37 -2.66
C PRO C 93 44.69 -6.14 -3.27
N LYS C 94 45.18 -5.74 -4.44
CA LYS C 94 44.69 -4.60 -5.23
C LYS C 94 44.98 -3.25 -4.58
N ALA C 95 45.86 -3.23 -3.58
CA ALA C 95 46.16 -1.99 -2.87
C ALA C 95 46.79 -0.93 -3.80
N ALA C 96 47.52 -1.38 -4.81
CA ALA C 96 48.10 -0.49 -5.80
C ALA C 96 47.02 0.32 -6.54
N GLN C 97 45.81 -0.21 -6.58
CA GLN C 97 44.70 0.43 -7.28
C GLN C 97 43.77 1.19 -6.34
N MET C 98 44.22 1.37 -5.10
CA MET C 98 43.44 2.05 -4.06
C MET C 98 44.14 3.30 -3.57
N PRO C 99 43.74 4.48 -4.07
CA PRO C 99 44.20 5.75 -3.53
C PRO C 99 43.60 5.90 -2.13
N VAL C 100 44.27 6.68 -1.28
CA VAL C 100 43.82 6.86 0.12
C VAL C 100 42.32 7.21 0.22
N ARG C 101 41.84 8.09 -0.67
CA ARG C 101 40.46 8.56 -0.61
C ARG C 101 39.42 7.44 -0.74
N ILE C 102 39.80 6.35 -1.44
CA ILE C 102 38.88 5.25 -1.72
C ILE C 102 38.51 4.48 -0.44
N LEU C 103 39.28 4.69 0.62
CA LEU C 103 39.01 4.09 1.92
C LEU C 103 37.83 4.77 2.58
N LEU C 104 37.60 6.01 2.17
CA LEU C 104 36.62 6.92 2.80
C LEU C 104 35.30 7.05 2.06
N ASN C 105 35.32 6.74 0.76
CA ASN C 105 34.21 7.03 -0.17
C ASN C 105 33.33 5.85 -0.57
N HIS C 106 33.55 4.70 0.09
CA HIS C 106 32.74 3.49 -0.08
C HIS C 106 32.78 2.89 -1.49
N ARG C 107 33.88 3.12 -2.18
CA ARG C 107 34.08 2.57 -3.51
C ARG C 107 35.32 1.68 -3.60
N SER C 108 35.82 1.21 -2.47
CA SER C 108 37.11 0.49 -2.48
C SER C 108 36.95 -0.91 -3.03
N GLY C 109 35.75 -1.45 -2.93
CA GLY C 109 35.51 -2.87 -3.25
C GLY C 109 36.09 -3.82 -2.21
N LEU C 110 36.51 -3.28 -1.06
CA LEU C 110 37.06 -4.13 0.00
C LEU C 110 36.04 -5.14 0.54
N PRO C 111 36.50 -6.35 0.90
CA PRO C 111 35.58 -7.31 1.47
C PRO C 111 35.18 -6.83 2.88
N ASP C 112 33.92 -7.03 3.26
CA ASP C 112 33.41 -6.51 4.54
C ASP C 112 33.27 -7.57 5.61
N PHE C 113 33.37 -7.16 6.88
CA PHE C 113 33.30 -8.06 8.02
C PHE C 113 31.96 -8.04 8.75
N GLU C 114 31.18 -6.98 8.60
CA GLU C 114 30.12 -6.70 9.59
C GLU C 114 29.03 -7.75 9.61
N THR C 115 28.77 -8.34 8.45
CA THR C 115 27.66 -9.27 8.29
C THR C 115 27.91 -10.65 8.86
N SER C 116 29.17 -11.00 9.12
CA SER C 116 29.50 -12.33 9.66
C SER C 116 30.24 -12.31 10.98
N MET C 117 30.65 -11.12 11.42
CA MET C 117 31.27 -11.00 12.73
C MET C 117 30.22 -11.30 13.80
N PRO C 118 30.48 -12.28 14.69
CA PRO C 118 29.56 -12.55 15.80
C PRO C 118 29.37 -11.31 16.69
N MET C 119 28.11 -10.96 16.92
CA MET C 119 27.78 -9.73 17.64
C MET C 119 27.72 -9.92 19.14
N ILE C 120 27.46 -11.15 19.58
CA ILE C 120 27.39 -11.47 21.00
C ILE C 120 28.61 -12.31 21.34
N SER C 121 29.62 -11.66 21.89
CA SER C 121 30.91 -12.27 22.19
C SER C 121 31.71 -11.36 23.10
N ASP C 122 32.79 -11.89 23.69
CA ASP C 122 33.69 -11.08 24.49
C ASP C 122 35.06 -10.93 23.83
N LYS C 123 35.16 -11.30 22.55
CA LYS C 123 36.44 -11.20 21.85
C LYS C 123 36.94 -9.76 21.79
N SER C 124 38.16 -9.55 22.27
CA SER C 124 38.87 -8.30 22.03
C SER C 124 39.53 -8.40 20.66
N TRP C 125 39.07 -7.54 19.73
CA TRP C 125 39.58 -7.54 18.37
C TRP C 125 40.74 -6.56 18.17
N THR C 126 41.63 -6.95 17.27
CA THR C 126 42.68 -6.10 16.78
C THR C 126 42.31 -5.67 15.34
N ALA C 127 42.81 -4.53 14.88
CA ALA C 127 42.57 -4.05 13.51
C ALA C 127 42.93 -5.08 12.42
N GLN C 128 44.12 -5.68 12.51
CA GLN C 128 44.53 -6.70 11.53
C GLN C 128 43.61 -7.93 11.54
N GLU C 129 43.19 -8.37 12.73
CA GLU C 129 42.24 -9.49 12.86
C GLU C 129 40.94 -9.20 12.11
N ILE C 130 40.45 -7.97 12.23
CA ILE C 130 39.28 -7.53 11.47
C ILE C 130 39.56 -7.64 9.98
N VAL C 131 40.68 -7.08 9.52
CA VAL C 131 41.08 -7.19 8.10
C VAL C 131 41.17 -8.65 7.64
N ASP C 132 41.89 -9.48 8.39
CA ASP C 132 41.98 -10.93 8.16
C ASP C 132 40.60 -11.53 8.06
N PHE C 133 39.77 -11.29 9.07
CA PHE C 133 38.41 -11.78 9.09
C PHE C 133 37.60 -11.32 7.86
N SER C 134 37.76 -10.06 7.44
CA SER C 134 37.11 -9.51 6.24
C SER C 134 37.42 -10.35 4.99
N PHE C 135 38.69 -10.68 4.77
CA PHE C 135 39.07 -11.50 3.60
C PHE C 135 38.57 -12.94 3.64
N ARG C 136 38.43 -13.52 4.84
CA ARG C 136 37.90 -14.89 4.93
C ARG C 136 36.41 -14.95 4.64
N HIS C 137 35.67 -13.93 5.04
CA HIS C 137 34.22 -14.03 5.05
C HIS C 137 33.53 -13.15 4.03
N GLY C 138 34.21 -12.10 3.58
CA GLY C 138 33.62 -11.18 2.61
C GLY C 138 34.09 -11.44 1.19
N VAL C 139 33.66 -10.57 0.29
CA VAL C 139 34.00 -10.69 -1.13
C VAL C 139 34.67 -9.40 -1.60
N GLN C 140 35.86 -9.51 -2.19
CA GLN C 140 36.54 -8.35 -2.72
C GLN C 140 36.12 -8.06 -4.15
N LYS C 141 35.74 -6.82 -4.39
CA LYS C 141 35.46 -6.33 -5.74
C LYS C 141 36.61 -5.47 -6.26
N GLU C 142 36.48 -4.95 -7.48
CA GLU C 142 37.51 -4.10 -8.04
C GLU C 142 37.36 -2.72 -7.42
N PRO C 143 38.48 -2.07 -7.07
CA PRO C 143 38.38 -0.67 -6.65
C PRO C 143 37.65 0.15 -7.74
N TRP C 144 36.75 1.03 -7.32
CA TRP C 144 35.94 1.85 -8.22
C TRP C 144 34.80 1.09 -8.94
N HIS C 145 34.54 -0.16 -8.53
CA HIS C 145 33.43 -0.97 -9.07
C HIS C 145 32.10 -0.21 -9.07
N GLY C 146 31.88 0.59 -8.03
CA GLY C 146 30.61 1.26 -7.78
C GLY C 146 30.60 1.57 -6.29
N MET C 147 29.49 2.08 -5.79
CA MET C 147 29.39 2.33 -4.36
C MET C 147 28.84 1.09 -3.64
N GLU C 148 29.60 0.58 -2.68
CA GLU C 148 29.05 -0.39 -1.73
C GLU C 148 29.61 -0.04 -0.37
N TYR C 149 28.72 0.23 0.58
CA TYR C 149 29.12 0.65 1.93
C TYR C 149 30.23 -0.24 2.51
N SER C 150 31.35 0.37 2.91
CA SER C 150 32.51 -0.39 3.37
C SER C 150 32.99 0.02 4.74
N ASN C 151 32.86 -0.90 5.70
CA ASN C 151 33.44 -0.76 7.02
C ASN C 151 34.96 -0.96 7.05
N THR C 152 35.45 -1.97 6.33
CA THR C 152 36.89 -2.28 6.25
C THR C 152 37.73 -1.07 5.77
N GLY C 153 37.21 -0.29 4.81
CA GLY C 153 37.88 0.94 4.38
C GLY C 153 38.25 1.84 5.56
N TYR C 154 37.31 1.96 6.50
CA TYR C 154 37.52 2.78 7.70
C TYR C 154 38.44 2.13 8.72
N VAL C 155 38.44 0.81 8.81
CA VAL C 155 39.43 0.11 9.63
C VAL C 155 40.85 0.38 9.11
N LEU C 156 41.04 0.30 7.80
CA LEU C 156 42.32 0.62 7.19
C LEU C 156 42.71 2.11 7.36
N ALA C 157 41.71 3.01 7.36
CA ALA C 157 41.95 4.44 7.56
C ALA C 157 42.50 4.68 8.97
N GLY C 158 41.92 3.99 9.96
CA GLY C 158 42.41 4.01 11.32
C GLY C 158 43.84 3.51 11.46
N MET C 159 44.17 2.45 10.72
CA MET C 159 45.53 1.93 10.68
C MET C 159 46.53 2.91 10.06
N ILE C 160 46.12 3.65 9.03
CA ILE C 160 46.98 4.71 8.51
C ILE C 160 47.26 5.74 9.60
N ILE C 161 46.20 6.20 10.27
CA ILE C 161 46.35 7.20 11.36
C ILE C 161 47.32 6.70 12.45
N ALA C 162 47.13 5.46 12.91
CA ALA C 162 48.02 4.88 13.93
C ALA C 162 49.48 4.77 13.45
N HIS C 163 49.67 4.30 12.23
CA HIS C 163 51.01 4.27 11.67
C HIS C 163 51.67 5.65 11.54
N GLU C 164 50.94 6.62 10.97
CA GLU C 164 51.49 7.96 10.74
C GLU C 164 51.75 8.75 12.03
N THR C 165 51.01 8.45 13.10
CA THR C 165 51.15 9.20 14.34
C THR C 165 51.91 8.44 15.41
N GLY C 166 52.09 7.13 15.22
CA GLY C 166 52.80 6.32 16.21
C GLY C 166 51.99 5.96 17.43
N LYS C 167 50.68 6.16 17.40
CA LYS C 167 49.84 5.95 18.57
C LYS C 167 48.50 5.40 18.15
N PRO C 168 47.72 4.83 19.09
CA PRO C 168 46.36 4.44 18.73
C PRO C 168 45.60 5.61 18.11
N TYR C 169 44.67 5.33 17.18
CA TYR C 169 43.97 6.41 16.45
C TYR C 169 43.13 7.27 17.40
N SER C 170 42.81 6.71 18.56
CA SER C 170 42.06 7.43 19.59
C SER C 170 42.78 8.67 20.11
N ASP C 171 44.11 8.61 20.21
CA ASP C 171 44.91 9.76 20.65
C ASP C 171 44.87 10.93 19.66
N HIS C 172 44.81 10.60 18.37
CA HIS C 172 44.73 11.60 17.29
C HIS C 172 43.36 12.27 17.33
N LEU C 173 42.29 11.48 17.46
CA LEU C 173 40.95 12.04 17.53
C LEU C 173 40.78 12.87 18.78
N ARG C 174 41.34 12.42 19.90
CA ARG C 174 41.22 13.13 21.17
C ARG C 174 41.99 14.45 21.20
N SER C 175 43.28 14.41 20.84
CA SER C 175 44.10 15.62 20.91
C SER C 175 43.74 16.65 19.84
N ARG C 176 43.28 16.18 18.68
CA ARG C 176 42.97 17.08 17.55
C ARG C 176 41.49 17.42 17.37
N ILE C 177 40.60 16.64 17.99
CA ILE C 177 39.15 16.86 17.86
C ILE C 177 38.45 17.04 19.21
N PHE C 178 38.44 16.02 20.05
CA PHE C 178 37.66 16.09 21.30
C PHE C 178 38.13 17.19 22.25
N ALA C 179 39.42 17.19 22.55
CA ALA C 179 39.96 18.10 23.54
C ALA C 179 39.84 19.58 23.14
N PRO C 180 40.30 19.98 21.92
CA PRO C 180 40.10 21.38 21.51
C PRO C 180 38.64 21.84 21.34
N LEU C 181 37.70 20.90 21.30
CA LEU C 181 36.29 21.26 21.23
C LEU C 181 35.51 21.08 22.53
N GLY C 182 36.18 20.67 23.61
CA GLY C 182 35.50 20.47 24.90
C GLY C 182 34.48 19.32 24.89
N MET C 183 34.77 18.29 24.11
CA MET C 183 33.93 17.10 24.08
C MET C 183 34.32 16.18 25.24
N LYS C 184 33.71 16.39 26.39
CA LYS C 184 34.07 15.65 27.60
C LYS C 184 33.37 14.29 27.74
N ASP C 185 32.32 14.09 26.94
CA ASP C 185 31.47 12.92 27.06
C ASP C 185 31.56 12.01 25.83
N THR C 186 32.75 11.98 25.23
CA THR C 186 32.98 11.23 24.00
C THR C 186 34.19 10.33 24.17
N TRP C 187 34.03 9.07 23.76
CA TRP C 187 35.11 8.07 23.80
C TRP C 187 35.24 7.21 22.55
N VAL C 188 36.44 6.72 22.34
CA VAL C 188 36.78 5.78 21.27
C VAL C 188 36.92 4.42 21.91
N GLY C 189 35.90 3.58 21.74
CA GLY C 189 35.73 2.35 22.50
C GLY C 189 36.73 1.22 22.35
N THR C 190 37.43 1.15 21.20
CA THR C 190 38.48 0.15 20.99
C THR C 190 39.67 0.41 21.91
N HIS C 191 39.97 1.69 22.13
CA HIS C 191 41.19 2.08 22.82
C HIS C 191 40.99 2.81 24.16
N GLU C 192 39.75 3.16 24.50
CA GLU C 192 39.45 3.91 25.71
C GLU C 192 38.31 3.28 26.49
N THR C 193 38.37 3.42 27.81
CA THR C 193 37.27 3.03 28.68
C THR C 193 36.32 4.22 28.81
N PHE C 194 35.02 3.94 28.73
CA PHE C 194 33.98 4.95 28.96
C PHE C 194 33.14 4.47 30.15
N PRO C 195 32.45 5.39 30.84
CA PRO C 195 31.63 5.00 32.00
C PRO C 195 30.33 4.29 31.60
N ILE C 196 30.34 2.96 31.65
CA ILE C 196 29.18 2.16 31.26
C ILE C 196 27.91 2.58 32.00
N GLU C 197 28.04 2.94 33.28
CA GLU C 197 26.89 3.33 34.09
C GLU C 197 26.11 4.52 33.48
N ARG C 198 26.81 5.36 32.75
CA ARG C 198 26.23 6.54 32.11
C ARG C 198 25.47 6.25 30.81
N GLU C 199 25.74 5.08 30.22
CA GLU C 199 25.19 4.73 28.90
C GLU C 199 23.72 4.32 28.97
N ALA C 200 22.89 4.90 28.10
CA ALA C 200 21.52 4.43 27.89
C ALA C 200 21.58 2.99 27.43
N ARG C 201 20.70 2.14 27.95
CA ARG C 201 20.68 0.75 27.51
C ARG C 201 20.17 0.67 26.07
N GLY C 202 20.64 -0.33 25.34
CA GLY C 202 20.19 -0.52 23.96
C GLY C 202 19.26 -1.71 23.89
N TYR C 203 18.20 -1.58 23.08
CA TYR C 203 17.21 -2.65 22.95
C TYR C 203 17.00 -3.12 21.52
N MET C 204 17.11 -4.43 21.33
CA MET C 204 16.74 -5.09 20.08
C MET C 204 15.33 -5.64 20.24
N HIS C 205 14.48 -5.40 19.26
CA HIS C 205 13.05 -5.68 19.36
C HIS C 205 12.60 -6.94 18.64
N ALA C 206 11.86 -7.77 19.34
CA ALA C 206 11.25 -8.95 18.73
C ALA C 206 10.03 -8.55 17.91
N ASP C 210 12.59 -9.13 10.82
CA ASP C 210 14.02 -9.45 10.62
C ASP C 210 14.22 -10.62 9.62
N GLU C 211 13.52 -10.54 8.49
CA GLU C 211 13.65 -11.52 7.41
C GLU C 211 15.08 -11.59 6.90
N ASN C 212 15.71 -10.42 6.78
CA ASN C 212 17.06 -10.29 6.26
C ASN C 212 18.00 -9.69 7.29
N PRO C 213 18.45 -10.49 8.28
CA PRO C 213 19.19 -9.90 9.40
C PRO C 213 20.63 -9.52 9.00
N GLN C 214 21.03 -8.29 9.28
CA GLN C 214 22.36 -7.84 8.91
C GLN C 214 23.48 -8.38 9.82
N TRP C 215 23.12 -8.87 11.01
CA TRP C 215 24.12 -9.37 11.95
C TRP C 215 23.88 -10.79 12.37
N ASP C 216 24.97 -11.49 12.65
CA ASP C 216 24.92 -12.75 13.38
C ASP C 216 24.72 -12.45 14.88
N VAL C 217 23.46 -12.56 15.32
CA VAL C 217 23.09 -12.28 16.71
C VAL C 217 22.65 -13.56 17.45
N SER C 218 23.30 -14.67 17.13
CA SER C 218 23.05 -15.93 17.83
C SER C 218 23.65 -15.88 19.22
N GLY C 219 23.08 -16.66 20.13
CA GLY C 219 23.47 -16.60 21.55
C GLY C 219 22.74 -15.52 22.32
N ALA C 220 21.63 -15.05 21.75
CA ALA C 220 20.85 -13.94 22.31
C ALA C 220 19.89 -14.39 23.41
N GLY C 221 19.65 -15.70 23.46
CA GLY C 221 18.72 -16.28 24.42
C GLY C 221 17.30 -15.87 24.11
N ASP C 222 16.41 -16.05 25.07
CA ASP C 222 15.01 -15.65 24.91
C ASP C 222 14.91 -14.14 25.18
N PRO C 223 13.98 -13.45 24.48
CA PRO C 223 13.74 -12.06 24.81
C PRO C 223 12.88 -11.94 26.07
N VAL C 224 12.89 -10.77 26.68
CA VAL C 224 12.00 -10.46 27.80
C VAL C 224 11.13 -9.27 27.43
N ASP C 225 9.81 -9.49 27.44
CA ASP C 225 8.81 -8.48 27.05
C ASP C 225 9.03 -7.96 25.62
N GLY C 226 9.47 -8.87 24.75
CA GLY C 226 9.64 -8.58 23.33
C GLY C 226 10.87 -7.76 23.01
N VAL C 227 11.83 -7.79 23.92
CA VAL C 227 13.02 -6.96 23.87
C VAL C 227 14.24 -7.72 24.41
N TRP C 228 15.39 -7.50 23.79
CA TRP C 228 16.67 -7.94 24.34
C TRP C 228 17.45 -6.71 24.75
N ASP C 229 18.17 -6.79 25.87
CA ASP C 229 19.11 -5.73 26.21
C ASP C 229 20.42 -6.04 25.49
N SER C 230 20.62 -5.34 24.38
CA SER C 230 21.76 -5.56 23.50
C SER C 230 22.91 -4.60 23.75
N THR C 231 22.89 -3.91 24.89
CA THR C 231 23.85 -2.83 25.17
C THR C 231 25.28 -3.36 25.07
N GLU C 232 25.51 -4.49 25.72
CA GLU C 232 26.85 -5.03 25.89
C GLU C 232 26.97 -6.37 25.19
N TRP C 233 26.23 -6.49 24.09
CA TRP C 233 26.29 -7.65 23.23
C TRP C 233 27.67 -7.72 22.61
N PHE C 234 28.04 -6.59 22.01
CA PHE C 234 29.10 -6.49 21.02
C PHE C 234 30.29 -5.66 21.53
N PRO C 235 31.50 -6.26 21.54
CA PRO C 235 32.69 -5.47 21.87
C PRO C 235 32.95 -4.41 20.81
N LEU C 236 33.18 -3.17 21.27
CA LEU C 236 33.38 -2.04 20.36
C LEU C 236 34.65 -2.20 19.52
N SER C 237 35.61 -2.96 20.04
CA SER C 237 36.86 -3.30 19.32
C SER C 237 36.61 -4.04 18.02
N GLY C 238 35.46 -4.71 17.94
CA GLY C 238 35.04 -5.41 16.73
C GLY C 238 34.55 -4.46 15.64
N ALA C 239 34.11 -3.28 16.05
CA ALA C 239 33.74 -2.24 15.09
C ALA C 239 34.96 -1.40 14.72
N ASN C 240 35.88 -1.21 15.66
CA ASN C 240 37.13 -0.48 15.42
C ASN C 240 36.80 0.90 14.81
N ALA C 241 37.64 1.38 13.89
CA ALA C 241 37.53 2.71 13.30
C ALA C 241 36.29 2.86 12.42
N ALA C 242 35.60 1.75 12.17
CA ALA C 242 34.33 1.76 11.43
C ALA C 242 33.11 2.17 12.30
N GLY C 243 33.23 2.08 13.62
CA GLY C 243 32.06 2.26 14.48
C GLY C 243 32.19 2.17 16.01
N ASP C 244 33.33 2.53 16.57
CA ASP C 244 33.53 2.22 18.00
C ASP C 244 33.21 3.33 19.02
N MET C 245 32.74 4.48 18.55
CA MET C 245 32.66 5.65 19.44
C MET C 245 31.42 5.69 20.32
N VAL C 246 31.59 6.30 21.50
CA VAL C 246 30.50 6.51 22.44
C VAL C 246 30.44 8.03 22.69
N SER C 247 29.23 8.59 22.71
CA SER C 247 29.07 10.04 22.85
C SER C 247 27.67 10.41 23.34
N THR C 248 27.41 11.70 23.43
CA THR C 248 26.08 12.20 23.68
C THR C 248 25.65 12.94 22.42
N PRO C 249 24.33 13.04 22.17
CA PRO C 249 23.95 13.94 21.10
C PRO C 249 24.54 15.37 21.22
N ARG C 250 24.69 15.89 22.44
CA ARG C 250 25.24 17.25 22.59
C ARG C 250 26.69 17.41 22.10
N ASP C 251 27.55 16.46 22.46
CA ASP C 251 28.93 16.43 22.00
C ASP C 251 29.03 16.27 20.50
N ILE C 252 28.14 15.48 19.91
CA ILE C 252 28.10 15.31 18.45
C ILE C 252 27.83 16.66 17.74
N VAL C 253 26.88 17.42 18.27
CA VAL C 253 26.55 18.72 17.68
C VAL C 253 27.70 19.73 17.82
N LYS C 254 28.45 19.66 18.92
CA LYS C 254 29.69 20.45 19.08
C LYS C 254 30.62 20.17 17.91
N PHE C 255 30.80 18.87 17.64
CA PHE C 255 31.63 18.44 16.51
C PHE C 255 31.09 18.93 15.16
N LEU C 256 29.83 18.64 14.87
CA LEU C 256 29.23 19.05 13.58
C LEU C 256 29.34 20.54 13.37
N ASN C 257 29.04 21.31 14.41
CA ASN C 257 29.12 22.76 14.31
C ASN C 257 30.52 23.26 13.97
N ALA C 258 31.54 22.77 14.69
CA ALA C 258 32.92 23.15 14.42
C ALA C 258 33.38 22.70 13.03
N LEU C 259 33.03 21.47 12.67
CA LEU C 259 33.38 20.95 11.34
C LEU C 259 32.88 21.87 10.23
N PHE C 260 31.59 22.18 10.24
CA PHE C 260 31.00 22.94 9.17
C PHE C 260 31.28 24.45 9.26
N ASP C 261 31.62 24.94 10.46
CA ASP C 261 32.00 26.35 10.62
C ASP C 261 33.44 26.59 10.21
N GLY C 262 34.15 25.53 9.85
CA GLY C 262 35.52 25.66 9.36
C GLY C 262 36.58 25.67 10.44
N ARG C 263 36.22 25.20 11.64
CA ARG C 263 37.13 25.24 12.78
C ARG C 263 37.94 23.94 13.05
N ILE C 264 37.80 22.94 12.18
CA ILE C 264 38.60 21.70 12.38
C ILE C 264 39.49 21.53 11.17
N LEU C 265 38.85 21.41 10.01
CA LEU C 265 39.53 21.16 8.75
C LEU C 265 39.57 22.45 7.95
N ASP C 266 40.65 22.63 7.18
CA ASP C 266 40.74 23.73 6.25
C ASP C 266 39.69 23.57 5.14
N GLN C 267 39.54 24.59 4.31
CA GLN C 267 38.45 24.62 3.32
C GLN C 267 38.51 23.46 2.34
N LYS C 268 39.72 23.12 1.90
CA LYS C 268 39.94 22.06 0.90
C LYS C 268 39.58 20.68 1.43
N ARG C 269 39.98 20.40 2.67
CA ARG C 269 39.63 19.11 3.26
C ARG C 269 38.17 19.02 3.65
N LEU C 270 37.61 20.13 4.13
CA LEU C 270 36.18 20.17 4.35
C LEU C 270 35.39 19.99 3.03
N TRP C 271 35.88 20.54 1.93
CA TRP C 271 35.31 20.32 0.59
C TRP C 271 35.41 18.84 0.18
N GLU C 272 36.57 18.23 0.45
CA GLU C 272 36.77 16.81 0.16
C GLU C 272 35.75 15.95 0.93
N MET C 273 35.63 16.21 2.23
CA MET C 273 34.65 15.54 3.06
C MET C 273 33.17 15.71 2.64
N LYS C 274 32.74 16.93 2.35
CA LYS C 274 31.30 17.21 2.17
C LYS C 274 30.82 17.48 0.77
N ASP C 275 31.69 17.97 -0.11
CA ASP C 275 31.27 18.41 -1.45
C ASP C 275 31.79 17.58 -2.61
N ASN C 276 32.89 16.87 -2.42
CA ASN C 276 33.44 16.03 -3.46
C ASN C 276 32.68 14.71 -3.39
N ILE C 277 31.48 14.70 -3.95
CA ILE C 277 30.53 13.61 -3.71
C ILE C 277 30.24 12.76 -4.96
N LYS C 278 29.70 11.57 -4.71
CA LYS C 278 29.21 10.65 -5.74
C LYS C 278 27.98 9.96 -5.14
N PRO C 279 27.11 9.37 -5.99
CA PRO C 279 25.93 8.67 -5.46
C PRO C 279 26.24 7.60 -4.41
N ALA C 280 25.33 7.44 -3.44
CA ALA C 280 25.49 6.41 -2.41
C ALA C 280 24.16 5.80 -2.02
N PHE C 281 24.20 4.54 -1.58
CA PHE C 281 23.03 3.81 -1.11
C PHE C 281 23.35 3.22 0.25
N PHE C 282 22.42 3.32 1.19
CA PHE C 282 22.51 2.50 2.40
C PHE C 282 21.12 1.99 2.68
N PRO C 283 20.95 0.65 2.78
CA PRO C 283 19.61 0.07 2.83
C PRO C 283 18.76 0.56 4.00
N GLY C 284 17.51 0.88 3.68
CA GLY C 284 16.55 1.37 4.66
C GLY C 284 16.72 2.83 5.01
N SER C 285 17.74 3.50 4.45
CA SER C 285 18.08 4.90 4.82
C SER C 285 17.64 5.92 3.77
N ASN C 286 17.83 7.20 4.10
CA ASN C 286 17.59 8.33 3.19
C ASN C 286 18.84 8.81 2.42
N THR C 287 19.90 8.00 2.48
CA THR C 287 21.15 8.28 1.78
C THR C 287 20.96 8.34 0.28
N VAL C 288 21.58 9.32 -0.34
CA VAL C 288 21.58 9.48 -1.81
C VAL C 288 22.98 9.70 -2.36
N ALA C 289 23.91 10.12 -1.48
CA ALA C 289 25.28 10.46 -1.88
C ALA C 289 26.24 10.38 -0.70
N ASN C 290 27.54 10.34 -1.00
CA ASN C 290 28.58 10.48 0.04
C ASN C 290 29.79 11.28 -0.45
N GLY C 291 30.50 11.93 0.46
CA GLY C 291 31.76 12.56 0.10
C GLY C 291 32.87 11.66 0.58
N HIS C 292 33.69 12.17 1.50
CA HIS C 292 34.74 11.36 2.09
C HIS C 292 34.65 11.50 3.62
N GLY C 293 33.62 10.89 4.20
CA GLY C 293 33.40 10.97 5.64
C GLY C 293 32.00 11.41 6.00
N LEU C 294 31.23 11.84 5.01
CA LEU C 294 29.86 12.31 5.26
C LEU C 294 28.91 11.74 4.26
N LEU C 295 27.73 11.38 4.75
CA LEU C 295 26.63 10.95 3.89
C LEU C 295 25.71 12.14 3.61
N LEU C 296 25.21 12.24 2.38
CA LEU C 296 24.10 13.13 2.05
C LEU C 296 22.82 12.31 2.15
N MET C 297 21.97 12.72 3.10
CA MET C 297 20.71 12.06 3.39
C MET C 297 19.52 13.02 3.16
N ARG C 298 18.59 12.60 2.33
CA ARG C 298 17.49 13.46 1.88
C ARG C 298 16.20 13.24 2.68
N TYR C 299 15.68 14.32 3.25
CA TYR C 299 14.43 14.31 4.00
C TYR C 299 13.42 15.26 3.35
N GLY C 300 12.87 14.84 2.22
CA GLY C 300 11.88 15.64 1.50
C GLY C 300 12.54 16.87 0.92
N SER C 301 12.15 18.05 1.41
CA SER C 301 12.74 19.31 0.96
C SER C 301 14.07 19.65 1.68
N SER C 302 14.37 18.93 2.76
CA SER C 302 15.60 19.16 3.52
C SER C 302 16.64 18.05 3.31
N GLU C 303 17.92 18.38 3.47
CA GLU C 303 19.02 17.42 3.36
C GLU C 303 20.01 17.58 4.51
N LEU C 304 20.47 16.45 5.06
CA LEU C 304 21.56 16.45 6.04
C LEU C 304 22.85 15.92 5.44
N LYS C 305 23.96 16.60 5.77
CA LYS C 305 25.30 16.11 5.50
C LYS C 305 25.80 15.60 6.84
N GLY C 306 25.93 14.28 6.96
CA GLY C 306 26.31 13.69 8.23
C GLY C 306 26.49 12.19 8.15
N HIS C 307 25.77 11.46 8.99
CA HIS C 307 25.91 10.01 9.01
C HIS C 307 24.77 9.37 9.74
N LEU C 308 24.64 8.07 9.51
CA LEU C 308 23.75 7.22 10.25
C LEU C 308 24.60 6.20 11.00
N GLY C 309 24.07 5.69 12.11
CA GLY C 309 24.74 4.68 12.90
C GLY C 309 23.78 3.56 13.27
N GLN C 310 24.25 2.33 13.12
CA GLN C 310 23.48 1.16 13.53
C GLN C 310 24.37 0.15 14.23
N ILE C 311 24.12 -0.03 15.53
CA ILE C 311 24.80 -1.03 16.34
C ILE C 311 23.71 -1.59 17.27
N PRO C 312 23.72 -2.91 17.57
CA PRO C 312 22.50 -3.49 18.17
C PRO C 312 21.93 -2.65 19.32
N GLY C 313 20.74 -2.11 19.13
CA GLY C 313 20.08 -1.37 20.19
C GLY C 313 20.25 0.14 20.21
N HIS C 314 21.30 0.67 19.57
CA HIS C 314 21.46 2.12 19.43
C HIS C 314 21.44 2.57 17.97
N THR C 315 20.47 3.42 17.65
CA THR C 315 20.20 3.83 16.27
C THR C 315 20.24 5.36 16.18
N SER C 316 21.12 5.87 15.33
CA SER C 316 21.48 7.28 15.34
C SER C 316 21.48 7.92 13.98
N ILE C 317 21.10 9.20 13.93
CA ILE C 317 21.23 10.03 12.74
C ILE C 317 21.88 11.34 13.16
N MET C 318 22.95 11.73 12.48
CA MET C 318 23.51 13.06 12.71
C MET C 318 23.68 13.81 11.40
N GLY C 319 23.74 15.13 11.50
CA GLY C 319 24.05 15.90 10.33
C GLY C 319 23.78 17.38 10.44
N ARG C 320 24.26 18.10 9.44
CA ARG C 320 24.07 19.53 9.33
C ARG C 320 23.27 19.81 8.06
N ASP C 321 22.26 20.66 8.17
CA ASP C 321 21.54 21.12 7.01
C ASP C 321 22.28 22.36 6.52
N GLU C 322 22.91 22.26 5.36
CA GLU C 322 23.76 23.35 4.87
C GLU C 322 22.96 24.58 4.43
N GLU C 323 21.69 24.35 4.12
CA GLU C 323 20.78 25.42 3.73
C GLU C 323 20.32 26.27 4.91
N THR C 324 20.10 25.64 6.06
CA THR C 324 19.58 26.36 7.23
C THR C 324 20.63 26.57 8.32
N GLY C 325 21.74 25.84 8.23
CA GLY C 325 22.77 25.88 9.27
C GLY C 325 22.45 25.05 10.50
N ALA C 326 21.33 24.33 10.49
CA ALA C 326 20.98 23.50 11.64
C ALA C 326 21.89 22.28 11.74
N ALA C 327 22.23 21.91 12.97
CA ALA C 327 22.93 20.67 13.23
C ALA C 327 22.14 19.87 14.26
N LEU C 328 22.11 18.56 14.06
CA LEU C 328 21.34 17.69 14.94
C LEU C 328 22.02 16.33 15.12
N MET C 329 21.82 15.73 16.28
CA MET C 329 22.08 14.30 16.47
C MET C 329 20.87 13.75 17.18
N LEU C 330 20.25 12.74 16.58
CA LEU C 330 19.13 12.05 17.19
C LEU C 330 19.46 10.57 17.36
N ILE C 331 19.39 10.07 18.59
CA ILE C 331 19.67 8.66 18.84
C ILE C 331 18.53 8.02 19.63
N GLN C 332 18.03 6.90 19.12
CA GLN C 332 17.10 6.05 19.87
C GLN C 332 17.78 4.81 20.40
N ASN C 333 17.30 4.34 21.55
CA ASN C 333 17.81 3.09 22.12
C ASN C 333 16.91 1.89 21.79
N SER C 334 16.29 1.97 20.62
CA SER C 334 15.64 0.84 19.98
C SER C 334 16.34 0.55 18.67
N GLY C 335 16.42 -0.73 18.35
CA GLY C 335 16.91 -1.19 17.05
C GLY C 335 16.34 -2.56 16.72
N ALA C 336 16.70 -3.04 15.53
CA ALA C 336 16.44 -4.39 15.07
C ALA C 336 17.61 -4.80 14.18
N GLY C 337 17.50 -5.95 13.52
CA GLY C 337 18.56 -6.43 12.62
C GLY C 337 18.32 -6.19 11.14
N ASP C 338 17.06 -6.28 10.70
CA ASP C 338 16.68 -5.99 9.31
C ASP C 338 16.70 -4.48 9.07
N PHE C 339 17.41 -4.08 8.01
CA PHE C 339 17.52 -2.68 7.58
C PHE C 339 16.16 -2.02 7.34
N GLU C 340 15.19 -2.82 6.88
CA GLU C 340 13.86 -2.33 6.49
C GLU C 340 12.83 -2.24 7.63
N SER C 341 13.16 -2.86 8.78
CA SER C 341 12.32 -2.82 9.97
C SER C 341 12.14 -1.40 10.52
N PHE C 342 10.94 -1.11 11.01
CA PHE C 342 10.65 0.15 11.68
C PHE C 342 11.70 0.57 12.70
N TYR C 343 12.19 -0.37 13.50
CA TYR C 343 13.10 -0.04 14.61
C TYR C 343 14.49 0.40 14.12
N LEU C 344 14.81 0.08 12.88
CA LEU C 344 15.96 0.62 12.18
C LEU C 344 15.57 1.80 11.30
N LYS C 345 14.87 1.50 10.20
CA LYS C 345 14.44 2.48 9.22
C LYS C 345 13.65 3.67 9.78
N GLY C 346 12.85 3.41 10.82
CA GLY C 346 11.91 4.41 11.34
C GLY C 346 12.58 5.54 12.10
N VAL C 347 13.87 5.41 12.38
CA VAL C 347 14.63 6.48 13.02
C VAL C 347 14.60 7.71 12.12
N ASN C 348 14.46 7.50 10.81
CA ASN C 348 14.43 8.61 9.86
C ASN C 348 13.15 9.43 9.91
N GLU C 349 12.09 8.85 10.45
CA GLU C 349 10.79 9.55 10.54
C GLU C 349 10.80 10.77 11.46
N PRO C 350 11.17 10.61 12.75
CA PRO C 350 11.25 11.83 13.58
C PRO C 350 12.24 12.88 13.06
N VAL C 351 13.40 12.47 12.56
CA VAL C 351 14.31 13.41 11.89
C VAL C 351 13.63 14.21 10.78
N ASP C 352 12.85 13.51 9.94
CA ASP C 352 12.09 14.15 8.87
C ASP C 352 11.12 15.21 9.44
N ARG C 353 10.42 14.87 10.52
CA ARG C 353 9.45 15.80 11.13
C ARG C 353 10.13 16.99 11.78
N VAL C 354 11.28 16.75 12.41
CA VAL C 354 12.06 17.83 13.03
C VAL C 354 12.49 18.84 11.97
N LEU C 355 12.98 18.35 10.83
CA LEU C 355 13.41 19.25 9.76
C LEU C 355 12.25 20.05 9.15
N GLU C 356 11.10 19.39 8.97
CA GLU C 356 9.86 20.04 8.53
C GLU C 356 9.49 21.15 9.50
N ALA C 357 9.57 20.85 10.79
CA ALA C 357 9.23 21.79 11.86
C ALA C 357 10.10 23.05 11.86
N ILE C 358 11.39 22.88 11.60
CA ILE C 358 12.34 24.01 11.47
C ILE C 358 12.04 24.82 10.21
N LYS C 359 11.74 24.13 9.12
CA LYS C 359 11.38 24.78 7.85
C LYS C 359 10.13 25.65 7.99
N ASN C 360 9.14 25.16 8.75
CA ASN C 360 7.88 25.86 8.95
C ASN C 360 7.94 26.96 10.01
N SER C 361 9.11 27.14 10.62
CA SER C 361 9.36 28.28 11.50
C SER C 361 10.14 29.37 10.74
N ARG C 362 10.27 29.18 9.42
CA ARG C 362 11.12 30.03 8.59
C ARG C 362 10.43 30.53 7.31
N SER C 363 9.37 29.82 6.89
CA SER C 363 8.64 30.17 5.67
C SER C 363 7.27 30.82 5.95
N SER D 2 -8.30 23.49 -5.05
CA SER D 2 -8.80 24.72 -4.37
C SER D 2 -9.01 25.81 -5.41
N ASP D 3 -8.36 26.97 -5.22
CA ASP D 3 -8.11 27.91 -6.30
C ASP D 3 -6.92 27.40 -7.13
N LEU D 4 -6.29 26.32 -6.63
CA LEU D 4 -5.22 25.65 -7.35
C LEU D 4 -5.78 24.88 -8.55
N ASN D 5 -6.95 24.28 -8.36
CA ASN D 5 -7.65 23.62 -9.45
C ASN D 5 -7.91 24.62 -10.59
N ASN D 6 -8.36 25.83 -10.23
CA ASN D 6 -8.68 26.83 -11.22
C ASN D 6 -7.44 27.39 -11.92
N ALA D 7 -6.37 27.57 -11.14
CA ALA D 7 -5.09 28.02 -11.67
C ALA D 7 -4.54 27.01 -12.67
N ILE D 8 -4.66 25.73 -12.33
CA ILE D 8 -4.22 24.66 -13.22
C ILE D 8 -5.00 24.64 -14.52
N GLN D 9 -6.32 24.75 -14.43
CA GLN D 9 -7.17 24.80 -15.61
C GLN D 9 -6.74 25.97 -16.47
N GLY D 10 -6.64 27.14 -15.85
CA GLY D 10 -6.12 28.34 -16.50
C GLY D 10 -4.82 28.15 -17.26
N ILE D 11 -3.85 27.48 -16.62
CA ILE D 11 -2.55 27.20 -17.25
C ILE D 11 -2.68 26.38 -18.54
N LEU D 12 -3.51 25.36 -18.50
CA LEU D 12 -3.73 24.56 -19.69
C LEU D 12 -4.50 25.32 -20.77
N ASP D 13 -5.53 26.08 -20.38
CA ASP D 13 -6.29 26.87 -21.34
C ASP D 13 -5.38 27.86 -22.04
N ASP D 14 -4.52 28.54 -21.26
CA ASP D 14 -3.52 29.47 -21.77
C ASP D 14 -2.58 28.84 -22.79
N HIS D 15 -2.15 27.61 -22.51
CA HIS D 15 -1.25 26.88 -23.40
C HIS D 15 -1.93 26.52 -24.71
N VAL D 16 -3.20 26.11 -24.63
CA VAL D 16 -4.00 25.83 -25.82
C VAL D 16 -4.22 27.09 -26.68
N ALA D 17 -4.45 28.23 -26.01
CA ALA D 17 -4.59 29.54 -26.67
C ALA D 17 -3.37 29.90 -27.47
N ARG D 18 -2.23 29.32 -27.11
CA ARG D 18 -0.98 29.56 -27.83
C ARG D 18 -0.77 28.72 -29.08
N GLY D 19 -1.78 27.93 -29.46
CA GLY D 19 -1.73 27.17 -30.70
C GLY D 19 -1.62 25.68 -30.49
N VAL D 20 -1.37 25.27 -29.25
CA VAL D 20 -1.40 23.85 -28.91
C VAL D 20 -2.83 23.30 -29.12
N VAL D 21 -2.96 22.21 -29.87
CA VAL D 21 -4.29 21.68 -30.18
C VAL D 21 -5.09 21.27 -28.94
N GLY D 22 -4.46 20.48 -28.07
CA GLY D 22 -5.12 20.05 -26.85
C GLY D 22 -4.12 19.45 -25.88
N VAL D 23 -4.55 19.24 -24.65
CA VAL D 23 -3.67 18.79 -23.59
C VAL D 23 -4.48 18.04 -22.54
N SER D 24 -3.88 16.96 -22.02
CA SER D 24 -4.47 16.13 -20.97
C SER D 24 -3.46 16.00 -19.84
N LEU D 25 -3.92 16.25 -18.62
CA LEU D 25 -3.05 16.22 -17.43
C LEU D 25 -3.64 15.30 -16.36
N ALA D 26 -2.79 14.52 -15.71
CA ALA D 26 -3.16 13.85 -14.47
C ALA D 26 -2.21 14.37 -13.41
N LEU D 27 -2.73 14.65 -12.21
CA LEU D 27 -1.89 15.21 -11.15
C LEU D 27 -2.28 14.65 -9.80
N CYS D 28 -1.30 14.10 -9.09
CA CYS D 28 -1.53 13.62 -7.74
C CYS D 28 -0.69 14.45 -6.79
N LEU D 29 -1.35 14.98 -5.78
CA LEU D 29 -0.69 15.73 -4.70
C LEU D 29 -0.96 14.97 -3.40
N PRO D 30 0.03 14.92 -2.49
CA PRO D 30 -0.19 14.21 -1.22
C PRO D 30 -1.28 14.84 -0.35
N GLY D 31 -2.06 13.98 0.31
CA GLY D 31 -3.20 14.42 1.13
C GLY D 31 -4.39 14.82 0.29
N GLU D 32 -4.46 14.27 -0.92
CA GLU D 32 -5.42 14.72 -1.91
C GLU D 32 -5.65 13.65 -2.97
N GLU D 33 -6.87 13.56 -3.49
CA GLU D 33 -7.20 12.61 -4.54
C GLU D 33 -6.63 13.06 -5.87
N THR D 34 -6.13 12.10 -6.65
CA THR D 34 -5.66 12.36 -8.01
C THR D 34 -6.73 13.10 -8.83
N SER D 35 -6.31 14.18 -9.50
CA SER D 35 -7.19 14.98 -10.36
C SER D 35 -6.79 14.90 -11.83
N LEU D 36 -7.77 15.06 -12.71
CA LEU D 36 -7.52 15.12 -14.15
C LEU D 36 -7.94 16.49 -14.69
N TYR D 37 -7.21 17.00 -15.68
CA TYR D 37 -7.55 18.25 -16.34
C TYR D 37 -7.30 18.10 -17.83
N GLN D 38 -8.20 18.64 -18.65
CA GLN D 38 -7.98 18.68 -20.09
C GLN D 38 -8.32 20.07 -20.63
N SER D 39 -7.74 20.41 -21.78
CA SER D 39 -8.12 21.59 -22.54
C SER D 39 -7.97 21.31 -24.03
N GLY D 40 -8.75 21.99 -24.86
CA GLY D 40 -8.55 21.89 -26.29
C GLY D 40 -9.15 20.61 -26.81
N TYR D 41 -8.58 20.09 -27.89
CA TYR D 41 -9.26 19.08 -28.68
C TYR D 41 -8.45 17.82 -28.84
N ALA D 42 -9.14 16.68 -28.78
CA ALA D 42 -8.52 15.41 -29.14
C ALA D 42 -8.46 15.26 -30.65
N ASP D 43 -9.46 15.81 -31.33
CA ASP D 43 -9.49 15.84 -32.80
C ASP D 43 -9.76 17.28 -33.23
N LYS D 44 -8.76 17.88 -33.87
CA LYS D 44 -8.79 19.28 -34.23
C LYS D 44 -9.96 19.58 -35.20
N PHE D 45 -10.16 18.70 -36.16
CA PHE D 45 -11.11 19.04 -37.23
C PHE D 45 -12.58 18.69 -36.95
N ASN D 46 -12.80 17.70 -36.07
CA ASN D 46 -14.11 17.40 -35.50
C ASN D 46 -14.45 18.34 -34.38
N LYS D 47 -13.42 19.06 -33.89
CA LYS D 47 -13.46 19.78 -32.63
C LYS D 47 -14.00 18.93 -31.46
N MET D 48 -13.50 17.70 -31.37
CA MET D 48 -13.90 16.79 -30.30
C MET D 48 -13.05 17.12 -29.08
N PRO D 49 -13.71 17.48 -27.97
CA PRO D 49 -12.96 17.94 -26.80
C PRO D 49 -12.08 16.85 -26.22
N MET D 50 -10.91 17.24 -25.75
CA MET D 50 -10.03 16.32 -25.07
C MET D 50 -10.68 15.89 -23.75
N THR D 51 -10.68 14.58 -23.44
CA THR D 51 -11.10 14.05 -22.13
C THR D 51 -9.97 13.27 -21.45
N GLY D 52 -10.22 12.82 -20.21
CA GLY D 52 -9.24 12.04 -19.45
C GLY D 52 -9.08 10.60 -19.94
N ASP D 53 -9.92 10.23 -20.89
CA ASP D 53 -9.94 8.86 -21.42
C ASP D 53 -9.21 8.72 -22.74
N HIS D 54 -8.93 9.83 -23.41
CA HIS D 54 -8.13 9.79 -24.64
C HIS D 54 -6.74 9.19 -24.40
N LEU D 55 -6.37 8.31 -25.33
CA LEU D 55 -5.08 7.63 -25.32
C LEU D 55 -4.02 8.43 -26.07
N PHE D 56 -2.77 8.28 -25.65
CA PHE D 56 -1.63 8.88 -26.33
C PHE D 56 -0.49 7.90 -26.45
N ARG D 57 0.36 8.13 -27.45
CA ARG D 57 1.64 7.46 -27.56
C ARG D 57 2.62 8.21 -26.64
N ILE D 58 3.10 7.52 -25.62
CA ILE D 58 3.94 8.16 -24.60
C ILE D 58 5.41 8.11 -24.95
N ALA D 59 5.72 7.49 -26.10
CA ALA D 59 7.05 7.58 -26.69
C ALA D 59 8.11 7.16 -25.68
N SER D 60 9.17 7.94 -25.52
CA SER D 60 10.27 7.56 -24.63
C SER D 60 9.92 7.38 -23.17
N CYS D 61 8.71 7.76 -22.76
CA CYS D 61 8.26 7.47 -21.41
C CYS D 61 8.18 5.93 -21.17
N THR D 62 8.04 5.18 -22.26
CA THR D 62 8.14 3.71 -22.31
C THR D 62 9.40 3.24 -21.60
N LYS D 63 10.50 3.97 -21.82
CA LYS D 63 11.78 3.63 -21.25
C LYS D 63 11.74 3.40 -19.73
N SER D 64 10.97 4.19 -19.00
CA SER D 64 10.85 4.01 -17.55
C SER D 64 10.23 2.69 -17.17
N PHE D 65 9.20 2.30 -17.93
CA PHE D 65 8.60 0.98 -17.80
C PHE D 65 9.52 -0.18 -18.14
N ILE D 66 10.28 -0.06 -19.22
CA ILE D 66 11.22 -1.10 -19.63
C ILE D 66 12.35 -1.27 -18.59
N ALA D 67 12.88 -0.14 -18.12
CA ALA D 67 13.86 -0.11 -17.01
C ALA D 67 13.29 -0.81 -15.80
N THR D 68 12.05 -0.45 -15.44
CA THR D 68 11.40 -1.07 -14.30
C THR D 68 11.32 -2.60 -14.51
N GLY D 69 10.86 -3.03 -15.67
CA GLY D 69 10.83 -4.47 -16.02
C GLY D 69 12.17 -5.18 -15.85
N LEU D 70 13.26 -4.55 -16.29
CA LEU D 70 14.61 -5.12 -16.19
C LEU D 70 15.09 -5.14 -14.74
N HIS D 71 14.88 -4.05 -14.00
CA HIS D 71 15.15 -4.00 -12.55
C HIS D 71 14.39 -5.09 -11.76
N LEU D 72 13.16 -5.41 -12.18
CA LEU D 72 12.43 -6.54 -11.57
C LEU D 72 13.14 -7.89 -11.70
N LEU D 73 13.71 -8.15 -12.87
CA LEU D 73 14.54 -9.34 -13.09
C LEU D 73 15.83 -9.30 -12.28
N VAL D 74 16.43 -8.13 -12.17
CA VAL D 74 17.60 -7.96 -11.31
C VAL D 74 17.24 -8.38 -9.88
N GLN D 75 16.14 -7.86 -9.34
CA GLN D 75 15.76 -8.18 -7.96
C GLN D 75 15.16 -9.59 -7.76
N ASP D 76 14.63 -10.18 -8.84
CA ASP D 76 14.22 -11.60 -8.88
C ASP D 76 15.44 -12.51 -8.85
N GLY D 77 16.57 -12.02 -9.35
CA GLY D 77 17.86 -12.68 -9.20
C GLY D 77 18.49 -13.29 -10.45
N THR D 78 17.85 -13.12 -11.61
CA THR D 78 18.36 -13.74 -12.82
C THR D 78 19.27 -12.85 -13.63
N VAL D 79 19.23 -11.55 -13.34
CA VAL D 79 20.04 -10.55 -14.03
C VAL D 79 20.83 -9.69 -13.02
N ASP D 80 22.07 -9.37 -13.36
CA ASP D 80 22.92 -8.52 -12.53
C ASP D 80 23.23 -7.25 -13.34
N LEU D 81 23.05 -6.08 -12.74
CA LEU D 81 23.27 -4.80 -13.45
C LEU D 81 24.69 -4.62 -13.97
N ASP D 82 25.63 -5.35 -13.34
CA ASP D 82 27.05 -5.19 -13.67
C ASP D 82 27.67 -6.29 -14.50
N GLU D 83 26.88 -7.32 -14.78
CA GLU D 83 27.35 -8.40 -15.63
C GLU D 83 27.35 -7.95 -17.10
N PRO D 84 28.30 -8.48 -17.91
CA PRO D 84 28.40 -8.06 -19.31
C PRO D 84 27.27 -8.64 -20.16
N ILE D 85 26.77 -7.84 -21.10
CA ILE D 85 25.62 -8.23 -21.93
C ILE D 85 25.96 -9.29 -23.00
N THR D 86 27.22 -9.72 -23.04
CA THR D 86 27.66 -10.83 -23.91
C THR D 86 26.84 -12.09 -23.67
N ARG D 87 26.36 -12.25 -22.44
CA ARG D 87 25.44 -13.36 -22.07
C ARG D 87 24.27 -13.51 -23.05
N TRP D 88 23.78 -12.40 -23.58
CA TRP D 88 22.63 -12.40 -24.45
C TRP D 88 23.01 -12.05 -25.89
N PHE D 89 24.06 -11.23 -26.03
CA PHE D 89 24.49 -10.68 -27.32
C PHE D 89 26.02 -10.87 -27.54
N PRO D 90 26.50 -12.13 -27.66
CA PRO D 90 27.95 -12.40 -27.76
C PRO D 90 28.65 -11.72 -28.94
N ASP D 91 27.94 -11.53 -30.04
CA ASP D 91 28.47 -10.97 -31.28
C ASP D 91 28.28 -9.44 -31.46
N LEU D 92 27.59 -8.80 -30.52
CA LEU D 92 27.38 -7.35 -30.57
C LEU D 92 28.72 -6.64 -30.32
N PRO D 93 29.18 -5.80 -31.27
CA PRO D 93 30.48 -5.14 -31.05
C PRO D 93 30.58 -4.42 -29.71
N LYS D 94 31.70 -4.65 -29.03
CA LYS D 94 32.06 -4.04 -27.73
C LYS D 94 31.24 -4.51 -26.54
N ALA D 95 30.48 -5.61 -26.71
CA ALA D 95 29.56 -6.10 -25.69
C ALA D 95 30.22 -6.53 -24.38
N ALA D 96 31.45 -7.02 -24.47
CA ALA D 96 32.21 -7.42 -23.27
C ALA D 96 32.55 -6.23 -22.38
N GLN D 97 32.52 -5.04 -22.96
CA GLN D 97 32.77 -3.80 -22.23
C GLN D 97 31.46 -3.11 -21.81
N MET D 98 30.35 -3.85 -21.86
CA MET D 98 29.02 -3.29 -21.65
C MET D 98 28.26 -4.05 -20.58
N PRO D 99 28.26 -3.52 -19.33
CA PRO D 99 27.42 -4.11 -18.30
C PRO D 99 25.95 -3.83 -18.58
N VAL D 100 25.05 -4.65 -18.00
CA VAL D 100 23.59 -4.50 -18.18
C VAL D 100 23.11 -3.05 -17.96
N ARG D 101 23.59 -2.44 -16.87
CA ARG D 101 23.21 -1.07 -16.49
C ARG D 101 23.44 -0.05 -17.61
N ILE D 102 24.47 -0.28 -18.43
CA ILE D 102 24.86 0.67 -19.49
C ILE D 102 23.82 0.76 -20.60
N LEU D 103 22.92 -0.23 -20.64
CA LEU D 103 21.79 -0.21 -21.57
C LEU D 103 20.72 0.83 -21.21
N LEU D 104 20.69 1.22 -19.94
CA LEU D 104 19.63 2.08 -19.39
C LEU D 104 20.07 3.50 -19.10
N ASN D 105 21.39 3.70 -19.04
CA ASN D 105 21.96 4.96 -18.56
C ASN D 105 22.43 5.93 -19.65
N HIS D 106 22.22 5.56 -20.91
CA HIS D 106 22.59 6.36 -22.09
C HIS D 106 24.10 6.63 -22.21
N ARG D 107 24.91 5.77 -21.59
CA ARG D 107 26.37 5.90 -21.67
C ARG D 107 27.07 4.73 -22.41
N SER D 108 26.28 3.94 -23.15
CA SER D 108 26.77 2.73 -23.84
C SER D 108 27.60 3.04 -25.08
N GLY D 109 27.30 4.16 -25.74
CA GLY D 109 27.96 4.50 -27.01
C GLY D 109 27.40 3.74 -28.19
N LEU D 110 26.33 2.99 -27.96
CA LEU D 110 25.66 2.23 -29.02
C LEU D 110 25.22 3.13 -30.17
N PRO D 111 25.37 2.65 -31.42
CA PRO D 111 24.89 3.43 -32.55
C PRO D 111 23.37 3.47 -32.48
N ASP D 112 22.80 4.63 -32.81
CA ASP D 112 21.35 4.82 -32.68
C ASP D 112 20.64 4.72 -34.01
N PHE D 113 19.35 4.48 -33.95
CA PHE D 113 18.54 4.26 -35.15
C PHE D 113 17.58 5.40 -35.46
N GLU D 114 17.20 6.17 -34.43
CA GLU D 114 16.10 7.13 -34.57
C GLU D 114 16.23 8.16 -35.70
N THR D 115 17.41 8.75 -35.82
CA THR D 115 17.71 9.72 -36.89
C THR D 115 17.56 9.10 -38.30
N SER D 116 18.12 7.90 -38.47
CA SER D 116 18.12 7.20 -39.76
C SER D 116 16.78 6.58 -40.14
N MET D 117 16.00 6.16 -39.14
CA MET D 117 14.72 5.50 -39.39
C MET D 117 13.71 6.48 -39.98
N PRO D 118 13.04 6.11 -41.10
CA PRO D 118 12.08 7.02 -41.72
C PRO D 118 10.84 7.29 -40.84
N MET D 119 10.33 8.51 -40.93
CA MET D 119 9.24 8.96 -40.07
C MET D 119 7.86 8.46 -40.52
N ILE D 120 7.54 8.67 -41.80
CA ILE D 120 6.30 8.13 -42.37
C ILE D 120 6.65 6.84 -43.10
N SER D 121 6.03 5.75 -42.67
CA SER D 121 6.38 4.42 -43.14
C SER D 121 5.34 3.44 -42.65
N ASP D 122 5.08 2.42 -43.45
CA ASP D 122 4.17 1.34 -43.09
C ASP D 122 4.94 0.11 -42.59
N LYS D 123 6.27 0.22 -42.55
CA LYS D 123 7.12 -0.92 -42.26
C LYS D 123 6.94 -1.45 -40.84
N SER D 124 6.66 -2.75 -40.78
CA SER D 124 6.70 -3.52 -39.54
C SER D 124 8.16 -3.83 -39.19
N TRP D 125 8.50 -3.76 -37.90
CA TRP D 125 9.88 -3.91 -37.44
C TRP D 125 10.05 -4.98 -36.35
N THR D 126 11.21 -5.61 -36.38
CA THR D 126 11.62 -6.61 -35.41
C THR D 126 12.74 -6.00 -34.55
N ALA D 127 12.88 -6.46 -33.30
CA ALA D 127 13.91 -5.92 -32.40
C ALA D 127 15.32 -6.09 -32.96
N GLN D 128 15.66 -7.30 -33.42
CA GLN D 128 16.96 -7.55 -34.03
C GLN D 128 17.18 -6.72 -35.31
N GLU D 129 16.12 -6.56 -36.09
CA GLU D 129 16.15 -5.71 -37.28
C GLU D 129 16.54 -4.27 -36.92
N ILE D 130 15.93 -3.73 -35.85
CA ILE D 130 16.24 -2.39 -35.36
C ILE D 130 17.70 -2.27 -34.96
N VAL D 131 18.19 -3.26 -34.22
CA VAL D 131 19.59 -3.31 -33.80
C VAL D 131 20.54 -3.35 -34.99
N ASP D 132 20.27 -4.25 -35.95
CA ASP D 132 21.03 -4.30 -37.20
C ASP D 132 21.03 -2.96 -37.95
N PHE D 133 19.84 -2.39 -38.14
CA PHE D 133 19.67 -1.06 -38.72
C PHE D 133 20.50 0.02 -38.01
N SER D 134 20.58 -0.06 -36.68
CA SER D 134 21.37 0.89 -35.88
C SER D 134 22.86 0.79 -36.21
N PHE D 135 23.37 -0.44 -36.27
CA PHE D 135 24.79 -0.63 -36.53
C PHE D 135 25.19 -0.27 -37.95
N ARG D 136 24.24 -0.43 -38.88
CA ARG D 136 24.42 -0.08 -40.28
C ARG D 136 24.50 1.44 -40.46
N HIS D 137 23.61 2.17 -39.79
CA HIS D 137 23.39 3.58 -40.07
C HIS D 137 23.90 4.54 -39.01
N GLY D 138 24.24 4.03 -37.83
CA GLY D 138 24.65 4.87 -36.70
C GLY D 138 26.11 4.77 -36.32
N VAL D 139 26.57 5.68 -35.44
CA VAL D 139 27.97 5.73 -35.04
C VAL D 139 28.15 5.16 -33.64
N GLN D 140 29.04 4.18 -33.52
CA GLN D 140 29.34 3.58 -32.24
C GLN D 140 30.53 4.27 -31.57
N LYS D 141 30.36 4.62 -30.30
CA LYS D 141 31.43 5.18 -29.50
C LYS D 141 31.87 4.16 -28.46
N GLU D 142 32.87 4.53 -27.67
CA GLU D 142 33.32 3.69 -26.58
C GLU D 142 32.30 3.72 -25.43
N PRO D 143 32.01 2.56 -24.83
CA PRO D 143 31.26 2.51 -23.57
C PRO D 143 31.83 3.51 -22.56
N TRP D 144 30.94 4.17 -21.82
CA TRP D 144 31.31 5.17 -20.82
C TRP D 144 31.98 6.41 -21.38
N HIS D 145 31.92 6.62 -22.70
CA HIS D 145 32.51 7.81 -23.34
C HIS D 145 31.94 9.12 -22.79
N GLY D 146 30.66 9.09 -22.46
CA GLY D 146 29.90 10.28 -22.08
C GLY D 146 28.43 9.94 -22.25
N MET D 147 27.57 10.91 -21.99
CA MET D 147 26.14 10.70 -22.13
C MET D 147 25.74 11.05 -23.54
N GLU D 148 25.07 10.10 -24.20
CA GLU D 148 24.39 10.39 -25.45
C GLU D 148 23.16 9.50 -25.56
N TYR D 149 22.00 10.15 -25.59
CA TYR D 149 20.71 9.48 -25.52
C TYR D 149 20.64 8.31 -26.49
N SER D 150 20.40 7.12 -25.95
CA SER D 150 20.45 5.87 -26.68
C SER D 150 19.10 5.13 -26.65
N ASN D 151 18.48 5.08 -27.81
CA ASN D 151 17.30 4.28 -28.03
C ASN D 151 17.66 2.79 -28.12
N THR D 152 18.77 2.51 -28.80
CA THR D 152 19.24 1.12 -28.98
C THR D 152 19.45 0.33 -27.67
N GLY D 153 19.97 0.98 -26.63
CA GLY D 153 20.16 0.30 -25.34
C GLY D 153 18.85 -0.24 -24.76
N TYR D 154 17.77 0.49 -24.99
CA TYR D 154 16.47 0.05 -24.52
C TYR D 154 15.87 -1.07 -25.36
N VAL D 155 16.14 -1.08 -26.67
CA VAL D 155 15.75 -2.23 -27.50
C VAL D 155 16.45 -3.50 -26.99
N LEU D 156 17.74 -3.36 -26.67
CA LEU D 156 18.50 -4.49 -26.11
C LEU D 156 18.00 -4.90 -24.74
N ALA D 157 17.57 -3.91 -23.93
CA ALA D 157 17.01 -4.22 -22.62
C ALA D 157 15.71 -5.01 -22.76
N GLY D 158 14.89 -4.65 -23.74
CA GLY D 158 13.69 -5.39 -24.06
C GLY D 158 13.98 -6.82 -24.50
N MET D 159 15.07 -6.98 -25.24
CA MET D 159 15.51 -8.29 -25.73
C MET D 159 15.94 -9.21 -24.59
N ILE D 160 16.56 -8.62 -23.56
CA ILE D 160 16.90 -9.36 -22.34
C ILE D 160 15.64 -9.80 -21.60
N ILE D 161 14.67 -8.90 -21.47
CA ILE D 161 13.39 -9.28 -20.85
C ILE D 161 12.77 -10.48 -21.60
N ALA D 162 12.70 -10.37 -22.93
CA ALA D 162 12.09 -11.39 -23.79
C ALA D 162 12.80 -12.75 -23.67
N HIS D 163 14.12 -12.75 -23.70
CA HIS D 163 14.88 -14.00 -23.55
C HIS D 163 14.68 -14.66 -22.16
N GLU D 164 14.81 -13.87 -21.09
CA GLU D 164 14.72 -14.38 -19.72
C GLU D 164 13.36 -14.92 -19.36
N THR D 165 12.31 -14.26 -19.84
CA THR D 165 10.93 -14.64 -19.52
C THR D 165 10.32 -15.64 -20.51
N GLY D 166 10.99 -15.81 -21.66
CA GLY D 166 10.46 -16.61 -22.77
C GLY D 166 9.20 -16.06 -23.44
N LYS D 167 8.82 -14.83 -23.12
CA LYS D 167 7.63 -14.23 -23.72
C LYS D 167 8.00 -12.83 -24.24
N PRO D 168 7.14 -12.22 -25.08
CA PRO D 168 7.46 -10.84 -25.47
C PRO D 168 7.53 -9.91 -24.26
N TYR D 169 8.35 -8.86 -24.30
CA TYR D 169 8.54 -8.00 -23.11
C TYR D 169 7.23 -7.38 -22.63
N SER D 170 6.26 -7.25 -23.54
CA SER D 170 4.93 -6.72 -23.19
C SER D 170 4.27 -7.54 -22.09
N ASP D 171 4.45 -8.87 -22.12
CA ASP D 171 3.85 -9.76 -21.14
C ASP D 171 4.37 -9.49 -19.72
N HIS D 172 5.68 -9.31 -19.60
CA HIS D 172 6.36 -8.98 -18.34
C HIS D 172 5.82 -7.67 -17.76
N LEU D 173 5.79 -6.63 -18.60
CA LEU D 173 5.22 -5.34 -18.27
C LEU D 173 3.79 -5.43 -17.79
N ARG D 174 2.97 -6.25 -18.49
CA ARG D 174 1.56 -6.36 -18.18
C ARG D 174 1.31 -7.09 -16.84
N SER D 175 1.94 -8.25 -16.65
CA SER D 175 1.69 -9.06 -15.44
C SER D 175 2.40 -8.52 -14.18
N ARG D 176 3.51 -7.82 -14.39
CA ARG D 176 4.31 -7.29 -13.28
C ARG D 176 4.00 -5.83 -12.92
N ILE D 177 3.51 -5.06 -13.89
CA ILE D 177 3.24 -3.64 -13.67
C ILE D 177 1.78 -3.28 -13.92
N PHE D 178 1.29 -3.42 -15.15
CA PHE D 178 -0.04 -2.88 -15.51
C PHE D 178 -1.18 -3.52 -14.69
N ALA D 179 -1.24 -4.86 -14.71
CA ALA D 179 -2.33 -5.59 -14.07
C ALA D 179 -2.34 -5.38 -12.55
N PRO D 180 -1.20 -5.58 -11.86
CA PRO D 180 -1.22 -5.29 -10.42
C PRO D 180 -1.69 -3.88 -10.06
N LEU D 181 -1.45 -2.90 -10.93
CA LEU D 181 -1.79 -1.49 -10.63
C LEU D 181 -3.10 -1.06 -11.24
N GLY D 182 -3.77 -2.00 -11.93
CA GLY D 182 -5.07 -1.72 -12.55
C GLY D 182 -5.01 -0.66 -13.64
N MET D 183 -3.90 -0.64 -14.37
CA MET D 183 -3.75 0.21 -15.52
C MET D 183 -4.45 -0.47 -16.71
N LYS D 184 -5.69 -0.13 -16.97
CA LYS D 184 -6.39 -0.84 -18.06
C LYS D 184 -6.49 -0.10 -19.39
N ASP D 185 -5.87 1.09 -19.46
CA ASP D 185 -5.81 1.89 -20.69
C ASP D 185 -4.37 2.01 -21.22
N THR D 186 -3.58 0.96 -21.03
CA THR D 186 -2.15 1.00 -21.32
C THR D 186 -1.71 -0.21 -22.13
N TRP D 187 -1.02 0.05 -23.23
CA TRP D 187 -0.62 -1.00 -24.17
C TRP D 187 0.81 -0.81 -24.63
N VAL D 188 1.42 -1.93 -25.02
CA VAL D 188 2.75 -1.97 -25.61
C VAL D 188 2.58 -2.21 -27.13
N GLY D 189 2.76 -1.14 -27.91
CA GLY D 189 2.45 -1.11 -29.36
C GLY D 189 3.11 -2.14 -30.28
N THR D 190 4.31 -2.57 -29.96
CA THR D 190 5.00 -3.60 -30.76
C THR D 190 4.29 -4.95 -30.71
N HIS D 191 3.71 -5.30 -29.56
CA HIS D 191 3.22 -6.65 -29.33
C HIS D 191 1.75 -6.73 -29.01
N GLU D 192 1.10 -5.59 -28.91
CA GLU D 192 -0.28 -5.55 -28.47
C GLU D 192 -1.11 -4.62 -29.33
N THR D 193 -2.34 -5.02 -29.62
CA THR D 193 -3.29 -4.15 -30.31
C THR D 193 -3.96 -3.24 -29.30
N PHE D 194 -4.07 -1.97 -29.66
CA PHE D 194 -4.75 -0.99 -28.84
C PHE D 194 -5.87 -0.35 -29.68
N PRO D 195 -6.95 0.12 -29.03
CA PRO D 195 -8.07 0.71 -29.77
C PRO D 195 -7.79 2.12 -30.31
N ILE D 196 -7.45 2.19 -31.60
CA ILE D 196 -7.07 3.43 -32.30
C ILE D 196 -8.15 4.51 -32.23
N GLU D 197 -9.41 4.09 -32.17
CA GLU D 197 -10.50 5.04 -32.17
C GLU D 197 -10.56 5.87 -30.88
N ARG D 198 -9.86 5.40 -29.84
CA ARG D 198 -9.82 6.12 -28.57
C ARG D 198 -8.57 6.99 -28.41
N GLU D 199 -7.67 6.92 -29.38
CA GLU D 199 -6.45 7.69 -29.29
C GLU D 199 -6.71 9.14 -29.74
N ALA D 200 -6.24 10.09 -28.95
CA ALA D 200 -6.20 11.48 -29.41
C ALA D 200 -5.34 11.55 -30.66
N ARG D 201 -5.79 12.32 -31.63
CA ARG D 201 -5.00 12.51 -32.84
C ARG D 201 -3.74 13.27 -32.48
N GLY D 202 -2.65 13.03 -33.19
CA GLY D 202 -1.42 13.78 -33.02
C GLY D 202 -1.26 14.80 -34.14
N TYR D 203 -0.77 15.99 -33.80
CA TYR D 203 -0.57 17.04 -34.80
C TYR D 203 0.86 17.50 -34.85
N MET D 204 1.46 17.39 -36.03
CA MET D 204 2.76 17.97 -36.32
C MET D 204 2.55 19.36 -36.88
N HIS D 205 3.17 20.37 -36.26
CA HIS D 205 3.02 21.75 -36.69
C HIS D 205 4.11 22.10 -37.70
N ALA D 206 3.71 22.70 -38.81
CA ALA D 206 4.60 22.93 -39.95
C ALA D 206 5.47 24.17 -39.77
N ALA D 207 6.80 23.98 -39.73
CA ALA D 207 7.75 25.09 -39.65
C ALA D 207 9.12 24.69 -40.19
N ALA D 220 4.20 13.54 -46.66
CA ALA D 220 3.33 14.18 -45.68
C ALA D 220 2.19 14.99 -46.32
N GLY D 221 2.41 15.44 -47.55
CA GLY D 221 1.45 16.31 -48.24
C GLY D 221 1.51 17.74 -47.72
N ASP D 222 0.45 18.51 -47.99
CA ASP D 222 0.36 19.89 -47.51
C ASP D 222 -0.43 20.01 -46.19
N PRO D 223 0.10 20.81 -45.24
CA PRO D 223 -0.61 20.98 -43.96
C PRO D 223 -1.90 21.79 -44.15
N VAL D 224 -2.82 21.65 -43.19
CA VAL D 224 -4.04 22.45 -43.17
C VAL D 224 -4.04 23.17 -41.84
N ASP D 225 -4.21 24.48 -41.90
CA ASP D 225 -4.17 25.33 -40.71
C ASP D 225 -2.89 25.10 -39.88
N GLY D 226 -1.78 24.89 -40.58
CA GLY D 226 -0.48 24.77 -39.97
C GLY D 226 -0.12 23.39 -39.41
N VAL D 227 -0.96 22.38 -39.61
CA VAL D 227 -0.72 21.05 -39.02
C VAL D 227 -0.98 19.89 -39.99
N TRP D 228 -0.24 18.80 -39.80
CA TRP D 228 -0.59 17.49 -40.34
C TRP D 228 -1.09 16.59 -39.20
N ASP D 229 -2.03 15.70 -39.50
CA ASP D 229 -2.37 14.63 -38.58
C ASP D 229 -1.32 13.53 -38.71
N SER D 230 -0.44 13.45 -37.72
CA SER D 230 0.66 12.52 -37.77
C SER D 230 0.45 11.27 -36.92
N THR D 231 -0.76 11.09 -36.40
CA THR D 231 -1.06 10.01 -35.45
C THR D 231 -0.50 8.67 -35.90
N GLU D 232 -0.68 8.37 -37.17
CA GLU D 232 -0.34 7.07 -37.71
C GLU D 232 0.80 7.13 -38.73
N TRP D 233 1.68 8.15 -38.62
CA TRP D 233 2.86 8.21 -39.49
C TRP D 233 3.87 7.11 -39.20
N PHE D 234 4.22 6.97 -37.94
CA PHE D 234 5.33 6.12 -37.51
C PHE D 234 4.80 4.85 -36.83
N PRO D 235 5.19 3.67 -37.34
CA PRO D 235 4.74 2.41 -36.75
C PRO D 235 5.38 2.23 -35.39
N LEU D 236 4.59 1.82 -34.39
CA LEU D 236 5.11 1.76 -33.03
C LEU D 236 6.19 0.72 -32.88
N SER D 237 6.14 -0.33 -33.69
CA SER D 237 7.21 -1.35 -33.72
C SER D 237 8.57 -0.80 -34.15
N GLY D 238 8.58 0.35 -34.82
CA GLY D 238 9.84 1.05 -35.14
C GLY D 238 10.49 1.65 -33.90
N ALA D 239 9.70 1.90 -32.86
CA ALA D 239 10.25 2.40 -31.58
C ALA D 239 10.61 1.23 -30.64
N ASN D 240 9.80 0.17 -30.67
CA ASN D 240 10.09 -1.03 -29.87
C ASN D 240 10.18 -0.64 -28.37
N ALA D 241 11.04 -1.32 -27.60
CA ALA D 241 11.23 -1.04 -26.17
C ALA D 241 11.75 0.36 -25.86
N ALA D 242 12.14 1.10 -26.89
CA ALA D 242 12.55 2.49 -26.67
C ALA D 242 11.35 3.46 -26.63
N GLY D 243 10.20 3.06 -27.16
CA GLY D 243 9.10 4.03 -27.19
C GLY D 243 7.77 3.66 -27.78
N ASP D 244 7.30 2.45 -27.52
CA ASP D 244 6.09 1.95 -28.21
C ASP D 244 4.78 1.97 -27.40
N MET D 245 4.81 2.54 -26.18
CA MET D 245 3.63 2.45 -25.32
C MET D 245 2.54 3.49 -25.59
N VAL D 246 1.32 3.08 -25.35
CA VAL D 246 0.14 3.91 -25.47
C VAL D 246 -0.51 3.93 -24.10
N SER D 247 -0.93 5.09 -23.62
CA SER D 247 -1.50 5.17 -22.27
C SER D 247 -2.30 6.45 -22.09
N THR D 248 -2.76 6.68 -20.86
CA THR D 248 -3.47 7.89 -20.49
C THR D 248 -2.67 8.53 -19.35
N PRO D 249 -2.72 9.86 -19.22
CA PRO D 249 -2.12 10.47 -18.03
C PRO D 249 -2.62 9.82 -16.73
N ARG D 250 -3.92 9.51 -16.64
CA ARG D 250 -4.45 8.75 -15.50
C ARG D 250 -3.63 7.46 -15.18
N ASP D 251 -3.42 6.61 -16.18
CA ASP D 251 -2.73 5.34 -15.93
C ASP D 251 -1.26 5.58 -15.56
N ILE D 252 -0.64 6.56 -16.20
CA ILE D 252 0.76 6.89 -15.93
C ILE D 252 1.00 7.29 -14.48
N VAL D 253 0.04 8.04 -13.91
CA VAL D 253 0.14 8.48 -12.53
C VAL D 253 -0.05 7.31 -11.56
N LYS D 254 -0.89 6.35 -11.94
CA LYS D 254 -0.95 5.09 -11.18
C LYS D 254 0.41 4.42 -11.10
N PHE D 255 1.14 4.41 -12.21
CA PHE D 255 2.50 3.86 -12.24
C PHE D 255 3.51 4.66 -11.40
N LEU D 256 3.51 5.97 -11.56
CA LEU D 256 4.44 6.84 -10.84
C LEU D 256 4.27 6.73 -9.33
N ASN D 257 3.04 6.77 -8.87
CA ASN D 257 2.75 6.64 -7.44
C ASN D 257 3.28 5.33 -6.86
N ALA D 258 2.98 4.22 -7.54
CA ALA D 258 3.45 2.90 -7.12
C ALA D 258 4.96 2.78 -7.15
N LEU D 259 5.56 3.31 -8.19
CA LEU D 259 7.00 3.22 -8.33
C LEU D 259 7.66 3.96 -7.18
N PHE D 260 7.30 5.22 -6.97
CA PHE D 260 8.03 6.04 -6.00
C PHE D 260 7.65 5.73 -4.56
N ASP D 261 6.52 5.04 -4.38
CA ASP D 261 6.03 4.59 -3.07
C ASP D 261 6.62 3.25 -2.64
N GLY D 262 7.50 2.67 -3.45
CA GLY D 262 8.10 1.37 -3.13
C GLY D 262 7.24 0.14 -3.39
N ARG D 263 6.19 0.28 -4.18
CA ARG D 263 5.29 -0.84 -4.43
C ARG D 263 5.63 -1.69 -5.67
N ILE D 264 6.66 -1.29 -6.43
CA ILE D 264 7.08 -2.07 -7.59
C ILE D 264 8.49 -2.63 -7.40
N LEU D 265 9.46 -1.72 -7.24
CA LEU D 265 10.86 -2.09 -7.09
C LEU D 265 11.28 -1.92 -5.63
N ASP D 266 12.21 -2.78 -5.18
CA ASP D 266 12.80 -2.62 -3.84
C ASP D 266 13.68 -1.36 -3.79
N GLN D 267 14.24 -1.09 -2.62
CA GLN D 267 14.93 0.18 -2.39
C GLN D 267 16.16 0.30 -3.27
N LYS D 268 16.99 -0.75 -3.29
CA LYS D 268 18.17 -0.77 -4.14
C LYS D 268 17.85 -0.48 -5.60
N ARG D 269 16.89 -1.22 -6.17
CA ARG D 269 16.56 -1.04 -7.58
C ARG D 269 15.96 0.32 -7.86
N LEU D 270 15.12 0.79 -6.96
CA LEU D 270 14.58 2.15 -7.08
C LEU D 270 15.70 3.19 -7.00
N TRP D 271 16.65 2.99 -6.08
CA TRP D 271 17.86 3.82 -6.02
C TRP D 271 18.67 3.80 -7.32
N GLU D 272 18.90 2.60 -7.88
CA GLU D 272 19.56 2.50 -9.19
C GLU D 272 18.85 3.33 -10.23
N MET D 273 17.53 3.23 -10.25
CA MET D 273 16.71 3.94 -11.23
C MET D 273 16.75 5.47 -11.08
N LYS D 274 16.59 5.96 -9.85
CA LYS D 274 16.38 7.38 -9.60
C LYS D 274 17.53 8.16 -8.96
N ASP D 275 18.47 7.49 -8.30
CA ASP D 275 19.52 8.20 -7.53
C ASP D 275 20.97 7.91 -7.97
N ASN D 276 21.17 6.77 -8.62
CA ASN D 276 22.46 6.49 -9.22
C ASN D 276 22.60 7.22 -10.56
N ILE D 277 22.83 8.53 -10.47
CA ILE D 277 22.72 9.46 -11.60
C ILE D 277 24.07 10.05 -12.05
N LYS D 278 24.04 10.59 -13.27
CA LYS D 278 25.14 11.29 -13.90
C LYS D 278 24.44 12.32 -14.78
N PRO D 279 25.17 13.39 -15.18
CA PRO D 279 24.60 14.40 -16.09
C PRO D 279 24.07 13.84 -17.40
N ALA D 280 23.06 14.52 -17.94
CA ALA D 280 22.39 14.06 -19.15
C ALA D 280 21.80 15.20 -19.95
N PHE D 281 21.82 15.03 -21.27
CA PHE D 281 21.29 15.98 -22.23
C PHE D 281 20.21 15.33 -23.07
N PHE D 282 19.07 16.00 -23.17
CA PHE D 282 18.11 15.72 -24.25
C PHE D 282 17.57 17.03 -24.81
N PRO D 283 17.69 17.23 -26.14
CA PRO D 283 17.25 18.51 -26.70
C PRO D 283 15.73 18.55 -26.87
N GLY D 284 15.11 19.72 -26.78
CA GLY D 284 15.61 20.85 -25.99
C GLY D 284 14.71 20.87 -24.76
N SER D 285 14.79 19.77 -24.01
CA SER D 285 14.10 19.52 -22.76
C SER D 285 14.74 20.27 -21.60
N ASN D 286 14.24 20.03 -20.39
CA ASN D 286 14.77 20.55 -19.13
C ASN D 286 15.65 19.52 -18.40
N THR D 287 16.14 18.52 -19.15
CA THR D 287 16.92 17.43 -18.58
C THR D 287 18.32 17.90 -18.18
N VAL D 288 18.74 17.48 -16.98
CA VAL D 288 20.08 17.78 -16.47
C VAL D 288 20.83 16.52 -16.06
N ALA D 289 20.12 15.41 -15.86
CA ALA D 289 20.71 14.18 -15.32
C ALA D 289 19.82 12.96 -15.59
N ASN D 290 20.41 11.76 -15.51
CA ASN D 290 19.66 10.51 -15.61
C ASN D 290 20.21 9.42 -14.71
N GLY D 291 19.29 8.57 -14.25
CA GLY D 291 19.63 7.36 -13.51
C GLY D 291 19.64 6.15 -14.43
N HIS D 292 18.86 5.13 -14.09
CA HIS D 292 18.75 3.91 -14.91
C HIS D 292 17.27 3.63 -15.21
N GLY D 293 16.68 4.51 -16.01
CA GLY D 293 15.25 4.45 -16.32
C GLY D 293 14.48 5.75 -16.08
N LEU D 294 15.12 6.73 -15.42
CA LEU D 294 14.48 8.03 -15.17
C LEU D 294 15.39 9.18 -15.51
N LEU D 295 14.80 10.24 -16.05
CA LEU D 295 15.50 11.50 -16.27
C LEU D 295 15.23 12.45 -15.12
N LEU D 296 16.20 13.32 -14.83
CA LEU D 296 16.00 14.38 -13.86
C LEU D 296 15.79 15.69 -14.63
N MET D 297 14.61 16.26 -14.53
CA MET D 297 14.25 17.42 -15.33
C MET D 297 13.91 18.61 -14.43
N ARG D 298 14.52 19.76 -14.70
CA ARG D 298 14.39 20.92 -13.78
C ARG D 298 13.31 21.90 -14.20
N TYR D 299 12.50 22.30 -13.22
CA TYR D 299 11.46 23.30 -13.44
C TYR D 299 11.54 24.42 -12.41
N GLY D 300 12.39 25.41 -12.67
CA GLY D 300 12.63 26.49 -11.70
C GLY D 300 13.17 25.90 -10.41
N SER D 301 12.47 26.14 -9.30
CA SER D 301 12.82 25.52 -8.01
C SER D 301 12.29 24.09 -7.81
N SER D 302 11.57 23.55 -8.79
CA SER D 302 11.10 22.17 -8.73
C SER D 302 11.92 21.26 -9.64
N GLU D 303 11.90 19.96 -9.34
CA GLU D 303 12.55 18.95 -10.16
C GLU D 303 11.65 17.74 -10.36
N LEU D 304 11.51 17.30 -11.59
CA LEU D 304 10.78 16.05 -11.86
C LEU D 304 11.77 14.91 -12.15
N LYS D 305 11.52 13.75 -11.54
CA LYS D 305 12.18 12.51 -11.93
C LYS D 305 11.18 11.66 -12.68
N GLY D 306 11.47 11.43 -13.95
CA GLY D 306 10.49 10.81 -14.83
C GLY D 306 11.06 10.69 -16.21
N HIS D 307 10.31 11.20 -17.18
CA HIS D 307 10.75 11.11 -18.54
C HIS D 307 9.97 12.07 -19.41
N LEU D 308 10.52 12.32 -20.58
CA LEU D 308 9.83 13.05 -21.62
C LEU D 308 9.59 12.10 -22.78
N GLY D 309 8.58 12.42 -23.59
CA GLY D 309 8.33 11.64 -24.78
C GLY D 309 8.05 12.53 -25.99
N GLN D 310 8.67 12.17 -27.10
CA GLN D 310 8.41 12.81 -28.38
C GLN D 310 8.24 11.72 -29.41
N ILE D 311 7.03 11.66 -29.94
CA ILE D 311 6.75 10.86 -31.10
C ILE D 311 5.82 11.79 -31.91
N PRO D 312 5.87 11.73 -33.25
CA PRO D 312 5.17 12.75 -34.08
C PRO D 312 3.75 13.08 -33.62
N GLY D 313 3.58 14.29 -33.07
CA GLY D 313 2.27 14.78 -32.71
C GLY D 313 1.84 14.63 -31.26
N HIS D 314 2.47 13.71 -30.52
CA HIS D 314 2.22 13.53 -29.08
C HIS D 314 3.49 13.81 -28.29
N THR D 315 3.42 14.80 -27.41
CA THR D 315 4.57 15.30 -26.69
C THR D 315 4.22 15.23 -25.21
N SER D 316 5.01 14.47 -24.44
CA SER D 316 4.68 14.18 -23.05
C SER D 316 5.77 14.53 -22.04
N ILE D 317 5.33 14.84 -20.82
CA ILE D 317 6.20 14.95 -19.66
C ILE D 317 5.58 14.17 -18.51
N MET D 318 6.32 13.19 -18.00
CA MET D 318 5.87 12.56 -16.75
C MET D 318 6.93 12.70 -15.70
N GLY D 319 6.51 12.72 -14.43
CA GLY D 319 7.48 12.64 -13.36
C GLY D 319 6.88 12.86 -11.99
N ARG D 320 7.70 12.58 -10.99
CA ARG D 320 7.40 12.75 -9.60
C ARG D 320 8.35 13.83 -9.06
N ASP D 321 7.81 14.73 -8.27
CA ASP D 321 8.60 15.73 -7.55
C ASP D 321 8.88 15.12 -6.18
N GLU D 322 10.08 14.62 -5.98
CA GLU D 322 10.43 13.87 -4.75
C GLU D 322 10.32 14.73 -3.48
N GLU D 323 10.42 16.05 -3.63
CA GLU D 323 10.33 16.95 -2.49
C GLU D 323 8.93 17.00 -1.91
N THR D 324 7.93 17.18 -2.79
CA THR D 324 6.53 17.34 -2.36
C THR D 324 5.76 16.05 -2.40
N GLY D 325 6.23 15.11 -3.23
CA GLY D 325 5.54 13.84 -3.45
C GLY D 325 4.52 13.90 -4.57
N ALA D 326 4.46 15.03 -5.25
CA ALA D 326 3.55 15.23 -6.39
C ALA D 326 3.98 14.40 -7.60
N ALA D 327 3.02 13.82 -8.32
CA ALA D 327 3.33 13.07 -9.52
C ALA D 327 2.44 13.56 -10.65
N LEU D 328 2.99 13.66 -11.85
CA LEU D 328 2.17 14.13 -12.95
C LEU D 328 2.49 13.45 -14.27
N MET D 329 1.52 13.54 -15.17
CA MET D 329 1.72 13.23 -16.58
C MET D 329 0.91 14.27 -17.34
N LEU D 330 1.62 15.04 -18.16
CA LEU D 330 0.99 15.98 -19.07
C LEU D 330 1.36 15.58 -20.48
N ILE D 331 0.36 15.46 -21.33
CA ILE D 331 0.59 15.14 -22.72
C ILE D 331 -0.24 16.11 -23.56
N GLN D 332 0.42 16.73 -24.52
CA GLN D 332 -0.27 17.52 -25.52
C GLN D 332 -0.26 16.80 -26.86
N ASN D 333 -1.31 17.01 -27.65
CA ASN D 333 -1.37 16.45 -29.00
C ASN D 333 -0.85 17.40 -30.10
N SER D 334 0.16 18.20 -29.71
CA SER D 334 0.93 19.02 -30.65
C SER D 334 2.39 18.61 -30.52
N GLY D 335 3.03 18.45 -31.67
CA GLY D 335 4.48 18.33 -31.77
C GLY D 335 5.04 19.10 -32.95
N ALA D 336 6.36 19.02 -33.15
CA ALA D 336 7.02 19.61 -34.32
C ALA D 336 8.27 18.81 -34.65
N GLY D 337 8.86 19.10 -35.81
CA GLY D 337 10.02 18.36 -36.28
C GLY D 337 11.31 18.86 -35.67
N ASP D 338 11.30 20.08 -35.15
CA ASP D 338 12.50 20.74 -34.63
C ASP D 338 12.48 20.82 -33.09
N PHE D 339 13.58 20.41 -32.46
CA PHE D 339 13.73 20.38 -31.00
C PHE D 339 13.53 21.72 -30.32
N GLU D 340 13.70 22.81 -31.07
CA GLU D 340 13.52 24.15 -30.51
C GLU D 340 12.21 24.82 -30.87
N SER D 341 11.35 24.09 -31.56
CA SER D 341 10.01 24.59 -31.85
C SER D 341 9.23 24.73 -30.56
N PHE D 342 8.35 25.72 -30.49
CA PHE D 342 7.44 25.87 -29.36
C PHE D 342 6.57 24.62 -29.17
N TYR D 343 6.25 23.97 -30.29
CA TYR D 343 5.32 22.83 -30.25
C TYR D 343 5.99 21.55 -29.77
N LEU D 344 7.31 21.58 -29.68
CA LEU D 344 8.04 20.50 -29.05
C LEU D 344 8.47 20.87 -27.62
N LYS D 345 9.41 21.79 -27.49
CA LYS D 345 9.99 22.07 -26.17
C LYS D 345 9.07 22.85 -25.23
N GLY D 346 8.04 23.48 -25.78
CA GLY D 346 7.12 24.31 -25.00
C GLY D 346 6.16 23.52 -24.13
N VAL D 347 6.16 22.19 -24.30
CA VAL D 347 5.42 21.30 -23.41
C VAL D 347 5.88 21.48 -21.94
N ASN D 348 7.14 21.90 -21.78
CA ASN D 348 7.74 22.16 -20.46
C ASN D 348 7.19 23.38 -19.74
N GLU D 349 6.61 24.32 -20.50
CA GLU D 349 6.07 25.54 -19.92
C GLU D 349 4.87 25.34 -18.98
N PRO D 350 3.79 24.65 -19.45
CA PRO D 350 2.70 24.40 -18.50
C PRO D 350 3.13 23.52 -17.35
N VAL D 351 4.05 22.59 -17.60
CA VAL D 351 4.58 21.79 -16.50
C VAL D 351 5.23 22.70 -15.44
N ASP D 352 6.05 23.65 -15.90
CA ASP D 352 6.70 24.60 -14.98
C ASP D 352 5.72 25.45 -14.16
N ARG D 353 4.71 26.04 -14.84
CA ARG D 353 3.62 26.80 -14.20
C ARG D 353 2.78 25.98 -13.24
N VAL D 354 2.53 24.71 -13.56
CA VAL D 354 1.83 23.86 -12.60
C VAL D 354 2.63 23.64 -11.31
N LEU D 355 3.89 23.26 -11.44
CA LEU D 355 4.73 23.04 -10.26
C LEU D 355 4.89 24.29 -9.39
N GLU D 356 5.00 25.46 -10.04
CA GLU D 356 4.98 26.78 -9.37
C GLU D 356 3.69 27.01 -8.59
N ALA D 357 2.56 26.71 -9.24
CA ALA D 357 1.25 26.93 -8.63
C ALA D 357 1.09 26.01 -7.43
N ILE D 358 1.56 24.77 -7.54
CA ILE D 358 1.61 23.84 -6.41
C ILE D 358 2.43 24.46 -5.26
N LYS D 359 3.63 24.94 -5.57
CA LYS D 359 4.50 25.58 -4.58
C LYS D 359 3.81 26.79 -3.96
N ASN D 360 3.30 27.68 -4.80
CA ASN D 360 2.66 28.90 -4.33
C ASN D 360 1.45 28.68 -3.42
N SER D 361 0.73 27.57 -3.62
CA SER D 361 -0.42 27.25 -2.80
C SER D 361 -0.05 26.55 -1.47
N ARG D 362 1.16 26.01 -1.39
CA ARG D 362 1.56 25.16 -0.25
C ARG D 362 1.85 25.92 1.05
N SER D 363 1.94 27.26 0.96
CA SER D 363 2.10 28.11 2.13
C SER D 363 1.06 29.22 2.17
N SER E 2 10.57 50.41 -5.63
CA SER E 2 9.64 49.37 -5.11
C SER E 2 10.09 48.83 -3.74
N ASP E 3 9.35 47.86 -3.21
CA ASP E 3 9.70 47.23 -1.93
C ASP E 3 10.98 46.38 -2.02
N LEU E 4 11.15 45.67 -3.14
CA LEU E 4 12.38 44.91 -3.41
C LEU E 4 13.54 45.83 -3.84
N ASN E 5 13.24 46.84 -4.65
CA ASN E 5 14.23 47.85 -5.06
C ASN E 5 14.95 48.45 -3.85
N ASN E 6 14.19 48.67 -2.77
CA ASN E 6 14.70 49.30 -1.55
C ASN E 6 15.25 48.32 -0.53
N ALA E 7 14.84 47.05 -0.62
CA ALA E 7 15.42 45.99 0.22
C ALA E 7 16.88 45.70 -0.19
N ILE E 8 17.14 45.74 -1.48
CA ILE E 8 18.48 45.55 -2.03
C ILE E 8 19.38 46.70 -1.60
N GLN E 9 18.91 47.94 -1.76
CA GLN E 9 19.68 49.11 -1.37
C GLN E 9 20.17 48.96 0.07
N GLY E 10 19.27 48.60 0.97
CA GLY E 10 19.60 48.34 2.37
C GLY E 10 20.67 47.29 2.61
N ILE E 11 20.64 46.23 1.81
CA ILE E 11 21.66 45.17 1.87
C ILE E 11 23.04 45.71 1.45
N LEU E 12 23.06 46.46 0.34
CA LEU E 12 24.28 47.09 -0.17
C LEU E 12 24.84 48.17 0.74
N ASP E 13 23.95 48.90 1.43
CA ASP E 13 24.36 49.93 2.38
C ASP E 13 24.92 49.30 3.65
N ASP E 14 24.30 48.21 4.10
CA ASP E 14 24.83 47.43 5.23
C ASP E 14 26.22 46.88 4.92
N HIS E 15 26.49 46.64 3.65
CA HIS E 15 27.74 46.00 3.25
C HIS E 15 28.92 46.97 3.31
N VAL E 16 28.77 48.16 2.73
CA VAL E 16 29.85 49.16 2.80
C VAL E 16 30.09 49.63 4.24
N ALA E 17 29.05 49.53 5.08
CA ALA E 17 29.10 49.89 6.49
C ALA E 17 29.90 48.88 7.32
N ARG E 18 30.10 47.69 6.77
CA ARG E 18 30.97 46.68 7.39
C ARG E 18 32.44 46.98 7.09
N GLY E 19 32.69 47.71 6.01
CA GLY E 19 34.04 48.15 5.67
C GLY E 19 34.30 48.35 4.19
N VAL E 20 33.48 47.71 3.36
CA VAL E 20 33.65 47.72 1.91
C VAL E 20 33.53 49.12 1.32
N VAL E 21 34.48 49.48 0.46
CA VAL E 21 34.55 50.84 -0.05
C VAL E 21 33.28 51.19 -0.81
N GLY E 22 33.00 50.42 -1.87
CA GLY E 22 31.84 50.64 -2.72
C GLY E 22 31.40 49.38 -3.45
N VAL E 23 30.10 49.23 -3.61
CA VAL E 23 29.52 48.06 -4.26
C VAL E 23 28.58 48.46 -5.41
N SER E 24 28.66 47.73 -6.53
CA SER E 24 27.81 47.98 -7.70
C SER E 24 27.12 46.69 -8.21
N LEU E 25 25.79 46.73 -8.30
CA LEU E 25 24.99 45.57 -8.70
C LEU E 25 24.07 45.85 -9.87
N ALA E 26 24.00 44.90 -10.80
CA ALA E 26 22.95 44.85 -11.83
C ALA E 26 22.16 43.56 -11.68
N LEU E 27 20.83 43.68 -11.62
CA LEU E 27 19.94 42.56 -11.37
C LEU E 27 18.74 42.58 -12.32
N CYS E 28 18.45 41.43 -12.91
CA CYS E 28 17.33 41.31 -13.83
C CYS E 28 16.47 40.12 -13.45
N LEU E 29 15.21 40.39 -13.10
CA LEU E 29 14.22 39.34 -12.90
C LEU E 29 13.69 38.92 -14.27
N PRO E 30 13.15 37.70 -14.38
CA PRO E 30 12.70 37.25 -15.71
C PRO E 30 11.42 37.99 -16.12
N GLY E 31 11.31 38.29 -17.41
CA GLY E 31 10.19 39.10 -17.91
C GLY E 31 10.26 40.53 -17.40
N GLU E 32 11.36 40.85 -16.72
CA GLU E 32 11.63 42.20 -16.28
C GLU E 32 12.86 42.78 -16.97
N GLU E 33 13.16 44.03 -16.66
CA GLU E 33 14.30 44.74 -17.21
C GLU E 33 15.36 44.84 -16.13
N THR E 34 16.59 45.13 -16.55
CA THR E 34 17.72 45.19 -15.64
C THR E 34 17.67 46.42 -14.75
N SER E 35 17.60 46.20 -13.44
CA SER E 35 17.71 47.25 -12.45
C SER E 35 19.15 47.36 -11.94
N LEU E 36 19.59 48.58 -11.68
CA LEU E 36 20.95 48.83 -11.20
C LEU E 36 20.91 49.46 -9.81
N TYR E 37 21.87 49.09 -8.98
CA TYR E 37 21.98 49.58 -7.61
C TYR E 37 23.46 49.81 -7.27
N GLN E 38 23.75 50.88 -6.54
CA GLN E 38 25.11 51.15 -6.06
C GLN E 38 25.13 51.70 -4.63
N SER E 39 26.29 51.57 -3.98
CA SER E 39 26.53 52.10 -2.65
C SER E 39 28.03 52.37 -2.49
N GLY E 40 28.42 53.05 -1.41
CA GLY E 40 29.81 53.40 -1.17
C GLY E 40 30.43 54.23 -2.28
N TYR E 41 31.75 54.24 -2.36
CA TYR E 41 32.49 55.12 -3.28
C TYR E 41 33.28 54.39 -4.36
N ALA E 42 33.29 54.97 -5.56
CA ALA E 42 34.16 54.53 -6.65
C ALA E 42 35.59 55.05 -6.43
N ASP E 43 35.68 56.20 -5.76
CA ASP E 43 36.96 56.80 -5.36
C ASP E 43 36.90 57.18 -3.88
N LYS E 44 37.67 56.47 -3.05
CA LYS E 44 37.68 56.68 -1.61
C LYS E 44 38.22 58.06 -1.23
N ASN E 46 38.20 60.76 -2.71
CA ASN E 46 38.52 61.85 -3.62
C ASN E 46 37.40 62.37 -4.57
N LYS E 47 36.11 62.20 -4.26
CA LYS E 47 35.53 61.28 -3.28
C LYS E 47 34.27 60.78 -3.97
N MET E 48 34.46 60.21 -5.17
CA MET E 48 33.37 59.88 -6.10
C MET E 48 32.45 58.78 -5.56
N PRO E 49 31.11 58.98 -5.66
CA PRO E 49 30.24 57.87 -5.30
C PRO E 49 30.15 56.88 -6.47
N MET E 50 29.87 55.62 -6.14
CA MET E 50 29.65 54.59 -7.16
C MET E 50 28.41 54.91 -8.00
N THR E 51 28.55 54.77 -9.32
CA THR E 51 27.42 54.85 -10.26
C THR E 51 27.31 53.57 -11.11
N GLY E 52 26.17 53.38 -11.77
CA GLY E 52 25.96 52.24 -12.65
C GLY E 52 26.82 52.25 -13.91
N ASP E 53 27.64 53.29 -14.06
CA ASP E 53 28.47 53.46 -15.27
C ASP E 53 29.97 53.26 -15.01
N HIS E 54 30.33 53.02 -13.75
CA HIS E 54 31.72 52.73 -13.41
C HIS E 54 32.10 51.33 -13.91
N LEU E 55 33.22 51.27 -14.61
CA LEU E 55 33.76 50.02 -15.12
C LEU E 55 34.52 49.30 -14.02
N PHE E 56 34.56 47.97 -14.12
CA PHE E 56 35.34 47.14 -13.22
C PHE E 56 36.12 46.12 -14.05
N ARG E 57 37.28 45.70 -13.54
CA ARG E 57 37.95 44.52 -14.06
C ARG E 57 37.20 43.30 -13.51
N ILE E 58 36.59 42.51 -14.39
CA ILE E 58 35.78 41.33 -13.98
C ILE E 58 36.60 40.07 -13.65
N ALA E 59 37.90 40.09 -13.96
CA ALA E 59 38.82 38.99 -13.64
C ALA E 59 38.30 37.66 -14.21
N SER E 60 38.30 36.60 -13.41
CA SER E 60 37.93 35.26 -13.90
C SER E 60 36.53 35.11 -14.47
N CYS E 61 35.64 36.07 -14.23
CA CYS E 61 34.34 36.06 -14.92
C CYS E 61 34.57 36.09 -16.44
N THR E 62 35.75 36.59 -16.84
CA THR E 62 36.24 36.50 -18.21
C THR E 62 36.19 35.06 -18.75
N LYS E 63 36.44 34.09 -17.88
CA LYS E 63 36.45 32.69 -18.27
C LYS E 63 35.14 32.24 -18.94
N SER E 64 34.00 32.70 -18.42
CA SER E 64 32.70 32.40 -19.02
C SER E 64 32.61 32.85 -20.48
N PHE E 65 33.12 34.05 -20.77
CA PHE E 65 33.16 34.60 -22.13
C PHE E 65 34.09 33.83 -23.06
N ILE E 66 35.27 33.47 -22.55
CA ILE E 66 36.23 32.68 -23.35
C ILE E 66 35.70 31.28 -23.69
N ALA E 67 35.08 30.63 -22.71
CA ALA E 67 34.45 29.33 -22.91
C ALA E 67 33.33 29.43 -23.95
N THR E 68 32.45 30.42 -23.78
CA THR E 68 31.40 30.72 -24.77
C THR E 68 32.01 30.85 -26.16
N GLY E 69 33.07 31.65 -26.29
CA GLY E 69 33.78 31.77 -27.56
C GLY E 69 34.28 30.46 -28.11
N LEU E 70 34.82 29.60 -27.25
CA LEU E 70 35.33 28.31 -27.71
C LEU E 70 34.16 27.39 -28.14
N HIS E 71 33.09 27.41 -27.36
CA HIS E 71 31.87 26.69 -27.66
C HIS E 71 31.21 27.14 -28.96
N LEU E 72 31.29 28.44 -29.24
CA LEU E 72 30.80 28.98 -30.52
C LEU E 72 31.50 28.34 -31.70
N LEU E 73 32.82 28.21 -31.57
CA LEU E 73 33.62 27.54 -32.59
C LEU E 73 33.24 26.06 -32.72
N VAL E 74 32.84 25.44 -31.62
CA VAL E 74 32.42 24.03 -31.61
C VAL E 74 31.13 23.87 -32.44
N GLN E 75 30.20 24.81 -32.24
CA GLN E 75 28.97 24.92 -33.04
C GLN E 75 29.23 25.10 -34.52
N ASP E 76 30.18 25.95 -34.87
CA ASP E 76 30.62 26.12 -36.27
C ASP E 76 31.28 24.87 -36.84
N GLY E 77 31.62 23.93 -35.97
CA GLY E 77 32.11 22.64 -36.42
C GLY E 77 33.60 22.60 -36.72
N THR E 78 34.31 23.68 -36.38
CA THR E 78 35.77 23.69 -36.55
C THR E 78 36.54 23.15 -35.33
N VAL E 79 35.85 23.00 -34.19
CA VAL E 79 36.46 22.41 -32.98
C VAL E 79 35.52 21.34 -32.37
N ASP E 80 36.10 20.20 -32.01
CA ASP E 80 35.40 19.16 -31.25
C ASP E 80 35.85 19.10 -29.78
N LEU E 81 34.89 19.14 -28.86
CA LEU E 81 35.19 19.17 -27.43
C LEU E 81 36.00 17.97 -26.95
N ASP E 82 35.89 16.86 -27.68
CA ASP E 82 36.60 15.62 -27.31
C ASP E 82 37.86 15.32 -28.14
N GLU E 83 38.26 16.22 -29.03
CA GLU E 83 39.50 16.01 -29.79
C GLU E 83 40.71 16.49 -29.01
N PRO E 84 41.87 15.83 -29.18
CA PRO E 84 43.09 16.21 -28.46
C PRO E 84 43.58 17.61 -28.84
N ILE E 85 44.17 18.32 -27.88
CA ILE E 85 44.64 19.68 -28.12
C ILE E 85 46.01 19.70 -28.82
N THR E 86 46.52 18.51 -29.16
CA THR E 86 47.76 18.33 -29.94
C THR E 86 47.65 18.95 -31.33
N ARG E 87 46.42 19.12 -31.81
CA ARG E 87 46.15 19.83 -33.08
C ARG E 87 46.69 21.28 -33.05
N TRP E 88 46.70 21.90 -31.87
CA TRP E 88 47.16 23.28 -31.73
C TRP E 88 48.47 23.40 -30.93
N PHE E 89 48.68 22.48 -30.01
CA PHE E 89 49.85 22.52 -29.16
C PHE E 89 50.50 21.13 -29.16
N PRO E 90 51.15 20.75 -30.28
CA PRO E 90 51.72 19.41 -30.41
C PRO E 90 52.78 19.05 -29.38
N ASP E 91 53.60 20.03 -28.96
CA ASP E 91 54.76 19.73 -28.10
C ASP E 91 54.49 19.99 -26.63
N LEU E 92 53.27 20.40 -26.31
CA LEU E 92 52.89 20.64 -24.92
C LEU E 92 52.82 19.29 -24.19
N PRO E 93 53.58 19.13 -23.09
CA PRO E 93 53.54 17.86 -22.35
C PRO E 93 52.12 17.38 -22.03
N LYS E 94 51.90 16.08 -22.27
CA LYS E 94 50.64 15.37 -21.96
C LYS E 94 49.45 15.86 -22.79
N ALA E 95 49.72 16.65 -23.83
CA ALA E 95 48.66 17.19 -24.70
C ALA E 95 47.81 16.10 -25.36
N ALA E 96 48.39 14.93 -25.59
CA ALA E 96 47.68 13.79 -26.19
C ALA E 96 46.57 13.28 -25.29
N GLN E 97 46.69 13.49 -23.98
CA GLN E 97 45.67 13.06 -23.04
C GLN E 97 44.74 14.20 -22.64
N MET E 98 44.77 15.29 -23.39
CA MET E 98 43.95 16.47 -23.11
C MET E 98 42.95 16.73 -24.23
N PRO E 99 41.70 16.32 -24.03
CA PRO E 99 40.64 16.74 -24.95
C PRO E 99 40.35 18.23 -24.79
N VAL E 100 39.88 18.89 -25.86
CA VAL E 100 39.58 20.33 -25.80
C VAL E 100 38.77 20.71 -24.56
N ARG E 101 37.78 19.89 -24.21
CA ARG E 101 36.93 20.17 -23.02
C ARG E 101 37.69 20.36 -21.72
N ILE E 102 38.83 19.69 -21.58
CA ILE E 102 39.60 19.67 -20.33
C ILE E 102 40.27 21.03 -20.01
N LEU E 103 40.36 21.87 -21.03
CA LEU E 103 40.86 23.23 -20.89
C LEU E 103 39.87 24.09 -20.12
N LEU E 104 38.59 23.67 -20.17
CA LEU E 104 37.48 24.47 -19.63
C LEU E 104 36.95 24.00 -18.29
N ASN E 105 37.23 22.74 -17.95
CA ASN E 105 36.60 22.11 -16.78
C ASN E 105 37.48 22.02 -15.52
N HIS E 106 38.66 22.62 -15.56
CA HIS E 106 39.57 22.68 -14.39
C HIS E 106 40.08 21.31 -13.93
N ARG E 107 40.18 20.35 -14.85
CA ARG E 107 40.65 19.00 -14.53
C ARG E 107 41.84 18.57 -15.39
N SER E 108 42.46 19.55 -16.05
CA SER E 108 43.51 19.31 -17.04
C SER E 108 44.82 18.87 -16.41
N GLY E 109 45.06 19.32 -15.18
CA GLY E 109 46.35 19.08 -14.53
C GLY E 109 47.45 20.02 -15.01
N LEU E 110 47.09 21.00 -15.85
CA LEU E 110 48.06 21.97 -16.34
C LEU E 110 48.74 22.76 -15.22
N PRO E 111 50.06 23.03 -15.36
CA PRO E 111 50.73 23.82 -14.33
C PRO E 111 50.22 25.26 -14.40
N ASP E 112 50.08 25.93 -13.25
CA ASP E 112 49.48 27.27 -13.19
C ASP E 112 50.53 28.38 -13.00
N PHE E 113 50.17 29.59 -13.45
CA PHE E 113 51.08 30.74 -13.45
C PHE E 113 50.76 31.76 -12.39
N GLU E 114 49.52 31.78 -11.95
CA GLU E 114 49.00 32.87 -11.12
C GLU E 114 49.71 33.00 -9.76
N THR E 115 50.03 31.87 -9.14
CA THR E 115 50.79 31.86 -7.88
C THR E 115 52.23 32.39 -8.04
N SER E 116 52.80 32.24 -9.24
CA SER E 116 54.17 32.65 -9.50
C SER E 116 54.30 34.08 -10.01
N MET E 117 53.27 34.54 -10.71
CA MET E 117 53.27 35.84 -11.38
C MET E 117 53.20 36.97 -10.35
N PRO E 118 54.12 37.95 -10.43
CA PRO E 118 54.08 39.06 -9.49
C PRO E 118 52.77 39.86 -9.58
N MET E 119 52.32 40.39 -8.45
CA MET E 119 51.05 41.10 -8.38
C MET E 119 51.17 42.52 -8.91
N ILE E 120 52.28 43.19 -8.59
CA ILE E 120 52.52 44.57 -9.04
C ILE E 120 53.56 44.59 -10.17
N SER E 121 53.11 44.90 -11.39
CA SER E 121 53.98 44.90 -12.57
C SER E 121 53.40 45.69 -13.74
N ASP E 122 54.29 46.39 -14.45
CA ASP E 122 53.94 47.14 -15.67
C ASP E 122 54.32 46.40 -16.95
N LYS E 123 54.72 45.13 -16.78
CA LYS E 123 55.06 44.25 -17.89
C LYS E 123 53.86 44.00 -18.81
N SER E 124 54.14 43.87 -20.11
CA SER E 124 53.18 43.35 -21.06
C SER E 124 53.49 41.88 -21.35
N TRP E 125 52.51 41.01 -21.15
CA TRP E 125 52.67 39.57 -21.39
C TRP E 125 52.04 39.12 -22.72
N THR E 126 52.63 38.09 -23.33
CA THR E 126 51.97 37.38 -24.44
C THR E 126 51.48 36.01 -23.97
N ALA E 127 50.50 35.45 -24.67
CA ALA E 127 49.88 34.18 -24.32
C ALA E 127 50.92 33.07 -24.16
N GLN E 128 51.74 32.86 -25.20
CA GLN E 128 52.73 31.79 -25.19
C GLN E 128 53.74 31.97 -24.07
N GLU E 129 54.06 33.22 -23.76
CA GLU E 129 54.96 33.57 -22.66
C GLU E 129 54.40 33.12 -21.30
N ILE E 130 53.10 33.33 -21.10
CA ILE E 130 52.41 32.88 -19.88
C ILE E 130 52.44 31.36 -19.77
N VAL E 131 52.24 30.68 -20.90
CA VAL E 131 52.26 29.22 -20.97
C VAL E 131 53.63 28.66 -20.60
N ASP E 132 54.69 29.17 -21.25
CA ASP E 132 56.08 28.77 -20.95
C ASP E 132 56.42 29.04 -19.48
N PHE E 133 56.00 30.20 -18.99
CA PHE E 133 56.16 30.58 -17.58
C PHE E 133 55.47 29.58 -16.62
N SER E 134 54.23 29.21 -16.95
CA SER E 134 53.48 28.19 -16.21
C SER E 134 54.25 26.88 -16.06
N PHE E 135 54.70 26.30 -17.17
CA PHE E 135 55.43 25.01 -17.12
C PHE E 135 56.77 25.12 -16.37
N ARG E 136 57.34 26.31 -16.36
CA ARG E 136 58.59 26.55 -15.62
C ARG E 136 58.38 26.62 -14.10
N HIS E 137 57.25 27.20 -13.68
CA HIS E 137 57.06 27.53 -12.27
C HIS E 137 55.96 26.74 -11.60
N GLY E 138 54.96 26.33 -12.38
CA GLY E 138 53.84 25.57 -11.86
C GLY E 138 54.16 24.08 -11.72
N VAL E 139 53.16 23.30 -11.28
CA VAL E 139 53.30 21.85 -11.15
C VAL E 139 52.28 21.17 -12.04
N GLN E 140 52.73 20.28 -12.92
CA GLN E 140 51.81 19.59 -13.81
C GLN E 140 51.39 18.26 -13.22
N LYS E 141 50.08 18.01 -13.25
CA LYS E 141 49.51 16.73 -12.85
C LYS E 141 48.92 16.05 -14.08
N GLU E 142 48.47 14.80 -13.92
CA GLU E 142 47.85 14.03 -15.00
C GLU E 142 46.52 14.60 -15.39
N PRO E 143 46.22 14.62 -16.71
CA PRO E 143 44.85 14.97 -17.13
C PRO E 143 43.86 14.10 -16.38
N TRP E 144 42.77 14.73 -15.90
CA TRP E 144 41.66 14.08 -15.17
C TRP E 144 41.99 13.65 -13.73
N HIS E 145 43.06 14.19 -13.14
CA HIS E 145 43.47 13.79 -11.79
C HIS E 145 42.41 14.10 -10.72
N GLY E 146 41.69 15.20 -10.93
CA GLY E 146 40.75 15.73 -9.95
C GLY E 146 40.54 17.17 -10.38
N MET E 147 39.81 17.92 -9.58
CA MET E 147 39.55 19.31 -9.97
C MET E 147 40.55 20.20 -9.27
N GLU E 148 41.27 20.98 -10.08
CA GLU E 148 42.14 22.03 -9.56
C GLU E 148 42.06 23.22 -10.51
N TYR E 149 41.57 24.32 -9.95
CA TYR E 149 41.31 25.54 -10.71
C TYR E 149 42.50 25.85 -11.60
N SER E 150 42.25 25.98 -12.90
CA SER E 150 43.29 26.19 -13.91
C SER E 150 43.08 27.44 -14.77
N ASN E 151 43.96 28.42 -14.58
CA ASN E 151 44.03 29.60 -15.41
C ASN E 151 44.70 29.29 -16.76
N THR E 152 45.70 28.42 -16.73
CA THR E 152 46.46 28.04 -17.95
C THR E 152 45.58 27.44 -19.07
N GLY E 153 44.60 26.61 -18.69
CA GLY E 153 43.70 26.01 -19.67
C GLY E 153 42.94 27.08 -20.45
N TYR E 154 42.55 28.16 -19.79
CA TYR E 154 41.83 29.26 -20.44
C TYR E 154 42.68 30.11 -21.39
N VAL E 155 43.95 30.28 -21.03
CA VAL E 155 44.94 30.91 -21.90
C VAL E 155 45.12 30.06 -23.16
N LEU E 156 45.22 28.74 -22.98
CA LEU E 156 45.26 27.83 -24.12
C LEU E 156 43.98 27.89 -24.95
N ALA E 157 42.82 28.03 -24.29
CA ALA E 157 41.55 28.17 -25.00
C ALA E 157 41.54 29.43 -25.88
N GLY E 158 41.95 30.57 -25.32
CA GLY E 158 42.11 31.79 -26.10
C GLY E 158 43.04 31.62 -27.30
N MET E 159 44.13 30.87 -27.08
CA MET E 159 45.07 30.50 -28.16
C MET E 159 44.46 29.66 -29.29
N ILE E 160 43.58 28.71 -28.96
CA ILE E 160 42.84 27.96 -29.98
C ILE E 160 41.87 28.88 -30.74
N ILE E 161 41.27 29.82 -30.02
CA ILE E 161 40.37 30.81 -30.63
C ILE E 161 41.16 31.70 -31.62
N ALA E 162 42.31 32.20 -31.16
CA ALA E 162 43.21 33.04 -31.95
C ALA E 162 43.63 32.37 -33.26
N HIS E 163 44.07 31.11 -33.18
CA HIS E 163 44.51 30.37 -34.36
C HIS E 163 43.38 30.06 -35.34
N GLU E 164 42.21 29.71 -34.81
CA GLU E 164 41.04 29.41 -35.65
C GLU E 164 40.45 30.63 -36.36
N THR E 165 40.40 31.78 -35.67
CA THR E 165 39.86 33.00 -36.25
C THR E 165 40.90 33.81 -37.01
N GLY E 166 42.18 33.56 -36.74
CA GLY E 166 43.27 34.33 -37.33
C GLY E 166 43.39 35.75 -36.78
N LYS E 167 42.80 35.99 -35.61
CA LYS E 167 42.80 37.30 -34.97
C LYS E 167 42.86 37.14 -33.45
N PRO E 168 43.28 38.19 -32.71
CA PRO E 168 43.23 38.11 -31.25
C PRO E 168 41.86 37.62 -30.77
N TYR E 169 41.82 36.86 -29.66
CA TYR E 169 40.56 36.31 -29.16
C TYR E 169 39.51 37.39 -28.88
N SER E 170 39.97 38.63 -28.68
CA SER E 170 39.08 39.77 -28.43
C SER E 170 38.11 39.99 -29.59
N ASP E 171 38.60 39.80 -30.82
CA ASP E 171 37.79 39.99 -32.03
C ASP E 171 36.61 39.02 -32.07
N HIS E 172 36.87 37.76 -31.70
CA HIS E 172 35.86 36.70 -31.67
C HIS E 172 34.81 36.98 -30.60
N LEU E 173 35.27 37.38 -29.42
CA LEU E 173 34.39 37.81 -28.33
C LEU E 173 33.55 39.05 -28.66
N ARG E 174 34.14 40.03 -29.35
CA ARG E 174 33.42 41.27 -29.69
C ARG E 174 32.38 41.07 -30.78
N SER E 175 32.75 40.37 -31.84
CA SER E 175 31.85 40.17 -32.98
C SER E 175 30.71 39.19 -32.69
N ARG E 176 31.01 38.12 -31.95
CA ARG E 176 30.02 37.05 -31.70
C ARG E 176 29.24 37.25 -30.39
N ILE E 177 29.78 38.06 -29.48
CA ILE E 177 29.12 38.28 -28.19
C ILE E 177 28.82 39.75 -27.89
N PHE E 178 29.84 40.60 -27.83
CA PHE E 178 29.63 41.98 -27.36
C PHE E 178 28.73 42.78 -28.29
N ALA E 179 29.06 42.74 -29.59
CA ALA E 179 28.36 43.52 -30.60
C ALA E 179 26.89 43.09 -30.81
N PRO E 180 26.64 41.78 -31.07
CA PRO E 180 25.25 41.33 -31.27
C PRO E 180 24.32 41.63 -30.10
N LEU E 181 24.87 41.77 -28.90
CA LEU E 181 24.09 42.05 -27.70
C LEU E 181 24.11 43.51 -27.27
N GLY E 182 24.85 44.35 -28.00
CA GLY E 182 24.94 45.78 -27.67
C GLY E 182 25.68 46.06 -26.37
N MET E 183 26.76 45.30 -26.14
CA MET E 183 27.60 45.50 -24.98
C MET E 183 28.66 46.52 -25.36
N LYS E 184 28.47 47.76 -24.87
CA LYS E 184 29.25 48.89 -25.35
C LYS E 184 30.24 49.42 -24.31
N ASP E 185 30.12 48.91 -23.08
CA ASP E 185 31.05 49.25 -22.01
C ASP E 185 31.91 48.04 -21.61
N THR E 186 32.18 47.17 -22.57
CA THR E 186 32.91 45.92 -22.32
C THR E 186 34.15 45.81 -23.19
N TRP E 187 35.31 45.64 -22.53
CA TRP E 187 36.57 45.48 -23.25
C TRP E 187 37.38 44.28 -22.78
N VAL E 188 38.23 43.79 -23.68
CA VAL E 188 39.14 42.69 -23.44
C VAL E 188 40.56 43.26 -23.23
N GLY E 189 40.97 43.34 -21.97
CA GLY E 189 42.15 44.11 -21.55
C GLY E 189 43.50 43.80 -22.15
N THR E 190 43.69 42.56 -22.64
CA THR E 190 44.95 42.16 -23.27
C THR E 190 45.12 42.77 -24.66
N HIS E 191 44.02 42.85 -25.41
CA HIS E 191 44.12 43.24 -26.81
C HIS E 191 43.36 44.52 -27.17
N GLU E 192 42.83 45.19 -26.15
CA GLU E 192 41.98 46.37 -26.32
C GLU E 192 42.23 47.40 -25.22
N THR E 193 42.11 48.67 -25.60
CA THR E 193 42.29 49.79 -24.67
C THR E 193 40.92 50.25 -24.19
N PHE E 194 40.79 50.40 -22.88
CA PHE E 194 39.56 50.90 -22.26
C PHE E 194 39.80 52.26 -21.60
N PRO E 195 38.77 53.12 -21.57
CA PRO E 195 38.66 54.38 -20.81
C PRO E 195 39.03 54.27 -19.31
N ILE E 196 40.32 54.43 -19.01
CA ILE E 196 40.85 54.25 -17.65
C ILE E 196 40.13 55.13 -16.59
N GLU E 197 39.76 56.35 -16.96
CA GLU E 197 39.15 57.28 -16.01
C GLU E 197 37.69 56.97 -15.65
N ARG E 198 37.09 56.04 -16.39
CA ARG E 198 35.71 55.58 -16.11
C ARG E 198 35.67 54.47 -15.05
N GLU E 199 36.81 53.80 -14.86
CA GLU E 199 36.91 52.66 -13.94
C GLU E 199 36.89 53.05 -12.47
N ALA E 200 36.02 52.41 -11.69
CA ALA E 200 36.08 52.53 -10.24
C ALA E 200 37.45 52.05 -9.76
N ARG E 201 38.04 52.80 -8.84
CA ARG E 201 39.32 52.41 -8.25
C ARG E 201 39.15 51.08 -7.52
N GLY E 202 40.25 50.34 -7.36
CA GLY E 202 40.26 49.10 -6.59
C GLY E 202 41.02 49.28 -5.30
N TYR E 203 40.49 48.74 -4.21
CA TYR E 203 41.13 48.89 -2.89
C TYR E 203 41.46 47.57 -2.21
N MET E 204 42.76 47.38 -1.96
CA MET E 204 43.24 46.23 -1.23
C MET E 204 43.36 46.57 0.26
N HIS E 205 42.71 45.78 1.10
CA HIS E 205 42.67 46.03 2.54
C HIS E 205 43.73 45.26 3.29
N ALA E 206 44.42 45.96 4.20
CA ALA E 206 45.41 45.34 5.09
C ALA E 206 44.72 44.75 6.32
N PRO E 223 50.19 51.65 3.14
CA PRO E 223 48.73 51.60 3.26
C PRO E 223 48.13 52.93 3.76
N VAL E 224 47.38 53.59 2.89
CA VAL E 224 46.71 54.85 3.25
C VAL E 224 45.29 54.58 3.77
N ASP E 225 45.11 54.75 5.08
CA ASP E 225 43.81 54.52 5.76
C ASP E 225 43.45 53.03 5.80
N GLY E 226 44.48 52.19 5.92
CA GLY E 226 44.34 50.74 5.89
C GLY E 226 44.16 50.13 4.51
N VAL E 227 44.25 50.95 3.47
CA VAL E 227 44.04 50.50 2.09
C VAL E 227 45.11 51.00 1.09
N TRP E 228 45.38 50.19 0.08
CA TRP E 228 46.15 50.65 -1.07
C TRP E 228 45.19 50.84 -2.25
N ASP E 229 45.52 51.79 -3.11
CA ASP E 229 44.88 51.86 -4.42
C ASP E 229 45.63 50.90 -5.35
N SER E 230 44.96 49.79 -5.67
CA SER E 230 45.56 48.70 -6.43
C SER E 230 44.97 48.61 -7.82
N THR E 231 44.23 49.64 -8.21
CA THR E 231 43.54 49.69 -9.50
C THR E 231 44.47 49.33 -10.65
N GLU E 232 45.73 49.69 -10.51
CA GLU E 232 46.68 49.64 -11.61
C GLU E 232 47.93 48.81 -11.30
N TRP E 233 47.90 48.07 -10.20
CA TRP E 233 48.98 47.15 -9.81
C TRP E 233 49.24 46.10 -10.89
N PHE E 234 48.23 45.29 -11.16
CA PHE E 234 48.37 44.09 -11.99
C PHE E 234 48.08 44.40 -13.45
N PRO E 235 48.95 43.90 -14.36
CA PRO E 235 48.72 44.11 -15.79
C PRO E 235 47.69 43.12 -16.34
N LEU E 236 46.70 43.63 -17.06
CA LEU E 236 45.62 42.77 -17.59
C LEU E 236 46.12 41.65 -18.51
N SER E 237 47.14 41.94 -19.32
CA SER E 237 47.78 40.92 -20.16
C SER E 237 48.37 39.76 -19.37
N GLY E 238 48.60 39.97 -18.08
CA GLY E 238 49.10 38.92 -17.19
C GLY E 238 48.05 37.86 -16.88
N ALA E 239 46.77 38.26 -16.92
CA ALA E 239 45.65 37.34 -16.71
C ALA E 239 45.25 36.76 -18.06
N ASN E 240 45.34 37.56 -19.12
CA ASN E 240 45.07 37.12 -20.47
C ASN E 240 43.63 36.58 -20.54
N ALA E 241 43.43 35.49 -21.27
CA ALA E 241 42.12 34.86 -21.42
C ALA E 241 41.58 34.24 -20.12
N ALA E 242 42.38 34.19 -19.07
CA ALA E 242 41.89 33.74 -17.77
C ALA E 242 41.22 34.86 -16.96
N GLY E 243 41.42 36.12 -17.34
CA GLY E 243 40.93 37.23 -16.50
C GLY E 243 41.19 38.67 -16.91
N ASP E 244 41.18 38.95 -18.21
CA ASP E 244 41.55 40.29 -18.70
C ASP E 244 40.40 41.26 -19.07
N MET E 245 39.16 40.89 -18.80
CA MET E 245 38.03 41.73 -19.24
C MET E 245 37.65 42.83 -18.25
N VAL E 246 37.22 43.95 -18.81
CA VAL E 246 36.68 45.09 -18.06
C VAL E 246 35.23 45.28 -18.51
N SER E 247 34.33 45.55 -17.58
CA SER E 247 32.92 45.71 -17.94
C SER E 247 32.14 46.46 -16.86
N THR E 248 30.83 46.46 -17.01
CA THR E 248 29.92 47.03 -16.01
C THR E 248 28.96 45.92 -15.63
N PRO E 249 28.48 45.90 -14.37
CA PRO E 249 27.43 44.95 -14.06
C PRO E 249 26.33 44.90 -15.12
N ARG E 250 25.96 46.06 -15.68
CA ARG E 250 24.91 46.17 -16.71
C ARG E 250 25.15 45.33 -17.95
N ASP E 251 26.33 45.51 -18.56
CA ASP E 251 26.74 44.73 -19.73
C ASP E 251 26.83 43.23 -19.45
N ILE E 252 27.24 42.87 -18.23
CA ILE E 252 27.40 41.48 -17.83
C ILE E 252 26.03 40.80 -17.84
N VAL E 253 25.06 41.39 -17.15
CA VAL E 253 23.67 40.88 -17.13
C VAL E 253 23.06 40.77 -18.54
N LYS E 254 23.51 41.61 -19.47
CA LYS E 254 23.16 41.45 -20.89
C LYS E 254 23.65 40.11 -21.45
N PHE E 255 24.91 39.76 -21.18
CA PHE E 255 25.47 38.48 -21.61
C PHE E 255 24.80 37.27 -20.91
N LEU E 256 24.63 37.35 -19.59
CA LEU E 256 23.97 36.30 -18.80
C LEU E 256 22.54 35.99 -19.29
N ASN E 257 21.74 37.04 -19.46
CA ASN E 257 20.38 36.89 -20.02
C ASN E 257 20.37 36.15 -21.36
N ALA E 258 21.21 36.59 -22.29
CA ALA E 258 21.29 35.98 -23.63
C ALA E 258 21.82 34.53 -23.63
N LEU E 259 22.84 34.28 -22.81
CA LEU E 259 23.38 32.94 -22.66
C LEU E 259 22.30 31.96 -22.18
N PHE E 260 21.68 32.27 -21.05
CA PHE E 260 20.70 31.37 -20.44
C PHE E 260 19.36 31.32 -21.16
N ASP E 261 18.99 32.44 -21.80
CA ASP E 261 17.80 32.48 -22.65
C ASP E 261 18.02 31.87 -24.05
N GLY E 262 19.16 31.24 -24.25
CA GLY E 262 19.40 30.42 -25.43
C GLY E 262 19.81 31.15 -26.70
N ARG E 263 20.24 32.39 -26.56
CA ARG E 263 20.53 33.24 -27.72
C ARG E 263 22.00 33.31 -28.20
N ILE E 264 22.90 32.70 -27.45
CA ILE E 264 24.31 32.65 -27.88
C ILE E 264 24.72 31.24 -28.25
N LEU E 265 24.56 30.32 -27.30
CA LEU E 265 24.91 28.92 -27.51
C LEU E 265 23.67 28.08 -27.81
N ASP E 266 23.79 27.18 -28.78
CA ASP E 266 22.76 26.18 -29.04
C ASP E 266 22.58 25.27 -27.81
N GLN E 267 21.59 24.40 -27.83
CA GLN E 267 21.23 23.68 -26.62
C GLN E 267 22.28 22.68 -26.12
N LYS E 268 23.01 22.05 -27.02
CA LYS E 268 24.08 21.13 -26.63
C LYS E 268 25.26 21.86 -25.99
N ARG E 269 25.63 23.00 -26.54
CA ARG E 269 26.78 23.74 -26.04
C ARG E 269 26.51 24.44 -24.73
N LEU E 270 25.28 24.96 -24.56
CA LEU E 270 24.85 25.52 -23.30
C LEU E 270 24.81 24.44 -22.22
N TRP E 271 24.36 23.24 -22.60
CA TRP E 271 24.33 22.11 -21.67
C TRP E 271 25.75 21.76 -21.23
N GLU E 272 26.64 21.64 -22.20
CA GLU E 272 28.08 21.38 -21.93
C GLU E 272 28.64 22.39 -20.94
N MET E 273 28.32 23.67 -21.17
CA MET E 273 28.83 24.76 -20.34
C MET E 273 28.22 24.79 -18.92
N LYS E 274 26.91 24.59 -18.81
CA LYS E 274 26.24 24.78 -17.51
C LYS E 274 25.82 23.49 -16.78
N ASP E 275 25.61 22.40 -17.50
CA ASP E 275 25.03 21.20 -16.89
C ASP E 275 25.87 19.94 -16.88
N ASN E 276 26.81 19.84 -17.82
CA ASN E 276 27.75 18.74 -17.79
C ASN E 276 28.82 18.98 -16.72
N ILE E 277 28.45 18.76 -15.47
CA ILE E 277 29.24 19.22 -14.32
C ILE E 277 29.89 18.10 -13.50
N LYS E 278 30.90 18.49 -12.72
CA LYS E 278 31.54 17.63 -11.73
C LYS E 278 31.86 18.51 -10.53
N PRO E 279 32.15 17.91 -9.36
CA PRO E 279 32.50 18.79 -8.22
C PRO E 279 33.71 19.72 -8.44
N ALA E 280 33.66 20.91 -7.85
CA ALA E 280 34.72 21.93 -7.97
C ALA E 280 34.89 22.66 -6.66
N PHE E 281 36.13 23.10 -6.42
CA PHE E 281 36.53 23.84 -5.22
C PHE E 281 37.19 25.16 -5.64
N PHE E 282 36.84 26.24 -4.94
CA PHE E 282 37.63 27.47 -5.02
C PHE E 282 37.72 28.10 -3.64
N PRO E 283 38.96 28.36 -3.16
CA PRO E 283 39.13 28.77 -1.76
C PRO E 283 38.42 30.09 -1.47
N GLY E 284 37.76 30.18 -0.33
CA GLY E 284 37.03 31.38 0.05
C GLY E 284 35.85 31.71 -0.85
N SER E 285 35.17 30.67 -1.32
CA SER E 285 33.98 30.85 -2.13
C SER E 285 32.86 29.89 -1.73
N ASN E 286 31.75 29.99 -2.45
CA ASN E 286 30.61 29.11 -2.29
C ASN E 286 30.55 28.05 -3.41
N THR E 287 31.60 27.96 -4.21
CA THR E 287 31.72 27.00 -5.33
C THR E 287 31.57 25.53 -4.87
N VAL E 288 30.74 24.75 -5.57
CA VAL E 288 30.57 23.31 -5.30
C VAL E 288 30.76 22.41 -6.55
N ALA E 289 30.63 23.01 -7.73
CA ALA E 289 30.75 22.30 -9.02
C ALA E 289 31.09 23.25 -10.14
N ASN E 290 31.59 22.71 -11.24
CA ASN E 290 31.74 23.48 -12.47
C ASN E 290 31.41 22.64 -13.70
N GLY E 291 30.93 23.30 -14.76
CA GLY E 291 30.75 22.66 -16.06
C GLY E 291 31.92 22.98 -16.96
N HIS E 292 31.65 23.60 -18.11
CA HIS E 292 32.68 23.99 -19.07
C HIS E 292 32.59 25.50 -19.37
N GLY E 293 32.87 26.30 -18.34
CA GLY E 293 32.80 27.76 -18.44
C GLY E 293 31.96 28.42 -17.37
N LEU E 294 31.28 27.63 -16.55
CA LEU E 294 30.49 28.15 -15.43
C LEU E 294 30.75 27.36 -14.16
N LEU E 295 30.73 28.06 -13.03
CA LEU E 295 30.81 27.46 -11.71
C LEU E 295 29.40 27.39 -11.15
N LEU E 296 29.16 26.39 -10.32
CA LEU E 296 27.95 26.35 -9.50
C LEU E 296 28.32 26.82 -8.11
N MET E 297 27.68 27.89 -7.66
CA MET E 297 27.94 28.48 -6.35
C MET E 297 26.68 28.51 -5.51
N ARG E 298 26.77 27.98 -4.29
CA ARG E 298 25.59 27.81 -3.44
C ARG E 298 25.43 28.94 -2.44
N TYR E 299 24.20 29.45 -2.35
CA TYR E 299 23.87 30.53 -1.42
C TYR E 299 22.65 30.13 -0.58
N GLY E 300 22.90 29.47 0.56
CA GLY E 300 21.84 28.90 1.38
C GLY E 300 20.96 27.98 0.56
N SER E 301 19.68 28.32 0.47
CA SER E 301 18.73 27.52 -0.31
C SER E 301 18.82 27.82 -1.81
N SER E 302 19.46 28.93 -2.18
CA SER E 302 19.62 29.31 -3.60
C SER E 302 21.01 28.99 -4.15
N GLU E 303 21.13 28.98 -5.47
CA GLU E 303 22.42 28.77 -6.14
C GLU E 303 22.51 29.54 -7.45
N LEU E 304 23.73 29.98 -7.79
CA LEU E 304 24.02 30.67 -9.04
C LEU E 304 24.90 29.83 -9.95
N LYS E 305 24.50 29.77 -11.21
CA LYS E 305 25.34 29.22 -12.25
C LYS E 305 26.09 30.42 -12.85
N GLY E 306 27.39 30.49 -12.67
CA GLY E 306 28.15 31.66 -13.13
C GLY E 306 29.65 31.62 -12.90
N HIS E 307 30.15 32.61 -12.14
CA HIS E 307 31.58 32.73 -11.89
C HIS E 307 31.89 33.81 -10.87
N LEU E 308 33.06 33.66 -10.24
CA LEU E 308 33.64 34.66 -9.35
C LEU E 308 34.88 35.26 -10.01
N GLY E 309 35.13 36.52 -9.70
CA GLY E 309 36.34 37.21 -10.16
C GLY E 309 37.04 37.82 -8.96
N GLN E 310 38.36 37.70 -8.94
CA GLN E 310 39.20 38.33 -7.91
C GLN E 310 40.44 38.88 -8.58
N ILE E 311 40.56 40.20 -8.60
CA ILE E 311 41.71 40.89 -9.15
C ILE E 311 41.95 42.09 -8.23
N PRO E 312 43.24 42.39 -7.92
CA PRO E 312 43.59 43.40 -6.92
C PRO E 312 42.56 44.51 -6.79
N GLY E 313 41.81 44.46 -5.71
CA GLY E 313 40.86 45.52 -5.38
C GLY E 313 39.51 45.50 -6.06
N HIS E 314 39.32 44.61 -7.04
CA HIS E 314 37.99 44.39 -7.64
C HIS E 314 37.51 42.95 -7.42
N THR E 315 36.48 42.79 -6.60
CA THR E 315 35.92 41.48 -6.29
C THR E 315 34.48 41.32 -6.82
N SER E 316 34.24 40.28 -7.61
CA SER E 316 33.01 40.15 -8.39
C SER E 316 32.34 38.78 -8.32
N ILE E 317 31.01 38.79 -8.31
CA ILE E 317 30.19 37.58 -8.42
C ILE E 317 29.15 37.79 -9.51
N MET E 318 29.16 36.92 -10.51
CA MET E 318 28.09 36.89 -11.52
C MET E 318 27.41 35.52 -11.60
N GLY E 319 26.12 35.54 -11.90
CA GLY E 319 25.39 34.30 -12.09
C GLY E 319 23.94 34.46 -12.48
N ARG E 320 23.38 33.36 -12.99
CA ARG E 320 21.95 33.21 -13.13
C ARG E 320 21.45 32.33 -11.98
N ASP E 321 20.37 32.72 -11.32
CA ASP E 321 19.69 31.82 -10.42
C ASP E 321 18.75 31.01 -11.31
N GLU E 322 19.14 29.78 -11.62
CA GLU E 322 18.37 28.95 -12.55
C GLU E 322 16.98 28.56 -12.04
N GLU E 323 16.76 28.75 -10.74
CA GLU E 323 15.44 28.57 -10.14
C GLU E 323 14.45 29.72 -10.40
N THR E 324 14.92 30.96 -10.23
CA THR E 324 14.07 32.13 -10.38
C THR E 324 14.19 32.73 -11.77
N GLY E 325 15.31 32.46 -12.43
CA GLY E 325 15.60 33.11 -13.72
C GLY E 325 16.22 34.48 -13.52
N ALA E 326 16.55 34.81 -12.28
CA ALA E 326 17.21 36.10 -11.99
C ALA E 326 18.67 36.01 -12.41
N ALA E 327 19.17 37.04 -13.08
CA ALA E 327 20.56 37.14 -13.48
C ALA E 327 21.15 38.36 -12.80
N LEU E 328 22.35 38.21 -12.26
CA LEU E 328 23.01 39.30 -11.54
C LEU E 328 24.52 39.41 -11.76
N MET E 329 25.05 40.58 -11.46
CA MET E 329 26.48 40.80 -11.36
C MET E 329 26.67 41.81 -10.24
N LEU E 330 27.38 41.39 -9.21
CA LEU E 330 27.73 42.27 -8.08
C LEU E 330 29.24 42.42 -8.01
N ILE E 331 29.72 43.65 -8.19
CA ILE E 331 31.16 43.92 -8.09
C ILE E 331 31.42 44.98 -7.02
N GLN E 332 32.23 44.62 -6.03
CA GLN E 332 32.69 45.57 -5.03
C GLN E 332 34.14 45.96 -5.31
N ASN E 333 34.50 47.20 -4.98
CA ASN E 333 35.87 47.65 -5.19
C ASN E 333 36.73 47.60 -3.92
N SER E 334 36.43 46.61 -3.07
CA SER E 334 37.30 46.19 -1.97
C SER E 334 37.78 44.74 -2.19
N GLY E 335 39.04 44.52 -1.86
CA GLY E 335 39.64 43.19 -1.90
C GLY E 335 40.64 43.03 -0.78
N ALA E 336 41.25 41.85 -0.72
CA ALA E 336 42.34 41.54 0.21
C ALA E 336 43.13 40.36 -0.34
N GLY E 337 44.36 40.18 0.13
CA GLY E 337 45.25 39.14 -0.42
C GLY E 337 45.01 37.76 0.16
N ASP E 338 44.18 37.72 1.19
CA ASP E 338 43.86 36.49 1.90
C ASP E 338 42.50 35.96 1.44
N PHE E 339 42.44 34.67 1.14
CA PHE E 339 41.23 33.99 0.66
C PHE E 339 40.06 34.10 1.64
N GLU E 340 40.37 33.98 2.94
CA GLU E 340 39.33 33.97 3.98
C GLU E 340 39.14 35.33 4.64
N SER E 341 39.63 36.38 3.99
CA SER E 341 39.43 37.74 4.45
C SER E 341 38.01 38.19 4.12
N PHE E 342 37.40 38.93 5.04
CA PHE E 342 36.07 39.49 4.81
C PHE E 342 36.02 40.24 3.48
N TYR E 343 37.12 40.90 3.14
CA TYR E 343 37.17 41.75 1.96
C TYR E 343 37.19 41.01 0.61
N LEU E 344 37.41 39.70 0.65
CA LEU E 344 37.35 38.89 -0.56
C LEU E 344 36.18 37.89 -0.50
N LYS E 345 36.09 37.18 0.61
CA LYS E 345 35.09 36.15 0.84
C LYS E 345 33.69 36.72 1.14
N GLY E 346 33.65 37.95 1.64
CA GLY E 346 32.40 38.58 2.08
C GLY E 346 31.56 39.14 0.95
N VAL E 347 32.14 39.21 -0.25
CA VAL E 347 31.37 39.54 -1.46
C VAL E 347 30.14 38.62 -1.63
N ASN E 348 30.22 37.41 -1.07
CA ASN E 348 29.14 36.43 -1.16
C ASN E 348 27.95 36.74 -0.25
N GLU E 349 28.20 37.54 0.79
CA GLU E 349 27.17 37.93 1.74
C GLU E 349 26.03 38.77 1.11
N PRO E 350 26.36 39.93 0.48
CA PRO E 350 25.28 40.67 -0.17
C PRO E 350 24.51 39.84 -1.21
N VAL E 351 25.24 39.01 -1.97
CA VAL E 351 24.64 38.09 -2.95
C VAL E 351 23.65 37.13 -2.29
N ASP E 352 24.02 36.60 -1.12
CA ASP E 352 23.17 35.66 -0.38
C ASP E 352 21.86 36.34 0.06
N ARG E 353 22.01 37.56 0.58
CA ARG E 353 20.90 38.33 1.12
C ARG E 353 19.99 38.87 0.02
N VAL E 354 20.59 39.23 -1.12
CA VAL E 354 19.84 39.70 -2.30
C VAL E 354 18.95 38.60 -2.88
N LEU E 355 19.51 37.40 -3.04
CA LEU E 355 18.76 36.24 -3.54
C LEU E 355 17.65 35.84 -2.57
N GLU E 356 17.93 35.98 -1.27
CA GLU E 356 16.95 35.76 -0.21
C GLU E 356 15.83 36.78 -0.27
N ALA E 357 16.17 38.00 -0.67
CA ALA E 357 15.20 39.09 -0.77
C ALA E 357 14.31 38.91 -2.00
N ILE E 358 14.89 38.41 -3.09
CA ILE E 358 14.13 38.10 -4.30
C ILE E 358 13.15 36.97 -4.02
N LYS E 359 13.62 35.95 -3.30
CA LYS E 359 12.83 34.79 -2.92
C LYS E 359 11.63 35.17 -2.04
N ASN E 360 11.89 35.99 -1.03
CA ASN E 360 10.84 36.50 -0.14
C ASN E 360 9.81 37.37 -0.87
N SER E 361 10.28 38.15 -1.84
CA SER E 361 9.43 38.99 -2.68
C SER E 361 8.39 38.16 -3.43
N ARG E 362 8.74 36.91 -3.73
CA ARG E 362 7.87 36.00 -4.47
C ARG E 362 7.13 34.99 -3.59
N SER E 363 7.35 35.07 -2.27
CA SER E 363 6.76 34.11 -1.30
C SER E 363 5.24 34.04 -1.34
N ALA F 7 -24.57 -11.24 40.64
CA ALA F 7 -24.34 -11.12 39.17
C ALA F 7 -25.41 -11.91 38.40
N ILE F 8 -25.19 -13.22 38.26
CA ILE F 8 -26.19 -14.15 37.73
C ILE F 8 -27.46 -14.15 38.61
N GLN F 9 -27.24 -14.10 39.92
CA GLN F 9 -28.33 -14.03 40.89
C GLN F 9 -29.12 -12.74 40.69
N GLY F 10 -28.39 -11.63 40.53
CA GLY F 10 -29.00 -10.33 40.29
C GLY F 10 -29.94 -10.36 39.10
N ILE F 11 -29.51 -11.04 38.04
CA ILE F 11 -30.28 -11.18 36.80
C ILE F 11 -31.61 -11.91 37.03
N LEU F 12 -31.56 -13.04 37.73
CA LEU F 12 -32.76 -13.84 38.00
C LEU F 12 -33.71 -13.17 38.98
N ASP F 13 -33.16 -12.46 39.95
CA ASP F 13 -33.96 -11.71 40.93
C ASP F 13 -34.71 -10.57 40.25
N ASP F 14 -34.00 -9.77 39.46
CA ASP F 14 -34.62 -8.67 38.70
C ASP F 14 -35.72 -9.20 37.79
N HIS F 15 -35.50 -10.39 37.23
CA HIS F 15 -36.47 -11.09 36.39
C HIS F 15 -37.73 -11.46 37.18
N VAL F 16 -37.55 -12.15 38.31
CA VAL F 16 -38.67 -12.50 39.18
C VAL F 16 -39.40 -11.23 39.66
N ALA F 17 -38.62 -10.23 40.07
CA ALA F 17 -39.15 -8.93 40.50
C ALA F 17 -40.10 -8.30 39.47
N ARG F 18 -39.84 -8.56 38.19
CA ARG F 18 -40.68 -8.05 37.10
C ARG F 18 -42.02 -8.78 36.94
N GLY F 19 -42.21 -9.89 37.65
CA GLY F 19 -43.51 -10.56 37.69
C GLY F 19 -43.48 -12.06 37.47
N VAL F 20 -42.35 -12.56 36.99
CA VAL F 20 -42.14 -14.00 36.81
C VAL F 20 -42.17 -14.69 38.18
N VAL F 21 -42.97 -15.75 38.29
CA VAL F 21 -43.15 -16.48 39.55
C VAL F 21 -41.83 -17.04 40.12
N GLY F 22 -41.08 -17.75 39.28
CA GLY F 22 -39.82 -18.37 39.69
C GLY F 22 -39.00 -18.80 38.49
N VAL F 23 -37.70 -18.96 38.71
CA VAL F 23 -36.76 -19.37 37.67
C VAL F 23 -35.73 -20.36 38.22
N SER F 24 -35.37 -21.34 37.41
CA SER F 24 -34.28 -22.26 37.71
C SER F 24 -33.30 -22.29 36.53
N LEU F 25 -32.02 -22.17 36.84
CA LEU F 25 -30.96 -22.11 35.82
C LEU F 25 -29.81 -23.06 36.12
N ALA F 26 -29.35 -23.79 35.11
CA ALA F 26 -28.07 -24.51 35.18
C ALA F 26 -27.13 -23.97 34.11
N LEU F 27 -25.89 -23.69 34.52
CA LEU F 27 -24.90 -23.09 33.63
C LEU F 27 -23.55 -23.76 33.80
N CYS F 28 -23.00 -24.28 32.71
CA CYS F 28 -21.66 -24.82 32.73
C CYS F 28 -20.78 -24.07 31.75
N LEU F 29 -19.67 -23.54 32.26
CA LEU F 29 -18.65 -22.91 31.43
C LEU F 29 -17.62 -23.99 31.04
N PRO F 30 -16.84 -23.76 29.96
CA PRO F 30 -15.95 -24.86 29.54
C PRO F 30 -14.79 -25.03 30.52
N GLY F 31 -14.32 -26.27 30.67
CA GLY F 31 -13.27 -26.60 31.64
C GLY F 31 -13.73 -26.36 33.08
N GLU F 32 -15.02 -26.63 33.33
CA GLU F 32 -15.66 -26.41 34.62
C GLU F 32 -16.76 -27.44 34.84
N GLU F 33 -17.54 -27.22 35.88
CA GLU F 33 -18.71 -28.05 36.15
C GLU F 33 -19.91 -27.16 36.37
N THR F 34 -21.08 -27.72 36.08
CA THR F 34 -22.34 -26.99 36.09
C THR F 34 -22.60 -26.34 37.46
N SER F 35 -22.95 -25.05 37.40
CA SER F 35 -23.45 -24.33 38.56
C SER F 35 -24.95 -24.14 38.37
N LEU F 36 -25.69 -24.16 39.48
CA LEU F 36 -27.13 -24.01 39.43
C LEU F 36 -27.57 -22.74 40.13
N TYR F 37 -28.69 -22.18 39.68
CA TYR F 37 -29.21 -20.90 40.18
C TYR F 37 -30.74 -20.90 40.19
N GLN F 38 -31.32 -20.42 41.28
CA GLN F 38 -32.78 -20.23 41.37
C GLN F 38 -33.15 -18.87 41.95
N SER F 39 -34.30 -18.37 41.52
CA SER F 39 -34.95 -17.22 42.14
C SER F 39 -36.47 -17.45 42.10
N GLY F 40 -37.16 -16.88 43.09
CA GLY F 40 -38.62 -16.97 43.14
C GLY F 40 -39.15 -18.30 43.65
N TYR F 41 -40.37 -18.65 43.23
CA TYR F 41 -41.09 -19.80 43.76
C TYR F 41 -41.46 -20.86 42.72
N ALA F 42 -41.26 -22.13 43.09
CA ALA F 42 -41.83 -23.28 42.38
C ALA F 42 -43.34 -23.37 42.65
N ASP F 43 -43.75 -22.95 43.85
CA ASP F 43 -45.16 -22.94 44.25
C ASP F 43 -45.53 -21.58 44.86
N LYS F 44 -46.28 -20.79 44.09
CA LYS F 44 -46.76 -19.47 44.51
C LYS F 44 -47.80 -19.59 45.63
N MET F 48 -43.57 -23.12 47.82
CA MET F 48 -42.18 -23.42 48.18
C MET F 48 -41.20 -22.60 47.33
N PRO F 49 -39.98 -22.34 47.86
CA PRO F 49 -38.95 -21.69 47.03
C PRO F 49 -38.38 -22.63 45.96
N MET F 50 -38.08 -22.07 44.80
CA MET F 50 -37.52 -22.81 43.67
C MET F 50 -36.16 -23.42 44.04
N THR F 51 -35.97 -24.68 43.66
CA THR F 51 -34.69 -25.39 43.85
C THR F 51 -34.15 -26.03 42.53
N GLY F 52 -32.88 -26.44 42.56
CA GLY F 52 -32.25 -27.08 41.41
C GLY F 52 -32.75 -28.50 41.13
N ASP F 53 -33.75 -28.94 41.91
CA ASP F 53 -34.25 -30.32 41.84
C ASP F 53 -35.68 -30.41 41.31
N HIS F 54 -36.37 -29.26 41.27
CA HIS F 54 -37.69 -29.18 40.68
C HIS F 54 -37.65 -29.61 39.22
N LEU F 55 -38.70 -30.32 38.81
CA LEU F 55 -38.82 -30.80 37.44
C LEU F 55 -39.58 -29.78 36.60
N PHE F 56 -39.26 -29.73 35.32
CA PHE F 56 -39.99 -28.87 34.41
C PHE F 56 -40.38 -29.66 33.18
N ARG F 57 -41.46 -29.21 32.56
CA ARG F 57 -41.87 -29.68 31.27
C ARG F 57 -41.07 -28.83 30.28
N ILE F 58 -40.11 -29.47 29.62
CA ILE F 58 -39.18 -28.79 28.71
C ILE F 58 -39.76 -28.58 27.31
N ALA F 59 -41.00 -29.02 27.12
CA ALA F 59 -41.75 -28.76 25.87
C ALA F 59 -40.89 -29.00 24.62
N SER F 60 -40.84 -28.04 23.71
CA SER F 60 -40.17 -28.24 22.42
C SER F 60 -38.69 -28.57 22.50
N CYS F 61 -38.04 -28.32 23.64
CA CYS F 61 -36.65 -28.74 23.84
C CYS F 61 -36.52 -30.27 23.74
N THR F 62 -37.67 -30.96 23.80
CA THR F 62 -37.76 -32.40 23.49
C THR F 62 -37.28 -32.68 22.07
N LYS F 63 -37.65 -31.81 21.13
CA LYS F 63 -37.28 -31.97 19.71
C LYS F 63 -35.78 -32.28 19.50
N SER F 64 -34.90 -31.65 20.27
CA SER F 64 -33.44 -31.90 20.14
C SER F 64 -33.06 -33.33 20.49
N PHE F 65 -33.82 -33.95 21.40
CA PHE F 65 -33.60 -35.35 21.75
C PHE F 65 -34.10 -36.33 20.69
N ILE F 66 -35.29 -36.05 20.15
CA ILE F 66 -35.82 -36.87 19.08
C ILE F 66 -34.88 -36.82 17.86
N ALA F 67 -34.41 -35.62 17.53
CA ALA F 67 -33.45 -35.42 16.43
C ALA F 67 -32.17 -36.20 16.64
N THR F 68 -31.62 -36.09 17.85
CA THR F 68 -30.41 -36.85 18.19
C THR F 68 -30.72 -38.34 18.07
N GLY F 69 -31.86 -38.75 18.65
CA GLY F 69 -32.36 -40.13 18.49
C GLY F 69 -32.35 -40.60 17.05
N LEU F 70 -32.96 -39.84 16.15
CA LEU F 70 -32.99 -40.23 14.72
C LEU F 70 -31.60 -40.25 14.07
N HIS F 71 -30.76 -39.26 14.39
CA HIS F 71 -29.39 -39.21 13.85
C HIS F 71 -28.57 -40.45 14.25
N LEU F 72 -28.78 -40.91 15.48
CA LEU F 72 -28.18 -42.17 15.94
C LEU F 72 -28.51 -43.35 15.01
N LEU F 73 -29.76 -43.42 14.54
CA LEU F 73 -30.19 -44.42 13.54
C LEU F 73 -29.57 -44.24 12.15
N VAL F 74 -29.23 -42.99 11.79
CA VAL F 74 -28.50 -42.72 10.54
C VAL F 74 -27.05 -43.22 10.63
N GLN F 75 -26.37 -42.87 11.72
CA GLN F 75 -25.04 -43.42 12.03
C GLN F 75 -25.04 -44.94 11.95
N ASP F 76 -26.02 -45.58 12.61
CA ASP F 76 -26.17 -47.05 12.61
C ASP F 76 -26.35 -47.63 11.21
N GLY F 77 -26.65 -46.78 10.23
CA GLY F 77 -26.87 -47.22 8.84
C GLY F 77 -28.29 -47.65 8.51
N THR F 78 -29.19 -47.52 9.48
CA THR F 78 -30.60 -47.93 9.35
C THR F 78 -31.44 -46.91 8.58
N VAL F 79 -31.12 -45.63 8.79
CA VAL F 79 -31.86 -44.52 8.20
C VAL F 79 -30.89 -43.63 7.41
N ASP F 80 -31.35 -43.17 6.25
CA ASP F 80 -30.63 -42.26 5.36
C ASP F 80 -31.39 -40.93 5.37
N LEU F 81 -30.69 -39.82 5.61
CA LEU F 81 -31.34 -38.52 5.77
C LEU F 81 -32.06 -38.03 4.52
N ASP F 82 -31.69 -38.58 3.37
CA ASP F 82 -32.21 -38.13 2.09
C ASP F 82 -33.24 -39.06 1.42
N GLU F 83 -33.50 -40.21 2.03
CA GLU F 83 -34.47 -41.16 1.48
C GLU F 83 -35.90 -40.71 1.79
N PRO F 84 -36.89 -41.10 0.95
CA PRO F 84 -38.23 -40.60 1.21
C PRO F 84 -38.92 -41.31 2.38
N ILE F 85 -39.80 -40.59 3.06
CA ILE F 85 -40.51 -41.11 4.24
C ILE F 85 -41.70 -42.02 3.89
N THR F 86 -41.94 -42.25 2.60
CA THR F 86 -42.93 -43.22 2.14
C THR F 86 -42.62 -44.63 2.66
N ARG F 87 -41.35 -44.91 2.91
CA ARG F 87 -40.89 -46.16 3.54
C ARG F 87 -41.67 -46.46 4.84
N TRP F 88 -42.02 -45.42 5.60
CA TRP F 88 -42.75 -45.61 6.86
C TRP F 88 -44.20 -45.15 6.76
N PHE F 89 -44.44 -44.13 5.94
CA PHE F 89 -45.77 -43.53 5.81
C PHE F 89 -46.24 -43.40 4.35
N PRO F 90 -46.46 -44.54 3.66
CA PRO F 90 -46.78 -44.48 2.22
C PRO F 90 -48.01 -43.64 1.86
N ASP F 91 -48.97 -43.53 2.77
CA ASP F 91 -50.23 -42.83 2.47
C ASP F 91 -50.31 -41.43 3.03
N LEU F 92 -49.26 -41.00 3.72
CA LEU F 92 -49.16 -39.62 4.17
C LEU F 92 -49.04 -38.72 2.94
N PRO F 93 -49.94 -37.72 2.83
CA PRO F 93 -49.94 -36.87 1.65
C PRO F 93 -48.62 -36.15 1.47
N LYS F 94 -48.14 -36.09 0.23
CA LYS F 94 -46.86 -35.44 -0.12
C LYS F 94 -45.61 -36.13 0.46
N ALA F 95 -45.77 -37.32 1.04
CA ALA F 95 -44.64 -38.05 1.65
C ALA F 95 -43.53 -38.40 0.67
N ALA F 96 -43.89 -38.60 -0.61
CA ALA F 96 -42.89 -38.84 -1.68
C ALA F 96 -41.92 -37.66 -1.82
N GLN F 97 -42.37 -36.47 -1.46
CA GLN F 97 -41.55 -35.25 -1.55
C GLN F 97 -40.91 -34.88 -0.22
N MET F 98 -40.96 -35.79 0.74
CA MET F 98 -40.37 -35.57 2.05
C MET F 98 -39.20 -36.53 2.34
N PRO F 99 -37.94 -36.04 2.19
CA PRO F 99 -36.77 -36.78 2.72
C PRO F 99 -36.80 -36.83 4.25
N VAL F 100 -36.21 -37.86 4.84
CA VAL F 100 -36.12 -37.97 6.31
C VAL F 100 -35.68 -36.63 6.96
N ARG F 101 -34.64 -36.00 6.41
CA ARG F 101 -34.13 -34.73 6.97
C ARG F 101 -35.21 -33.64 7.16
N ILE F 102 -36.20 -33.62 6.25
CA ILE F 102 -37.26 -32.59 6.29
C ILE F 102 -38.15 -32.68 7.54
N LEU F 103 -38.11 -33.83 8.21
CA LEU F 103 -38.85 -34.01 9.46
C LEU F 103 -38.22 -33.25 10.62
N LEU F 104 -36.94 -32.98 10.48
CA LEU F 104 -36.12 -32.37 11.54
C LEU F 104 -35.80 -30.89 11.34
N ASN F 105 -36.01 -30.38 10.12
CA ASN F 105 -35.53 -29.03 9.75
C ASN F 105 -36.63 -27.98 9.61
N HIS F 106 -37.85 -28.31 10.03
CA HIS F 106 -39.00 -27.37 9.97
C HIS F 106 -39.32 -26.82 8.57
N ARG F 107 -39.00 -27.60 7.54
CA ARG F 107 -39.32 -27.19 6.19
C ARG F 107 -40.26 -28.18 5.47
N SER F 108 -40.89 -29.07 6.25
CA SER F 108 -41.83 -30.07 5.69
C SER F 108 -43.15 -29.54 5.12
N GLY F 109 -43.66 -28.44 5.63
CA GLY F 109 -45.01 -27.95 5.25
C GLY F 109 -46.14 -28.77 5.87
N LEU F 110 -45.76 -29.72 6.72
CA LEU F 110 -46.70 -30.64 7.37
C LEU F 110 -47.77 -29.91 8.17
N PRO F 111 -49.03 -30.40 8.08
CA PRO F 111 -50.07 -29.68 8.80
C PRO F 111 -49.86 -29.88 10.28
N ASP F 112 -49.98 -28.80 11.05
CA ASP F 112 -49.71 -28.85 12.49
C ASP F 112 -50.99 -29.02 13.32
N PHE F 113 -50.81 -29.37 14.59
CA PHE F 113 -51.91 -29.72 15.48
C PHE F 113 -52.08 -28.80 16.68
N GLU F 114 -50.99 -28.16 17.09
CA GLU F 114 -50.91 -27.48 18.38
C GLU F 114 -51.95 -26.36 18.54
N THR F 115 -52.06 -25.50 17.53
CA THR F 115 -53.08 -24.45 17.50
C THR F 115 -54.54 -24.99 17.58
N SER F 116 -54.78 -26.18 16.99
CA SER F 116 -56.09 -26.81 17.03
C SER F 116 -56.33 -27.56 18.34
N MET F 117 -55.25 -27.87 19.05
CA MET F 117 -55.32 -28.73 20.23
C MET F 117 -55.84 -27.99 21.46
N PRO F 118 -56.86 -28.56 22.14
CA PRO F 118 -57.29 -28.10 23.47
C PRO F 118 -56.13 -27.91 24.45
N MET F 119 -56.05 -26.71 25.02
CA MET F 119 -54.99 -26.34 25.96
C MET F 119 -55.16 -27.01 27.31
N ILE F 120 -56.43 -27.25 27.69
CA ILE F 120 -56.79 -27.88 28.96
C ILE F 120 -57.59 -29.17 28.73
N SER F 121 -57.04 -30.30 29.18
CA SER F 121 -57.64 -31.63 28.92
C SER F 121 -56.99 -32.78 29.68
N ASP F 122 -57.79 -33.81 29.95
CA ASP F 122 -57.33 -35.06 30.57
C ASP F 122 -57.25 -36.23 29.57
N LYS F 123 -57.48 -35.94 28.28
CA LYS F 123 -57.33 -36.92 27.20
C LYS F 123 -55.91 -37.47 27.07
N SER F 124 -55.78 -38.72 26.65
CA SER F 124 -54.47 -39.32 26.36
C SER F 124 -54.36 -39.65 24.86
N TRP F 125 -53.38 -39.04 24.19
CA TRP F 125 -53.21 -39.19 22.72
C TRP F 125 -52.26 -40.31 22.31
N THR F 126 -52.56 -40.88 21.14
CA THR F 126 -51.67 -41.79 20.43
C THR F 126 -50.95 -41.02 19.31
N ALA F 127 -49.70 -41.37 19.02
CA ALA F 127 -48.92 -40.74 17.94
C ALA F 127 -49.68 -40.68 16.61
N GLN F 128 -50.35 -41.78 16.24
CA GLN F 128 -51.11 -41.80 14.98
C GLN F 128 -52.32 -40.90 15.08
N GLU F 129 -52.95 -40.87 16.25
CA GLU F 129 -54.12 -40.01 16.50
C GLU F 129 -53.78 -38.51 16.31
N ILE F 130 -52.62 -38.11 16.83
CA ILE F 130 -52.08 -36.76 16.58
C ILE F 130 -51.89 -36.43 15.09
N VAL F 131 -51.31 -37.38 14.35
CA VAL F 131 -51.07 -37.20 12.92
C VAL F 131 -52.39 -37.10 12.17
N ASP F 132 -53.34 -37.97 12.52
CA ASP F 132 -54.66 -37.91 11.89
C ASP F 132 -55.31 -36.56 12.16
N PHE F 133 -55.22 -36.09 13.40
CA PHE F 133 -55.80 -34.82 13.83
C PHE F 133 -55.15 -33.66 13.06
N SER F 134 -53.82 -33.62 13.10
CA SER F 134 -53.03 -32.65 12.35
C SER F 134 -53.57 -32.49 10.93
N PHE F 135 -53.81 -33.61 10.26
CA PHE F 135 -54.23 -33.56 8.86
C PHE F 135 -55.67 -33.15 8.62
N ARG F 136 -56.57 -33.51 9.54
CA ARG F 136 -57.97 -33.08 9.46
C ARG F 136 -58.05 -31.56 9.66
N HIS F 137 -57.36 -31.07 10.69
CA HIS F 137 -57.48 -29.69 11.16
C HIS F 137 -56.43 -28.65 10.74
N GLY F 138 -55.20 -29.09 10.46
CA GLY F 138 -54.10 -28.16 10.20
C GLY F 138 -53.98 -27.80 8.73
N VAL F 139 -53.02 -26.94 8.41
CA VAL F 139 -52.81 -26.55 7.01
C VAL F 139 -51.52 -27.19 6.51
N GLN F 140 -51.61 -27.90 5.38
CA GLN F 140 -50.43 -28.48 4.75
C GLN F 140 -49.92 -27.61 3.63
N LYS F 141 -48.64 -27.25 3.72
CA LYS F 141 -47.96 -26.54 2.65
C LYS F 141 -47.08 -27.54 1.87
N GLU F 142 -46.46 -27.06 0.80
CA GLU F 142 -45.54 -27.89 0.04
C GLU F 142 -44.24 -28.09 0.82
N PRO F 143 -43.70 -29.32 0.81
CA PRO F 143 -42.35 -29.56 1.35
C PRO F 143 -41.35 -28.58 0.76
N TRP F 144 -40.51 -28.02 1.62
CA TRP F 144 -39.51 -27.01 1.23
C TRP F 144 -40.12 -25.64 0.90
N HIS F 145 -41.39 -25.42 1.30
CA HIS F 145 -42.08 -24.11 1.12
C HIS F 145 -41.26 -22.93 1.68
N GLY F 146 -40.50 -23.24 2.71
CA GLY F 146 -39.80 -22.27 3.52
C GLY F 146 -39.76 -22.88 4.91
N MET F 147 -39.33 -22.11 5.90
CA MET F 147 -39.31 -22.58 7.28
C MET F 147 -40.65 -22.25 7.97
N GLU F 148 -41.29 -23.27 8.53
CA GLU F 148 -42.41 -23.08 9.46
C GLU F 148 -42.28 -24.18 10.50
N TYR F 149 -42.04 -23.76 11.72
CA TYR F 149 -41.89 -24.65 12.86
C TYR F 149 -42.98 -25.74 12.85
N SER F 150 -42.54 -26.99 12.94
CA SER F 150 -43.44 -28.13 12.75
C SER F 150 -43.30 -29.12 13.88
N ASN F 151 -44.41 -29.30 14.60
CA ASN F 151 -44.55 -30.35 15.61
C ASN F 151 -44.82 -31.71 14.98
N THR F 152 -45.79 -31.76 14.06
CA THR F 152 -46.11 -32.99 13.33
C THR F 152 -44.86 -33.71 12.82
N GLY F 153 -43.93 -32.95 12.21
CA GLY F 153 -42.66 -33.51 11.73
C GLY F 153 -41.87 -34.26 12.78
N TYR F 154 -41.92 -33.77 14.02
CA TYR F 154 -41.26 -34.51 15.10
C TYR F 154 -42.02 -35.74 15.60
N VAL F 155 -43.36 -35.69 15.58
CA VAL F 155 -44.16 -36.88 15.89
C VAL F 155 -43.78 -38.00 14.88
N LEU F 156 -43.72 -37.66 13.60
CA LEU F 156 -43.29 -38.62 12.57
C LEU F 156 -41.89 -39.22 12.83
N ALA F 157 -40.94 -38.38 13.27
CA ALA F 157 -39.60 -38.85 13.63
C ALA F 157 -39.60 -39.88 14.77
N GLY F 158 -40.44 -39.66 15.79
CA GLY F 158 -40.59 -40.61 16.89
C GLY F 158 -41.19 -41.93 16.40
N MET F 159 -42.13 -41.82 15.46
CA MET F 159 -42.70 -43.01 14.84
C MET F 159 -41.68 -43.82 14.04
N ILE F 160 -40.78 -43.15 13.31
CA ILE F 160 -39.67 -43.84 12.62
C ILE F 160 -38.76 -44.53 13.64
N ILE F 161 -38.46 -43.82 14.75
CA ILE F 161 -37.68 -44.40 15.84
C ILE F 161 -38.41 -45.63 16.42
N ALA F 162 -39.66 -45.43 16.86
CA ALA F 162 -40.48 -46.52 17.41
C ALA F 162 -40.56 -47.74 16.49
N HIS F 163 -40.71 -47.51 15.19
CA HIS F 163 -40.78 -48.58 14.20
C HIS F 163 -39.46 -49.35 14.07
N GLU F 164 -38.38 -48.61 13.83
CA GLU F 164 -37.07 -49.22 13.55
C GLU F 164 -36.49 -49.99 14.75
N THR F 165 -36.83 -49.55 15.97
CA THR F 165 -36.33 -50.18 17.20
C THR F 165 -37.32 -51.19 17.82
N GLY F 166 -38.57 -51.18 17.35
CA GLY F 166 -39.60 -52.08 17.86
C GLY F 166 -40.17 -51.75 19.22
N LYS F 167 -39.70 -50.64 19.82
CA LYS F 167 -40.16 -50.21 21.15
C LYS F 167 -40.57 -48.74 21.10
N PRO F 168 -41.24 -48.23 22.17
CA PRO F 168 -41.54 -46.80 22.19
C PRO F 168 -40.28 -45.94 22.12
N TYR F 169 -40.34 -44.79 21.45
CA TYR F 169 -39.15 -43.93 21.27
C TYR F 169 -38.51 -43.53 22.60
N SER F 170 -39.31 -43.57 23.68
CA SER F 170 -38.78 -43.35 25.02
C SER F 170 -37.60 -44.26 25.31
N ASP F 171 -37.73 -45.55 24.98
CA ASP F 171 -36.67 -46.53 25.24
C ASP F 171 -35.36 -46.14 24.55
N HIS F 172 -35.45 -45.77 23.28
CA HIS F 172 -34.30 -45.30 22.48
C HIS F 172 -33.54 -44.12 23.14
N LEU F 173 -34.29 -43.12 23.58
CA LEU F 173 -33.71 -41.92 24.20
C LEU F 173 -33.18 -42.19 25.62
N ARG F 174 -33.79 -43.16 26.29
CA ARG F 174 -33.30 -43.59 27.59
C ARG F 174 -32.00 -44.37 27.39
N SER F 175 -32.08 -45.42 26.59
CA SER F 175 -30.98 -46.39 26.46
C SER F 175 -29.77 -45.81 25.74
N ARG F 176 -29.96 -44.81 24.89
CA ARG F 176 -28.83 -44.29 24.11
C ARG F 176 -28.45 -42.85 24.44
N ILE F 177 -29.25 -42.19 25.28
CA ILE F 177 -28.95 -40.82 25.71
C ILE F 177 -29.00 -40.64 27.23
N PHE F 178 -30.15 -40.90 27.86
CA PHE F 178 -30.29 -40.63 29.32
C PHE F 178 -29.30 -41.44 30.16
N ALA F 179 -29.36 -42.76 30.03
CA ALA F 179 -28.57 -43.69 30.86
C ALA F 179 -27.04 -43.52 30.78
N PRO F 180 -26.43 -43.59 29.57
CA PRO F 180 -24.96 -43.55 29.53
C PRO F 180 -24.40 -42.20 30.00
N LEU F 181 -25.29 -41.22 30.13
CA LEU F 181 -24.92 -39.86 30.49
C LEU F 181 -25.26 -39.52 31.94
N GLY F 182 -26.03 -40.40 32.59
CA GLY F 182 -26.43 -40.20 33.99
C GLY F 182 -27.49 -39.14 34.19
N MET F 183 -28.52 -39.18 33.34
CA MET F 183 -29.67 -38.26 33.45
C MET F 183 -30.86 -38.90 34.19
N LYS F 184 -30.70 -39.01 35.51
CA LYS F 184 -31.69 -39.67 36.38
C LYS F 184 -32.91 -38.81 36.76
N ASP F 185 -32.96 -37.58 36.26
CA ASP F 185 -34.12 -36.72 36.50
C ASP F 185 -34.84 -36.35 35.18
N THR F 186 -34.83 -37.28 34.22
CA THR F 186 -35.35 -37.03 32.88
C THR F 186 -36.32 -38.12 32.40
N TRP F 187 -37.54 -37.70 32.02
CA TRP F 187 -38.60 -38.64 31.63
C TRP F 187 -39.32 -38.26 30.32
N VAL F 188 -39.85 -39.26 29.64
CA VAL F 188 -40.61 -39.08 28.42
C VAL F 188 -42.12 -39.24 28.70
N GLY F 189 -42.76 -38.09 28.91
CA GLY F 189 -44.15 -37.98 29.39
C GLY F 189 -45.22 -38.87 28.80
N THR F 190 -45.20 -39.05 27.47
CA THR F 190 -46.16 -39.93 26.77
C THR F 190 -46.04 -41.41 27.18
N HIS F 191 -44.81 -41.85 27.46
CA HIS F 191 -44.53 -43.27 27.66
C HIS F 191 -44.04 -43.68 29.05
N GLU F 192 -43.54 -42.70 29.82
CA GLU F 192 -43.02 -42.97 31.17
C GLU F 192 -43.69 -42.09 32.23
N THR F 193 -43.89 -42.66 33.41
CA THR F 193 -44.44 -41.92 34.55
C THR F 193 -43.32 -41.28 35.36
N PHE F 194 -43.50 -40.01 35.70
CA PHE F 194 -42.53 -39.22 36.44
C PHE F 194 -43.14 -38.76 37.76
N PRO F 195 -42.31 -38.57 38.81
CA PRO F 195 -42.84 -38.15 40.11
C PRO F 195 -43.42 -36.74 40.06
N ILE F 196 -44.73 -36.65 39.86
CA ILE F 196 -45.46 -35.37 39.70
C ILE F 196 -45.17 -34.33 40.80
N GLU F 197 -45.08 -34.79 42.05
CA GLU F 197 -44.91 -33.89 43.20
C GLU F 197 -43.56 -33.15 43.20
N ARG F 198 -42.59 -33.68 42.46
CA ARG F 198 -41.27 -33.08 42.34
C ARG F 198 -41.21 -31.93 41.32
N GLU F 199 -42.36 -31.62 40.72
CA GLU F 199 -42.45 -30.67 39.60
C GLU F 199 -42.78 -29.26 40.10
N ALA F 200 -42.08 -28.26 39.56
CA ALA F 200 -42.48 -26.88 39.77
C ALA F 200 -43.84 -26.66 39.11
N ARG F 201 -44.73 -25.96 39.81
CA ARG F 201 -46.04 -25.64 39.26
C ARG F 201 -45.87 -24.61 38.13
N GLY F 202 -46.78 -24.62 37.17
CA GLY F 202 -46.73 -23.68 36.05
C GLY F 202 -47.75 -22.58 36.22
N TYR F 203 -47.46 -21.40 35.67
CA TYR F 203 -48.37 -20.25 35.85
C TYR F 203 -48.64 -19.40 34.61
N MET F 204 -49.90 -18.96 34.48
CA MET F 204 -50.36 -17.94 33.53
C MET F 204 -51.28 -16.98 34.32
N HIS F 205 -51.25 -15.65 34.14
CA HIS F 205 -50.50 -14.88 33.13
C HIS F 205 -51.06 -15.06 31.71
N TRP F 228 -53.31 -18.38 37.51
CA TRP F 228 -53.73 -19.76 37.37
C TRP F 228 -52.57 -20.75 37.57
N ASP F 229 -52.85 -21.82 38.31
CA ASP F 229 -51.94 -22.97 38.38
C ASP F 229 -52.30 -23.90 37.22
N SER F 230 -51.49 -23.86 36.16
CA SER F 230 -51.76 -24.58 34.92
C SER F 230 -50.97 -25.89 34.76
N THR F 231 -50.25 -26.30 35.80
CA THR F 231 -49.29 -27.42 35.73
C THR F 231 -49.84 -28.65 34.99
N GLU F 232 -51.08 -29.02 35.28
CA GLU F 232 -51.71 -30.15 34.63
C GLU F 232 -53.00 -29.77 33.92
N TRP F 233 -52.96 -28.64 33.20
CA TRP F 233 -54.00 -28.30 32.21
C TRP F 233 -53.86 -29.25 31.03
N PHE F 234 -52.63 -29.31 30.50
CA PHE F 234 -52.33 -29.96 29.22
C PHE F 234 -51.66 -31.35 29.37
N PRO F 235 -52.19 -32.36 28.65
CA PRO F 235 -51.63 -33.72 28.70
C PRO F 235 -50.32 -33.82 27.91
N LEU F 236 -49.29 -34.41 28.52
CA LEU F 236 -47.98 -34.54 27.88
C LEU F 236 -48.01 -35.30 26.56
N SER F 237 -48.83 -36.35 26.50
CA SER F 237 -49.05 -37.13 25.28
C SER F 237 -49.71 -36.30 24.17
N GLY F 238 -50.28 -35.15 24.53
CA GLY F 238 -50.77 -34.20 23.53
C GLY F 238 -49.64 -33.61 22.71
N ALA F 239 -48.45 -33.53 23.33
CA ALA F 239 -47.27 -33.04 22.63
C ALA F 239 -46.50 -34.17 21.96
N ASN F 240 -46.53 -35.37 22.57
CA ASN F 240 -45.82 -36.52 22.00
C ASN F 240 -44.33 -36.11 21.73
N ALA F 241 -43.72 -36.65 20.68
CA ALA F 241 -42.28 -36.42 20.39
C ALA F 241 -41.92 -34.96 20.02
N ALA F 242 -42.93 -34.11 19.88
CA ALA F 242 -42.72 -32.69 19.69
C ALA F 242 -42.52 -31.87 20.99
N GLY F 243 -42.89 -32.43 22.15
CA GLY F 243 -42.66 -31.74 23.44
C GLY F 243 -43.17 -32.35 24.75
N ASP F 244 -42.99 -33.66 24.91
CA ASP F 244 -43.47 -34.39 26.10
C ASP F 244 -42.45 -34.63 27.22
N MET F 245 -41.21 -34.15 27.04
CA MET F 245 -40.14 -34.46 28.01
C MET F 245 -40.15 -33.61 29.27
N VAL F 246 -39.75 -34.24 30.37
CA VAL F 246 -39.68 -33.61 31.70
C VAL F 246 -38.26 -33.79 32.27
N SER F 247 -37.68 -32.71 32.79
CA SER F 247 -36.30 -32.78 33.24
C SER F 247 -35.98 -31.60 34.15
N THR F 248 -34.71 -31.55 34.58
CA THR F 248 -34.16 -30.42 35.33
C THR F 248 -33.14 -29.70 34.44
N PRO F 249 -32.94 -28.38 34.66
CA PRO F 249 -31.81 -27.68 34.02
C PRO F 249 -30.46 -28.40 34.17
N ARG F 250 -30.27 -29.13 35.27
CA ARG F 250 -29.05 -29.90 35.50
C ARG F 250 -28.82 -31.01 34.45
N ASP F 251 -29.84 -31.82 34.23
CA ASP F 251 -29.79 -32.92 33.26
C ASP F 251 -29.67 -32.44 31.82
N ILE F 252 -30.34 -31.34 31.52
CA ILE F 252 -30.36 -30.77 30.17
C ILE F 252 -28.94 -30.36 29.75
N VAL F 253 -28.25 -29.64 30.64
CA VAL F 253 -26.84 -29.25 30.42
C VAL F 253 -25.93 -30.48 30.31
N LYS F 254 -26.29 -31.57 30.99
CA LYS F 254 -25.59 -32.84 30.81
C LYS F 254 -25.66 -33.30 29.36
N PHE F 255 -26.84 -33.19 28.76
CA PHE F 255 -27.03 -33.61 27.37
C PHE F 255 -26.24 -32.72 26.42
N LEU F 256 -26.43 -31.41 26.55
CA LEU F 256 -25.74 -30.40 25.71
C LEU F 256 -24.23 -30.61 25.68
N ASN F 257 -23.60 -30.68 26.87
CA ASN F 257 -22.16 -30.96 26.94
C ASN F 257 -21.74 -32.20 26.13
N ALA F 258 -22.55 -33.25 26.18
CA ALA F 258 -22.18 -34.51 25.56
C ALA F 258 -22.26 -34.43 24.04
N LEU F 259 -23.33 -33.79 23.56
CA LEU F 259 -23.59 -33.66 22.13
C LEU F 259 -22.49 -32.86 21.47
N PHE F 260 -22.38 -31.60 21.87
CA PHE F 260 -21.42 -30.66 21.29
C PHE F 260 -19.97 -31.07 21.50
N ASP F 261 -19.74 -31.98 22.45
CA ASP F 261 -18.40 -32.53 22.68
C ASP F 261 -18.13 -33.79 21.85
N GLY F 262 -19.16 -34.25 21.12
CA GLY F 262 -19.04 -35.42 20.25
C GLY F 262 -19.10 -36.75 20.98
N ARG F 263 -19.84 -36.79 22.08
CA ARG F 263 -19.99 -38.02 22.87
C ARG F 263 -21.27 -38.82 22.58
N ILE F 264 -22.26 -38.19 21.94
CA ILE F 264 -23.46 -38.91 21.50
C ILE F 264 -23.37 -39.17 20.01
N LEU F 265 -23.37 -38.10 19.21
CA LEU F 265 -23.30 -38.20 17.76
C LEU F 265 -21.88 -38.07 17.23
N ASP F 266 -21.62 -38.75 16.11
CA ASP F 266 -20.37 -38.58 15.37
C ASP F 266 -20.36 -37.23 14.59
N GLN F 267 -19.21 -36.90 14.03
CA GLN F 267 -18.94 -35.54 13.53
C GLN F 267 -19.90 -35.09 12.40
N LYS F 268 -20.15 -35.98 11.43
CA LYS F 268 -21.07 -35.70 10.32
C LYS F 268 -22.55 -35.48 10.71
N ARG F 269 -23.07 -36.31 11.62
CA ARG F 269 -24.44 -36.15 12.06
C ARG F 269 -24.58 -34.96 13.00
N LEU F 270 -23.50 -34.66 13.72
CA LEU F 270 -23.41 -33.42 14.48
C LEU F 270 -23.37 -32.21 13.56
N TRP F 271 -22.63 -32.32 12.46
CA TRP F 271 -22.58 -31.26 11.44
C TRP F 271 -23.97 -31.05 10.84
N GLU F 272 -24.61 -32.15 10.42
CA GLU F 272 -26.03 -32.11 9.97
C GLU F 272 -26.93 -31.42 10.99
N MET F 273 -26.79 -31.80 12.26
CA MET F 273 -27.64 -31.29 13.34
C MET F 273 -27.44 -29.80 13.61
N LYS F 274 -26.20 -29.36 13.75
CA LYS F 274 -25.88 -27.97 14.18
C LYS F 274 -25.33 -27.03 13.10
N ASP F 275 -24.69 -27.57 12.07
CA ASP F 275 -24.00 -26.73 11.06
C ASP F 275 -24.62 -26.65 9.66
N ASN F 276 -25.38 -27.67 9.29
CA ASN F 276 -26.08 -27.65 8.01
C ASN F 276 -27.38 -26.89 8.18
N ILE F 277 -27.26 -25.57 8.19
CA ILE F 277 -28.33 -24.70 8.60
C ILE F 277 -28.95 -23.90 7.46
N LYS F 278 -30.17 -23.42 7.72
CA LYS F 278 -30.87 -22.44 6.88
C LYS F 278 -31.53 -21.49 7.87
N PRO F 279 -32.03 -20.32 7.40
CA PRO F 279 -32.75 -19.41 8.33
C PRO F 279 -34.05 -19.98 8.93
N ALA F 280 -34.40 -19.47 10.11
CA ALA F 280 -35.51 -19.98 10.92
C ALA F 280 -36.14 -18.92 11.81
N PHE F 281 -37.46 -19.02 11.96
CA PHE F 281 -38.24 -18.13 12.80
C PHE F 281 -39.10 -18.90 13.81
N PHE F 282 -39.08 -18.45 15.06
CA PHE F 282 -40.09 -18.87 16.03
C PHE F 282 -40.64 -17.67 16.80
N PRO F 283 -41.97 -17.47 16.74
CA PRO F 283 -42.61 -16.27 17.29
C PRO F 283 -42.33 -16.09 18.77
N GLY F 284 -41.91 -14.89 19.16
CA GLY F 284 -41.59 -14.59 20.55
C GLY F 284 -40.21 -15.07 20.99
N SER F 285 -39.41 -15.51 20.03
CA SER F 285 -38.06 -15.99 20.33
C SER F 285 -36.95 -15.18 19.67
N ASN F 286 -35.71 -15.50 20.01
CA ASN F 286 -34.51 -14.92 19.41
C ASN F 286 -33.91 -15.78 18.30
N THR F 287 -34.74 -16.66 17.74
CA THR F 287 -34.31 -17.64 16.73
C THR F 287 -33.98 -16.94 15.40
N VAL F 288 -32.84 -17.31 14.85
CA VAL F 288 -32.41 -16.78 13.54
C VAL F 288 -32.14 -17.87 12.48
N ALA F 289 -31.80 -19.09 12.91
CA ALA F 289 -31.54 -20.21 12.01
C ALA F 289 -31.77 -21.58 12.70
N ASN F 290 -31.64 -22.66 11.92
CA ASN F 290 -31.72 -24.02 12.47
C ASN F 290 -31.04 -25.08 11.60
N GLY F 291 -30.62 -26.18 12.21
CA GLY F 291 -30.05 -27.30 11.49
C GLY F 291 -31.06 -28.43 11.38
N HIS F 292 -30.73 -29.55 12.00
CA HIS F 292 -31.60 -30.71 12.02
C HIS F 292 -31.72 -31.19 13.47
N GLY F 293 -32.24 -30.32 14.33
CA GLY F 293 -32.46 -30.65 15.75
C GLY F 293 -32.08 -29.53 16.71
N LEU F 294 -31.51 -28.46 16.15
CA LEU F 294 -31.01 -27.32 16.93
C LEU F 294 -31.43 -26.00 16.31
N LEU F 295 -31.79 -25.04 17.16
CA LEU F 295 -32.06 -23.68 16.70
C LEU F 295 -30.84 -22.81 16.96
N LEU F 296 -30.57 -21.87 16.05
CA LEU F 296 -29.60 -20.82 16.33
C LEU F 296 -30.38 -19.62 16.85
N MET F 297 -30.05 -19.22 18.07
CA MET F 297 -30.76 -18.14 18.76
C MET F 297 -29.76 -17.03 19.07
N ARG F 298 -30.07 -15.80 18.62
CA ARG F 298 -29.12 -14.68 18.75
C ARG F 298 -29.40 -13.77 19.95
N TYR F 299 -28.39 -13.63 20.81
CA TYR F 299 -28.45 -12.74 21.97
C TYR F 299 -27.34 -11.72 21.89
N GLY F 300 -27.63 -10.59 21.22
CA GLY F 300 -26.64 -9.53 20.99
C GLY F 300 -25.44 -10.05 20.21
N SER F 301 -24.29 -10.07 20.89
CA SER F 301 -23.03 -10.54 20.30
C SER F 301 -22.79 -12.03 20.54
N SER F 302 -23.70 -12.68 21.27
CA SER F 302 -23.61 -14.10 21.58
C SER F 302 -24.76 -14.86 20.93
N GLU F 303 -24.52 -16.14 20.66
CA GLU F 303 -25.52 -16.99 20.03
C GLU F 303 -25.65 -18.32 20.75
N LEU F 304 -26.81 -18.94 20.63
CA LEU F 304 -27.03 -20.27 21.21
C LEU F 304 -27.48 -21.28 20.16
N LYS F 305 -26.83 -22.44 20.15
CA LYS F 305 -27.29 -23.62 19.44
C LYS F 305 -28.02 -24.55 20.41
N GLY F 306 -29.35 -24.43 20.47
CA GLY F 306 -30.15 -25.20 21.43
C GLY F 306 -31.61 -25.24 21.07
N HIS F 307 -32.47 -25.03 22.07
CA HIS F 307 -33.91 -24.98 21.82
C HIS F 307 -34.69 -24.12 22.84
N LEU F 308 -35.93 -23.80 22.47
CA LEU F 308 -36.86 -23.09 23.36
C LEU F 308 -38.10 -23.94 23.62
N GLY F 309 -38.62 -23.86 24.85
CA GLY F 309 -39.81 -24.60 25.24
C GLY F 309 -40.93 -23.70 25.75
N GLN F 310 -42.14 -23.95 25.27
CA GLN F 310 -43.35 -23.23 25.70
C GLN F 310 -44.51 -24.23 25.85
N ILE F 311 -44.89 -24.49 27.10
CA ILE F 311 -46.02 -25.36 27.43
C ILE F 311 -46.64 -24.74 28.67
N PRO F 312 -48.00 -24.65 28.74
CA PRO F 312 -48.66 -23.90 29.81
C PRO F 312 -47.86 -23.75 31.11
N GLY F 313 -47.34 -22.55 31.34
CA GLY F 313 -46.74 -22.19 32.61
C GLY F 313 -45.27 -22.52 32.82
N HIS F 314 -44.67 -23.22 31.85
CA HIS F 314 -43.25 -23.58 31.91
C HIS F 314 -42.55 -23.11 30.65
N THR F 315 -41.68 -22.11 30.81
CA THR F 315 -40.95 -21.53 29.67
C THR F 315 -39.43 -21.77 29.83
N SER F 316 -38.80 -22.22 28.75
CA SER F 316 -37.42 -22.72 28.79
C SER F 316 -36.55 -22.22 27.63
N ILE F 317 -35.25 -22.09 27.91
CA ILE F 317 -34.21 -21.87 26.90
C ILE F 317 -33.00 -22.74 27.22
N MET F 318 -32.73 -23.73 26.37
CA MET F 318 -31.44 -24.43 26.42
C MET F 318 -30.59 -24.07 25.21
N GLY F 319 -29.28 -24.23 25.35
CA GLY F 319 -28.36 -23.96 24.26
C GLY F 319 -26.90 -24.07 24.67
N ARG F 320 -26.06 -24.29 23.67
CA ARG F 320 -24.63 -24.12 23.82
C ARG F 320 -24.19 -22.86 23.08
N ASP F 321 -23.32 -22.09 23.72
CA ASP F 321 -22.56 -21.04 23.06
C ASP F 321 -21.34 -21.69 22.45
N GLU F 322 -21.24 -21.66 21.13
CA GLU F 322 -20.11 -22.31 20.47
C GLU F 322 -18.84 -21.45 20.47
N GLU F 323 -18.98 -20.18 20.82
CA GLU F 323 -17.84 -19.27 20.86
C GLU F 323 -16.96 -19.46 22.08
N THR F 324 -17.58 -19.76 23.21
CA THR F 324 -16.87 -19.93 24.49
C THR F 324 -16.80 -21.40 24.87
N GLY F 325 -17.93 -22.10 24.75
CA GLY F 325 -18.08 -23.49 25.18
C GLY F 325 -19.14 -23.63 26.27
N ALA F 326 -19.81 -22.53 26.58
CA ALA F 326 -20.79 -22.50 27.68
C ALA F 326 -22.16 -23.10 27.33
N ALA F 327 -22.64 -24.03 28.16
CA ALA F 327 -23.93 -24.68 27.97
C ALA F 327 -24.91 -24.28 29.07
N LEU F 328 -26.17 -24.04 28.70
CA LEU F 328 -27.16 -23.57 29.69
C LEU F 328 -28.57 -24.14 29.51
N MET F 329 -29.32 -24.18 30.63
CA MET F 329 -30.77 -24.43 30.59
C MET F 329 -31.45 -23.59 31.67
N LEU F 330 -32.14 -22.55 31.22
CA LEU F 330 -32.86 -21.64 32.09
C LEU F 330 -34.36 -21.89 31.91
N ILE F 331 -35.06 -22.17 33.01
CA ILE F 331 -36.49 -22.43 32.95
C ILE F 331 -37.24 -21.58 33.98
N GLN F 332 -38.26 -20.88 33.49
CA GLN F 332 -39.16 -20.12 34.34
C GLN F 332 -40.53 -20.80 34.39
N ASN F 333 -41.16 -20.78 35.56
CA ASN F 333 -42.53 -21.30 35.69
C ASN F 333 -43.63 -20.23 35.58
N SER F 334 -43.36 -19.23 34.75
CA SER F 334 -44.39 -18.30 34.27
C SER F 334 -44.52 -18.48 32.77
N GLY F 335 -45.76 -18.38 32.26
CA GLY F 335 -46.04 -18.49 30.84
C GLY F 335 -47.10 -17.51 30.41
N ALA F 336 -47.47 -17.54 29.13
CA ALA F 336 -48.48 -16.63 28.58
C ALA F 336 -49.18 -17.23 27.38
N GLY F 337 -50.38 -16.74 27.09
CA GLY F 337 -51.11 -17.13 25.89
C GLY F 337 -50.65 -16.37 24.67
N ASP F 338 -50.00 -15.23 24.91
CA ASP F 338 -49.58 -14.31 23.85
C ASP F 338 -48.07 -14.38 23.61
N PHE F 339 -47.70 -14.61 22.34
CA PHE F 339 -46.28 -14.64 21.90
C PHE F 339 -45.56 -13.32 22.13
N GLU F 340 -46.31 -12.21 22.09
CA GLU F 340 -45.78 -10.87 22.32
C GLU F 340 -45.67 -10.47 23.79
N SER F 341 -46.19 -11.32 24.68
CA SER F 341 -46.18 -11.04 26.12
C SER F 341 -44.78 -11.18 26.74
N PHE F 342 -44.59 -10.53 27.89
CA PHE F 342 -43.35 -10.62 28.64
C PHE F 342 -43.15 -12.02 29.25
N TYR F 343 -44.24 -12.61 29.74
CA TYR F 343 -44.17 -13.89 30.45
C TYR F 343 -43.78 -15.08 29.57
N LEU F 344 -43.85 -14.88 28.24
CA LEU F 344 -43.31 -15.82 27.26
C LEU F 344 -41.96 -15.32 26.73
N LYS F 345 -42.00 -14.29 25.89
CA LYS F 345 -40.83 -13.73 25.20
C LYS F 345 -39.71 -13.25 26.16
N GLY F 346 -40.10 -12.87 27.37
CA GLY F 346 -39.16 -12.33 28.36
C GLY F 346 -38.25 -13.37 29.00
N VAL F 347 -38.45 -14.63 28.63
CA VAL F 347 -37.53 -15.70 29.06
C VAL F 347 -36.15 -15.43 28.42
N ASN F 348 -36.17 -14.69 27.32
CA ASN F 348 -34.98 -14.37 26.54
C ASN F 348 -34.14 -13.22 27.12
N GLU F 349 -34.75 -12.44 28.02
CA GLU F 349 -34.07 -11.33 28.70
C GLU F 349 -32.95 -11.79 29.66
N PRO F 350 -33.27 -12.68 30.64
CA PRO F 350 -32.22 -13.16 31.54
C PRO F 350 -31.11 -13.94 30.83
N VAL F 351 -31.46 -14.67 29.76
CA VAL F 351 -30.49 -15.44 28.99
C VAL F 351 -29.48 -14.50 28.34
N ASP F 352 -29.97 -13.39 27.79
CA ASP F 352 -29.14 -12.34 27.20
C ASP F 352 -28.21 -11.73 28.24
N ARG F 353 -28.76 -11.36 29.40
CA ARG F 353 -27.97 -10.81 30.52
C ARG F 353 -26.89 -11.80 31.03
N VAL F 354 -27.28 -13.07 31.20
CA VAL F 354 -26.38 -14.14 31.64
C VAL F 354 -25.18 -14.30 30.70
N LEU F 355 -25.46 -14.38 29.40
CA LEU F 355 -24.42 -14.52 28.38
C LEU F 355 -23.52 -13.29 28.29
N GLU F 356 -24.11 -12.10 28.46
CA GLU F 356 -23.32 -10.86 28.55
C GLU F 356 -22.38 -10.83 29.76
N ALA F 357 -22.84 -11.39 30.88
CA ALA F 357 -22.01 -11.54 32.08
C ALA F 357 -20.84 -12.50 31.85
N ILE F 358 -21.09 -13.55 31.06
CA ILE F 358 -20.02 -14.46 30.63
C ILE F 358 -19.06 -13.71 29.70
BA BA G . -33.27 18.31 -14.10
BA BA H . -14.58 5.26 -19.43
BA BA I . -18.28 -9.56 16.11
BA BA J . -11.06 1.39 25.65
BA BA K . 8.12 -42.03 -3.79
BA BA L . -18.45 -11.88 15.14
BA BA M . 29.55 -9.31 25.43
BA BA N . 10.31 -11.37 14.82
BA BA O . 15.72 22.93 -0.06
BA BA P . 18.41 21.47 -4.29
BA BA Q . 13.39 23.36 -4.01
BA BA R . 15.55 25.18 -18.90
BA BA S . 1.78 4.80 -41.67
BA BA T . 2.17 31.43 -0.81
BA BA U . 16.34 25.71 -3.77
BA BA V . 50.68 50.27 -13.65
BA BA W . 6.66 38.95 0.76
BA BA X . -42.93 -7.33 41.96
BA BA Y . -20.58 -13.41 14.18
BA BA Z . -19.85 -13.02 18.19
BA BA AA . -54.04 -33.08 32.42
BA BA BA . -13.90 -7.35 31.30
BA BA CA . -59.60 -25.67 21.07
#